data_5THC
#
_entry.id   5THC
#
_cell.length_a   64.186
_cell.length_b   244.451
_cell.length_c   70.758
_cell.angle_alpha   90.00
_cell.angle_beta   111.67
_cell.angle_gamma   90.00
#
_symmetry.space_group_name_H-M   'P 1 21 1'
#
loop_
_entity.id
_entity.type
_entity.pdbx_description
1 polymer 'Hemagglutinin HA1 chain'
2 polymer 'Hemagglutinin HA2 chain'
3 branched 2-acetamido-2-deoxy-beta-D-glucopyranose-(1-4)-2-acetamido-2-deoxy-beta-D-glucopyranose
4 branched 'N-acetyl-alpha-neuraminic acid-(2-6)-beta-D-galactopyranose-(1-4)-2-acetamido-2-deoxy-beta-D-glucopyranose'
5 branched alpha-D-mannopyranose-(1-6)-beta-D-mannopyranose-(1-4)-2-acetamido-2-deoxy-beta-D-glucopyranose-(1-4)-2-acetamido-2-deoxy-beta-D-glucopyranose
6 non-polymer 2-acetamido-2-deoxy-beta-D-glucopyranose
7 non-polymer 'N-acetyl-alpha-neuraminic acid'
8 water water
#
loop_
_entity_poly.entity_id
_entity_poly.type
_entity_poly.pdbx_seq_one_letter_code
_entity_poly.pdbx_strand_id
1 'polypeptide(L)'
;ADPGDKICLGHHAVANGTIVKTLTNEQEEVTNATETVESTGINRLCMKGRKHKDLGNCHPIGMLIGTPACDLHLTGMWDT
LIERENAIAYCYPGATVNVEALRQKIMESGGINKISTGFTYGSSINSAGTTRACMRNGGNSFYAELKWLVSKSKGQNFPQ
TTNTYRNTDTAEHLIMWGIHHPSSTQEKNTLYGTQSLSISVGSSTYRNNFVPVVGARPQVNGLSSRIDFHWTLVQPGDNI
TFSHNGGLIAPSRVSKLIGRGLGIQSDAPIDNNCESKCFWRGGSINTRLPFQNLSPRTVGQCPKYVNRRSLMLATGMRNV
PEL
;
A,C,E
2 'polypeptide(L)'
;LFGAIAGFLENGWEGMVDGWYGFRHQNAQGTGQAADYKSTQAAIDQITGKLNRLVEKTNTEFESIESEFSEIEHQIGNVI
NWTKDSITDIWTYQAELLVAMENQHTIDMADSEMLNLYERVRKQLRQNAEEDGKGCFEIYHACDDSCMESIRNNTYDHSQ
YREEALLNRLNINSGRLVPR
;
B,D,F
#
loop_
_chem_comp.id
_chem_comp.type
_chem_comp.name
_chem_comp.formula
BMA D-saccharide, beta linking beta-D-mannopyranose 'C6 H12 O6'
GAL D-saccharide, beta linking beta-D-galactopyranose 'C6 H12 O6'
MAN D-saccharide, alpha linking alpha-D-mannopyranose 'C6 H12 O6'
NAG D-saccharide, beta linking 2-acetamido-2-deoxy-beta-D-glucopyranose 'C8 H15 N O6'
SIA D-saccharide, alpha linking 'N-acetyl-alpha-neuraminic acid' 'C11 H19 N O9'
#
# COMPACT_ATOMS: atom_id res chain seq x y z
N ASP A 5 -56.45 32.41 3.78
CA ASP A 5 -55.20 32.82 3.12
C ASP A 5 -53.96 32.08 3.63
N LYS A 6 -53.25 31.43 2.72
CA LYS A 6 -52.09 30.58 3.02
C LYS A 6 -50.89 30.90 2.09
N ILE A 7 -49.67 30.60 2.54
CA ILE A 7 -48.51 30.49 1.63
C ILE A 7 -47.55 29.40 2.10
N CYS A 8 -47.28 28.46 1.21
CA CYS A 8 -46.52 27.26 1.55
C CYS A 8 -45.09 27.26 1.03
N LEU A 9 -44.23 26.51 1.73
CA LEU A 9 -42.90 26.21 1.24
C LEU A 9 -42.79 24.74 0.90
N GLY A 10 -42.03 24.42 -0.15
CA GLY A 10 -41.94 23.05 -0.61
C GLY A 10 -40.75 22.79 -1.50
N HIS A 11 -40.56 21.52 -1.87
CA HIS A 11 -39.44 21.02 -2.69
C HIS A 11 -39.89 20.07 -3.77
N HIS A 12 -39.05 19.89 -4.78
CA HIS A 12 -39.46 19.07 -5.88
C HIS A 12 -39.23 17.62 -5.57
N ALA A 13 -39.81 16.76 -6.38
CA ALA A 13 -39.61 15.32 -6.28
C ALA A 13 -39.85 14.77 -7.67
N VAL A 14 -39.40 13.55 -7.93
CA VAL A 14 -39.56 12.97 -9.25
C VAL A 14 -40.26 11.62 -9.20
N ALA A 15 -41.07 11.35 -10.22
CA ALA A 15 -41.86 10.11 -10.28
C ALA A 15 -40.92 8.92 -10.31
N ASN A 16 -39.80 9.04 -11.03
CA ASN A 16 -38.76 8.01 -11.02
C ASN A 16 -37.46 8.56 -10.41
N GLY A 17 -36.94 7.89 -9.38
CA GLY A 17 -35.75 8.36 -8.69
C GLY A 17 -34.74 7.26 -8.47
N THR A 18 -33.47 7.65 -8.35
CA THR A 18 -32.38 6.70 -8.06
C THR A 18 -32.24 6.33 -6.60
N ILE A 19 -31.55 5.23 -6.34
CA ILE A 19 -31.28 4.73 -5.00
C ILE A 19 -29.79 4.79 -4.71
N VAL A 20 -29.40 5.44 -3.62
CA VAL A 20 -27.99 5.53 -3.25
C VAL A 20 -27.72 4.95 -1.88
N LYS A 21 -26.48 5.12 -1.43
CA LYS A 21 -25.95 4.50 -0.22
C LYS A 21 -25.41 5.58 0.69
N THR A 22 -25.61 5.40 1.99
CA THR A 22 -25.45 6.47 2.93
C THR A 22 -24.76 5.82 4.13
N LEU A 23 -24.39 6.60 5.15
CA LEU A 23 -23.73 6.05 6.31
C LEU A 23 -24.73 5.24 7.07
N THR A 24 -25.93 5.76 7.13
CA THR A 24 -26.98 5.18 7.95
C THR A 24 -28.00 4.33 7.18
N ASN A 25 -28.10 4.60 5.88
CA ASN A 25 -29.06 3.93 5.01
C ASN A 25 -28.49 3.37 3.71
N GLU A 26 -28.62 2.07 3.50
CA GLU A 26 -28.30 1.43 2.23
C GLU A 26 -29.23 1.80 1.06
N GLN A 27 -30.53 1.95 1.32
CA GLN A 27 -31.51 2.09 0.23
C GLN A 27 -32.06 3.50 -0.01
N GLU A 28 -31.33 4.52 0.39
CA GLU A 28 -31.84 5.90 0.28
C GLU A 28 -32.15 6.34 -1.13
N GLU A 29 -33.25 7.08 -1.29
CA GLU A 29 -33.72 7.49 -2.62
C GLU A 29 -33.59 8.99 -2.79
N VAL A 30 -33.00 9.37 -3.92
CA VAL A 30 -32.62 10.76 -4.18
C VAL A 30 -33.13 11.17 -5.56
N THR A 31 -33.23 12.46 -5.82
CA THR A 31 -33.74 12.86 -7.11
C THR A 31 -32.80 12.51 -8.28
N ASN A 32 -31.51 12.80 -8.17
CA ASN A 32 -30.56 12.46 -9.25
C ASN A 32 -29.20 11.94 -8.74
N ALA A 33 -28.58 11.04 -9.50
CA ALA A 33 -27.26 10.54 -9.17
C ALA A 33 -26.42 10.12 -10.40
N THR A 34 -25.10 10.06 -10.23
CA THR A 34 -24.17 9.68 -11.30
C THR A 34 -23.22 8.58 -10.85
N GLU A 35 -22.60 7.90 -11.82
CA GLU A 35 -21.70 6.80 -11.49
C GLU A 35 -20.35 7.35 -11.13
N THR A 36 -19.72 6.78 -10.10
CA THR A 36 -18.32 7.15 -9.79
C THR A 36 -17.34 6.01 -10.12
N VAL A 37 -17.84 4.88 -10.59
CA VAL A 37 -16.98 3.76 -10.94
C VAL A 37 -17.15 3.35 -12.38
N GLU A 38 -16.19 3.75 -13.22
CA GLU A 38 -16.25 3.48 -14.67
C GLU A 38 -16.24 2.01 -15.02
N SER A 39 -17.17 1.55 -15.84
CA SER A 39 -17.14 0.14 -16.17
C SER A 39 -16.95 -0.12 -17.68
N THR A 40 -16.96 0.91 -18.52
CA THR A 40 -16.73 0.72 -19.95
C THR A 40 -15.40 1.28 -20.42
N GLY A 41 -14.65 0.50 -21.18
CA GLY A 41 -13.41 0.99 -21.74
C GLY A 41 -13.33 0.73 -23.22
N ILE A 42 -12.52 1.51 -23.93
CA ILE A 42 -12.34 1.33 -25.36
C ILE A 42 -11.44 0.14 -25.71
N ASN A 43 -11.89 -0.64 -26.69
CA ASN A 43 -11.28 -1.92 -27.08
C ASN A 43 -10.15 -1.82 -28.08
N ARG A 44 -9.69 -0.59 -28.31
CA ARG A 44 -8.58 -0.31 -29.20
C ARG A 44 -7.51 0.43 -28.40
N LEU A 45 -6.28 0.48 -28.90
CA LEU A 45 -5.27 1.27 -28.20
C LEU A 45 -5.29 2.69 -28.79
N CYS A 46 -5.80 3.65 -28.06
CA CYS A 46 -5.87 5.01 -28.58
C CYS A 46 -4.50 5.68 -28.61
N MET A 47 -3.94 5.85 -29.81
CA MET A 47 -2.58 6.37 -29.92
C MET A 47 -2.48 7.82 -30.41
N LYS A 48 -3.58 8.53 -30.54
CA LYS A 48 -3.49 9.90 -31.07
C LYS A 48 -2.53 10.73 -30.23
N GLY A 49 -1.49 11.23 -30.87
CA GLY A 49 -0.53 12.09 -30.20
C GLY A 49 0.52 11.32 -29.46
N ARG A 50 0.86 10.15 -29.99
CA ARG A 50 1.92 9.32 -29.43
C ARG A 50 2.72 8.74 -30.57
N LYS A 51 4.00 9.08 -30.64
CA LYS A 51 4.92 8.37 -31.53
C LYS A 51 5.03 6.96 -30.97
N HIS A 52 4.51 5.98 -31.68
CA HIS A 52 4.56 4.65 -31.14
C HIS A 52 5.16 3.67 -32.08
N LYS A 53 5.26 2.44 -31.59
CA LYS A 53 5.86 1.35 -32.33
C LYS A 53 5.10 0.08 -31.99
N ASP A 54 4.53 -0.53 -33.00
CA ASP A 54 3.76 -1.74 -32.80
C ASP A 54 4.54 -2.93 -33.30
N LEU A 55 5.07 -3.70 -32.37
CA LEU A 55 5.97 -4.80 -32.63
C LEU A 55 5.36 -5.98 -33.39
N GLY A 56 4.09 -6.29 -33.15
CA GLY A 56 3.52 -7.48 -33.73
C GLY A 56 4.26 -8.71 -33.23
N ASN A 57 4.64 -9.59 -34.15
CA ASN A 57 5.32 -10.82 -33.78
C ASN A 57 6.71 -10.60 -33.18
N CYS A 58 7.32 -9.45 -33.39
CA CYS A 58 8.59 -9.18 -32.72
C CYS A 58 8.46 -9.07 -31.22
N HIS A 59 9.25 -9.86 -30.51
CA HIS A 59 9.42 -9.72 -29.09
C HIS A 59 10.49 -8.69 -28.79
N PRO A 60 10.36 -7.99 -27.67
CA PRO A 60 11.41 -7.01 -27.35
C PRO A 60 12.82 -7.59 -27.27
N ILE A 61 13.00 -8.79 -26.80
CA ILE A 61 14.34 -9.34 -26.76
C ILE A 61 14.90 -9.48 -28.18
N GLY A 62 14.05 -9.85 -29.12
CA GLY A 62 14.48 -10.05 -30.49
C GLY A 62 15.03 -8.79 -31.14
N MET A 63 14.60 -7.63 -30.63
CA MET A 63 14.99 -6.34 -31.15
C MET A 63 16.48 -6.15 -30.96
N LEU A 64 16.97 -6.54 -29.79
CA LEU A 64 18.40 -6.46 -29.45
C LEU A 64 19.29 -7.43 -30.16
N ILE A 65 18.84 -8.66 -30.36
CA ILE A 65 19.70 -9.61 -31.01
C ILE A 65 19.46 -9.75 -32.51
N GLY A 66 18.50 -9.01 -33.03
CA GLY A 66 18.08 -9.13 -34.40
C GLY A 66 17.50 -10.45 -34.86
N THR A 67 16.53 -10.99 -34.16
CA THR A 67 15.78 -12.16 -34.65
C THR A 67 15.06 -11.75 -35.94
N PRO A 68 14.97 -12.62 -36.96
CA PRO A 68 14.42 -12.10 -38.20
C PRO A 68 13.04 -11.42 -38.10
N ALA A 69 12.20 -11.82 -37.17
CA ALA A 69 10.87 -11.23 -37.08
C ALA A 69 10.96 -9.79 -36.68
N CYS A 70 12.07 -9.42 -36.05
CA CYS A 70 12.32 -8.05 -35.62
C CYS A 70 13.18 -7.22 -36.56
N ASP A 71 13.32 -7.61 -37.82
CA ASP A 71 14.21 -6.89 -38.74
C ASP A 71 13.73 -5.45 -38.97
N LEU A 72 12.44 -5.23 -38.89
CA LEU A 72 11.96 -3.87 -39.03
C LEU A 72 11.92 -3.20 -37.67
N HIS A 73 12.51 -3.82 -36.65
CA HIS A 73 12.50 -3.25 -35.31
C HIS A 73 13.83 -3.29 -34.63
N LEU A 74 14.90 -3.49 -35.38
CA LEU A 74 16.24 -3.33 -34.84
C LEU A 74 16.55 -1.92 -34.30
N THR A 75 15.84 -0.89 -34.78
CA THR A 75 16.02 0.50 -34.32
C THR A 75 14.74 1.29 -34.48
N GLY A 76 14.72 2.47 -33.86
CA GLY A 76 13.57 3.34 -33.86
C GLY A 76 13.52 4.26 -32.65
N MET A 77 12.57 5.19 -32.64
CA MET A 77 12.28 6.08 -31.52
C MET A 77 10.77 6.09 -31.21
N TRP A 78 10.41 6.04 -29.94
CA TRP A 78 9.00 5.97 -29.57
C TRP A 78 8.75 6.63 -28.24
N ASP A 79 7.53 7.07 -28.00
CA ASP A 79 7.13 7.45 -26.64
C ASP A 79 6.19 6.37 -26.06
N THR A 80 5.89 5.35 -26.85
CA THR A 80 5.07 4.21 -26.41
C THR A 80 5.50 2.92 -27.10
N LEU A 81 5.61 1.81 -26.37
CA LEU A 81 5.93 0.52 -27.00
C LEU A 81 4.86 -0.52 -26.76
N ILE A 82 4.42 -1.16 -27.83
CA ILE A 82 3.38 -2.18 -27.73
C ILE A 82 3.97 -3.53 -27.96
N GLU A 83 3.73 -4.44 -27.03
CA GLU A 83 4.20 -5.81 -27.15
C GLU A 83 2.95 -6.68 -27.31
N ARG A 84 3.02 -7.75 -28.09
CA ARG A 84 1.87 -8.59 -28.41
C ARG A 84 2.09 -9.98 -27.89
N GLU A 85 1.01 -10.76 -27.79
CA GLU A 85 1.01 -11.97 -26.98
C GLU A 85 2.00 -13.08 -27.34
N ASN A 86 2.13 -13.44 -28.59
CA ASN A 86 2.91 -14.66 -28.83
C ASN A 86 4.23 -14.39 -29.50
N ALA A 87 4.74 -13.19 -29.28
CA ALA A 87 5.85 -12.67 -30.06
C ALA A 87 7.11 -13.51 -30.00
N ILE A 88 7.87 -13.45 -31.09
CA ILE A 88 9.04 -14.28 -31.24
C ILE A 88 10.29 -13.57 -30.76
N ALA A 89 10.98 -14.19 -29.81
CA ALA A 89 12.26 -13.68 -29.36
C ALA A 89 13.37 -14.40 -30.05
N TYR A 90 13.20 -15.69 -30.26
CA TYR A 90 14.28 -16.51 -30.78
C TYR A 90 13.88 -17.36 -31.98
N CYS A 91 14.68 -17.23 -33.02
CA CYS A 91 14.73 -18.16 -34.11
C CYS A 91 15.39 -19.51 -33.76
N TYR A 92 16.42 -19.52 -32.92
CA TYR A 92 17.22 -20.72 -32.60
C TYR A 92 16.94 -21.17 -31.14
N PRO A 93 16.98 -22.49 -30.86
CA PRO A 93 16.62 -22.87 -29.48
C PRO A 93 17.52 -22.23 -28.42
N GLY A 94 16.93 -21.81 -27.32
CA GLY A 94 17.69 -21.20 -26.25
C GLY A 94 16.85 -20.17 -25.54
N ALA A 95 17.45 -19.48 -24.58
CA ALA A 95 16.77 -18.45 -23.81
C ALA A 95 17.74 -17.40 -23.24
N THR A 96 17.21 -16.32 -22.70
CA THR A 96 18.06 -15.30 -22.09
C THR A 96 18.10 -15.43 -20.56
N VAL A 97 19.28 -15.42 -19.98
CA VAL A 97 19.38 -15.36 -18.55
C VAL A 97 18.92 -13.97 -18.12
N ASN A 98 18.18 -13.92 -17.02
CA ASN A 98 17.71 -12.65 -16.54
C ASN A 98 16.88 -11.91 -17.58
N VAL A 99 15.99 -12.63 -18.22
CA VAL A 99 15.16 -12.08 -19.27
C VAL A 99 14.15 -11.02 -18.90
N GLU A 100 13.46 -11.16 -17.77
CA GLU A 100 12.41 -10.18 -17.42
C GLU A 100 12.90 -8.78 -17.14
N ALA A 101 13.99 -8.65 -16.38
CA ALA A 101 14.53 -7.35 -16.12
C ALA A 101 14.95 -6.74 -17.44
N LEU A 102 15.53 -7.57 -18.31
CA LEU A 102 15.86 -7.09 -19.63
C LEU A 102 14.63 -6.64 -20.42
N ARG A 103 13.54 -7.39 -20.38
CA ARG A 103 12.38 -7.02 -21.14
C ARG A 103 11.88 -5.71 -20.64
N GLN A 104 11.89 -5.53 -19.33
CA GLN A 104 11.38 -4.31 -18.69
C GLN A 104 12.14 -3.06 -19.10
N LYS A 105 13.45 -3.17 -19.19
CA LYS A 105 14.25 -2.03 -19.62
C LYS A 105 13.89 -1.61 -21.04
N ILE A 106 13.69 -2.57 -21.97
CA ILE A 106 13.34 -2.21 -23.35
C ILE A 106 11.97 -1.53 -23.40
N MET A 107 11.03 -2.03 -22.61
CA MET A 107 9.71 -1.45 -22.41
C MET A 107 9.74 -0.08 -21.73
N GLU A 108 10.68 0.17 -20.84
CA GLU A 108 10.83 1.52 -20.29
C GLU A 108 11.48 2.55 -21.25
N SER A 109 12.11 2.09 -22.34
CA SER A 109 12.91 2.96 -23.21
C SER A 109 12.12 3.84 -24.13
N GLY A 110 12.81 4.84 -24.70
CA GLY A 110 12.18 5.73 -25.65
C GLY A 110 12.70 5.55 -27.07
N GLY A 111 13.46 4.48 -27.26
CA GLY A 111 13.96 4.13 -28.58
C GLY A 111 15.18 3.24 -28.50
N ILE A 112 15.61 2.71 -29.65
CA ILE A 112 16.83 1.91 -29.64
C ILE A 112 17.75 2.37 -30.75
N ASN A 113 19.04 2.48 -30.44
CA ASN A 113 20.11 2.77 -31.39
C ASN A 113 21.07 1.61 -31.42
N LYS A 114 21.65 1.32 -32.59
CA LYS A 114 22.64 0.26 -32.68
C LYS A 114 24.02 0.79 -33.03
N ILE A 115 25.04 0.25 -32.39
CA ILE A 115 26.43 0.62 -32.62
C ILE A 115 27.37 -0.56 -32.85
N SER A 116 28.10 -0.57 -33.96
CA SER A 116 29.01 -1.66 -34.28
C SER A 116 30.10 -1.85 -33.24
N THR A 117 30.35 -3.08 -32.86
CA THR A 117 31.49 -3.43 -32.02
C THR A 117 32.84 -3.29 -32.72
N GLY A 118 32.91 -3.59 -34.00
CA GLY A 118 34.18 -3.53 -34.69
C GLY A 118 34.98 -4.80 -34.50
N PHE A 119 34.37 -5.83 -33.96
CA PHE A 119 35.10 -7.06 -33.81
C PHE A 119 35.46 -7.61 -35.22
N THR A 120 36.56 -8.37 -35.31
CA THR A 120 37.29 -8.73 -36.54
C THR A 120 38.15 -9.91 -36.12
N TYR A 121 38.04 -10.98 -36.90
CA TYR A 121 38.60 -12.24 -36.47
C TYR A 121 39.65 -12.73 -37.45
N GLY A 122 40.64 -13.47 -36.95
CA GLY A 122 41.74 -13.94 -37.74
C GLY A 122 41.33 -15.01 -38.71
N SER A 123 42.23 -15.37 -39.61
CA SER A 123 41.94 -16.34 -40.65
C SER A 123 41.50 -17.72 -40.08
N SER A 124 41.96 -18.06 -38.88
CA SER A 124 41.63 -19.33 -38.23
C SER A 124 40.13 -19.51 -37.98
N ILE A 125 39.42 -18.39 -37.90
CA ILE A 125 37.99 -18.37 -37.57
C ILE A 125 37.03 -18.16 -38.72
N ASN A 126 35.98 -18.98 -38.76
CA ASN A 126 34.88 -18.76 -39.68
C ASN A 126 33.77 -18.07 -38.90
N SER A 127 33.38 -16.89 -39.36
CA SER A 127 32.45 -16.05 -38.63
C SER A 127 31.20 -15.82 -39.41
N ALA A 128 30.92 -16.67 -40.40
CA ALA A 128 29.79 -16.40 -41.27
C ALA A 128 28.79 -17.55 -41.29
N GLY A 129 28.82 -18.37 -40.25
CA GLY A 129 27.94 -19.51 -40.15
C GLY A 129 26.50 -19.18 -39.83
N THR A 130 25.62 -19.93 -40.46
CA THR A 130 24.19 -19.70 -40.37
C THR A 130 23.49 -21.00 -40.04
N THR A 131 22.17 -21.01 -40.18
CA THR A 131 21.34 -22.11 -39.67
C THR A 131 19.92 -22.09 -40.19
N ARG A 132 19.44 -23.29 -40.43
CA ARG A 132 18.11 -23.58 -40.94
C ARG A 132 17.00 -23.13 -40.00
N ALA A 133 17.33 -22.85 -38.74
CA ALA A 133 16.35 -22.34 -37.81
C ALA A 133 16.07 -20.87 -38.00
N CYS A 134 17.09 -20.10 -38.38
CA CYS A 134 16.89 -18.68 -38.62
C CYS A 134 16.83 -18.41 -40.09
N MET A 135 15.64 -18.13 -40.59
CA MET A 135 15.46 -17.96 -42.00
C MET A 135 15.15 -16.52 -42.29
N ARG A 136 15.82 -15.92 -43.28
CA ARG A 136 15.53 -14.54 -43.62
C ARG A 136 14.71 -14.36 -44.88
N ASN A 137 15.18 -14.83 -46.03
CA ASN A 137 14.37 -14.66 -47.26
C ASN A 137 14.32 -16.01 -47.93
N GLY A 138 14.19 -17.07 -47.15
CA GLY A 138 14.06 -18.39 -47.71
C GLY A 138 15.44 -18.97 -47.75
N GLY A 139 16.36 -18.32 -47.04
CA GLY A 139 17.74 -18.74 -46.99
C GLY A 139 18.24 -18.88 -45.57
N ASN A 140 19.28 -19.69 -45.40
CA ASN A 140 19.84 -19.91 -44.08
C ASN A 140 20.38 -18.60 -43.57
N SER A 141 20.11 -18.26 -42.32
CA SER A 141 20.48 -16.94 -41.84
C SER A 141 20.75 -17.03 -40.36
N PHE A 142 21.17 -15.94 -39.76
CA PHE A 142 21.42 -15.90 -38.31
C PHE A 142 20.87 -14.65 -37.68
N TYR A 143 20.91 -14.57 -36.35
CA TYR A 143 20.48 -13.36 -35.68
C TYR A 143 21.31 -12.21 -36.24
N ALA A 144 20.67 -11.12 -36.59
CA ALA A 144 21.34 -10.06 -37.32
C ALA A 144 22.47 -9.41 -36.53
N GLU A 145 22.28 -9.25 -35.23
CA GLU A 145 23.22 -8.50 -34.44
C GLU A 145 24.32 -9.35 -33.80
N LEU A 146 24.38 -10.63 -34.12
CA LEU A 146 25.44 -11.49 -33.56
C LEU A 146 26.11 -12.29 -34.66
N LYS A 147 27.07 -13.11 -34.30
CA LYS A 147 27.81 -13.89 -35.28
C LYS A 147 28.32 -15.20 -34.64
N TRP A 148 28.00 -16.33 -35.26
CA TRP A 148 28.39 -17.62 -34.76
C TRP A 148 29.77 -17.91 -35.28
N LEU A 149 30.72 -17.83 -34.37
CA LEU A 149 32.09 -18.13 -34.67
C LEU A 149 32.39 -19.65 -34.56
N VAL A 150 32.96 -20.27 -35.60
CA VAL A 150 33.44 -21.66 -35.50
C VAL A 150 34.87 -21.71 -36.05
N SER A 151 35.62 -22.77 -35.79
CA SER A 151 36.94 -22.92 -36.42
C SER A 151 36.80 -23.02 -37.92
N LYS A 152 37.65 -22.30 -38.65
CA LYS A 152 37.62 -22.23 -40.12
C LYS A 152 37.89 -23.56 -40.72
N SER A 153 38.87 -24.23 -40.13
CA SER A 153 39.23 -25.57 -40.52
C SER A 153 38.66 -26.52 -39.50
N LYS A 154 37.71 -27.36 -39.93
CA LYS A 154 36.93 -28.17 -38.98
C LYS A 154 37.72 -29.17 -38.16
N GLY A 155 37.43 -29.15 -36.84
CA GLY A 155 38.01 -30.02 -35.84
C GLY A 155 39.30 -29.50 -35.23
N GLN A 156 39.82 -28.41 -35.79
CA GLN A 156 41.03 -27.76 -35.29
C GLN A 156 40.63 -26.85 -34.15
N ASN A 157 41.48 -26.76 -33.14
CA ASN A 157 41.14 -26.00 -31.96
C ASN A 157 40.88 -24.54 -32.30
N PHE A 158 39.82 -23.98 -31.73
CA PHE A 158 39.44 -22.59 -31.90
C PHE A 158 40.58 -21.78 -31.32
N PRO A 159 41.02 -20.75 -32.04
CA PRO A 159 42.18 -20.03 -31.52
C PRO A 159 41.81 -19.22 -30.30
N GLN A 160 42.76 -19.04 -29.39
CA GLN A 160 42.53 -18.18 -28.26
C GLN A 160 42.35 -16.77 -28.78
N THR A 161 41.23 -16.13 -28.44
CA THR A 161 40.83 -14.88 -29.07
C THR A 161 40.49 -13.82 -28.04
N THR A 162 40.76 -12.56 -28.37
CA THR A 162 40.36 -11.44 -27.57
C THR A 162 39.60 -10.40 -28.40
N ASN A 163 38.43 -9.99 -27.93
CA ASN A 163 37.69 -8.90 -28.55
C ASN A 163 37.31 -7.84 -27.50
N THR A 164 37.59 -6.56 -27.76
CA THR A 164 37.20 -5.55 -26.82
C THR A 164 36.32 -4.52 -27.45
N TYR A 165 35.19 -4.24 -26.83
CA TYR A 165 34.30 -3.19 -27.28
C TYR A 165 34.50 -1.96 -26.43
N ARG A 166 34.73 -0.83 -27.07
CA ARG A 166 35.00 0.38 -26.33
C ARG A 166 33.84 1.35 -26.46
N ASN A 167 33.13 1.59 -25.38
CA ASN A 167 32.08 2.58 -25.39
C ASN A 167 32.72 3.97 -25.33
N THR A 168 32.71 4.67 -26.47
CA THR A 168 33.29 6.00 -26.53
C THR A 168 32.17 7.03 -26.60
N ASP A 169 30.95 6.61 -26.25
CA ASP A 169 29.77 7.48 -26.23
C ASP A 169 29.59 8.18 -24.86
N THR A 170 28.49 8.89 -24.69
CA THR A 170 28.25 9.57 -23.42
C THR A 170 27.17 8.93 -22.57
N ALA A 171 26.61 7.82 -23.05
CA ALA A 171 25.54 7.10 -22.34
C ALA A 171 25.89 5.64 -22.16
N GLU A 172 25.06 4.90 -21.42
CA GLU A 172 25.35 3.50 -21.23
C GLU A 172 24.84 2.67 -22.39
N HIS A 173 25.63 1.67 -22.75
CA HIS A 173 25.27 0.78 -23.84
C HIS A 173 24.95 -0.59 -23.32
N LEU A 174 23.99 -1.24 -23.95
CA LEU A 174 23.59 -2.56 -23.54
C LEU A 174 24.21 -3.53 -24.52
N ILE A 175 24.96 -4.50 -24.02
CA ILE A 175 25.61 -5.46 -24.89
C ILE A 175 25.11 -6.87 -24.62
N MET A 176 24.79 -7.61 -25.68
CA MET A 176 24.28 -9.00 -25.61
C MET A 176 25.23 -9.94 -26.34
N TRP A 177 25.32 -11.17 -25.88
CA TRP A 177 26.12 -12.20 -26.51
C TRP A 177 25.46 -13.55 -26.24
N GLY A 178 25.90 -14.60 -26.90
CA GLY A 178 25.32 -15.90 -26.67
C GLY A 178 26.38 -16.93 -26.31
N ILE A 179 25.97 -17.99 -25.63
CA ILE A 179 26.90 -19.08 -25.46
C ILE A 179 26.30 -20.24 -26.22
N HIS A 180 27.09 -20.95 -27.01
CA HIS A 180 26.53 -22.08 -27.75
C HIS A 180 26.80 -23.32 -26.95
N HIS A 181 25.76 -24.11 -26.69
CA HIS A 181 25.91 -25.39 -26.00
C HIS A 181 25.65 -26.47 -27.01
N PRO A 182 26.69 -27.22 -27.43
CA PRO A 182 26.53 -28.17 -28.53
C PRO A 182 25.73 -29.45 -28.20
N SER A 183 25.23 -30.14 -29.22
CA SER A 183 24.49 -31.40 -29.07
C SER A 183 25.32 -32.59 -28.59
N SER A 184 26.61 -32.60 -28.85
CA SER A 184 27.39 -33.79 -28.55
C SER A 184 28.83 -33.40 -28.44
N THR A 185 29.72 -34.36 -28.20
CA THR A 185 31.13 -34.05 -28.14
C THR A 185 31.67 -34.02 -29.55
N GLN A 186 31.07 -34.78 -30.44
CA GLN A 186 31.54 -34.80 -31.81
C GLN A 186 31.26 -33.45 -32.48
N GLU A 187 30.11 -32.84 -32.20
CA GLU A 187 29.80 -31.54 -32.79
C GLU A 187 30.66 -30.47 -32.17
N LYS A 188 30.93 -30.58 -30.87
CA LYS A 188 31.73 -29.55 -30.22
C LYS A 188 33.15 -29.65 -30.71
N ASN A 189 33.67 -30.87 -30.87
CA ASN A 189 35.02 -31.05 -31.34
C ASN A 189 35.19 -30.53 -32.75
N THR A 190 34.20 -30.79 -33.59
CA THR A 190 34.24 -30.33 -34.97
C THR A 190 34.25 -28.81 -35.04
N LEU A 191 33.35 -28.17 -34.31
CA LEU A 191 33.25 -26.73 -34.29
C LEU A 191 34.39 -25.93 -33.63
N TYR A 192 34.87 -26.40 -32.48
CA TYR A 192 35.79 -25.65 -31.64
C TYR A 192 37.05 -26.41 -31.28
N GLY A 193 37.15 -27.67 -31.70
CA GLY A 193 38.26 -28.51 -31.31
C GLY A 193 38.09 -29.24 -29.98
N THR A 194 39.12 -29.99 -29.59
CA THR A 194 39.04 -30.88 -28.43
C THR A 194 39.49 -30.20 -27.15
N GLN A 195 39.85 -28.93 -27.26
CA GLN A 195 40.32 -28.26 -26.08
C GLN A 195 39.19 -27.98 -25.10
N SER A 196 39.56 -27.78 -23.85
CA SER A 196 38.60 -27.33 -22.88
C SER A 196 38.16 -25.91 -23.20
N LEU A 197 36.87 -25.60 -23.05
CA LEU A 197 36.34 -24.33 -23.54
C LEU A 197 36.10 -23.32 -22.44
N SER A 198 36.57 -22.10 -22.64
CA SER A 198 36.30 -21.07 -21.67
C SER A 198 35.95 -19.75 -22.31
N ILE A 199 34.90 -19.09 -21.83
CA ILE A 199 34.59 -17.75 -22.32
C ILE A 199 34.50 -16.73 -21.21
N SER A 200 35.35 -15.72 -21.25
CA SER A 200 35.42 -14.73 -20.20
C SER A 200 35.01 -13.38 -20.76
N VAL A 201 34.16 -12.70 -19.99
CA VAL A 201 33.68 -11.38 -20.29
C VAL A 201 34.06 -10.50 -19.12
N GLY A 202 34.58 -9.30 -19.38
CA GLY A 202 34.94 -8.41 -18.30
C GLY A 202 34.95 -6.92 -18.59
N SER A 203 34.30 -6.13 -17.75
CA SER A 203 34.47 -4.67 -17.82
C SER A 203 35.15 -4.13 -16.58
N SER A 204 34.86 -2.89 -16.24
CA SER A 204 35.34 -2.33 -15.00
C SER A 204 34.44 -2.80 -13.88
N THR A 205 33.20 -3.14 -14.25
CA THR A 205 32.22 -3.56 -13.26
C THR A 205 31.66 -4.97 -13.48
N TYR A 206 32.03 -5.65 -14.55
CA TYR A 206 31.44 -6.92 -14.88
C TYR A 206 32.51 -7.98 -14.98
N ARG A 207 32.24 -9.17 -14.46
CA ARG A 207 33.13 -10.31 -14.61
C ARG A 207 32.34 -11.59 -14.66
N ASN A 208 32.55 -12.45 -15.66
CA ASN A 208 31.82 -13.72 -15.73
C ASN A 208 32.55 -14.75 -16.57
N ASN A 209 32.37 -16.04 -16.28
CA ASN A 209 32.93 -17.11 -17.11
C ASN A 209 31.80 -18.05 -17.51
N PHE A 210 31.86 -18.53 -18.74
CA PHE A 210 30.87 -19.44 -19.26
C PHE A 210 31.59 -20.61 -19.87
N VAL A 211 31.09 -21.81 -19.60
CA VAL A 211 31.56 -23.01 -20.26
C VAL A 211 30.40 -23.71 -20.93
N PRO A 212 30.52 -24.05 -22.22
CA PRO A 212 29.40 -24.73 -22.86
C PRO A 212 29.14 -26.12 -22.22
N VAL A 213 27.88 -26.49 -22.15
CA VAL A 213 27.48 -27.76 -21.60
C VAL A 213 27.18 -28.63 -22.77
N VAL A 214 28.03 -29.59 -23.10
CA VAL A 214 27.76 -30.38 -24.30
C VAL A 214 26.69 -31.43 -24.01
N GLY A 215 25.90 -31.75 -25.03
CA GLY A 215 24.76 -32.64 -24.88
C GLY A 215 25.08 -34.11 -24.98
N ALA A 216 24.04 -34.94 -24.96
CA ALA A 216 24.16 -36.37 -25.19
C ALA A 216 23.46 -36.79 -26.49
N ARG A 217 23.86 -37.93 -27.02
CA ARG A 217 23.76 -38.27 -28.45
C ARG A 217 22.40 -38.29 -29.19
N PRO A 218 21.29 -38.78 -28.56
CA PRO A 218 20.08 -38.69 -29.39
C PRO A 218 19.68 -37.21 -29.66
N GLN A 219 19.31 -36.90 -30.89
CA GLN A 219 18.97 -35.52 -31.28
C GLN A 219 17.73 -34.94 -30.64
N VAL A 220 16.70 -35.74 -30.49
CA VAL A 220 15.43 -35.27 -29.94
C VAL A 220 15.44 -34.85 -28.46
N ASN A 221 16.31 -35.46 -27.66
CA ASN A 221 16.27 -35.28 -26.21
C ASN A 221 16.62 -33.86 -25.72
N GLY A 222 16.43 -33.65 -24.43
CA GLY A 222 16.58 -32.33 -23.82
C GLY A 222 17.94 -31.72 -24.01
N LEU A 223 18.99 -32.55 -24.04
CA LEU A 223 20.37 -32.06 -24.24
C LEU A 223 20.77 -31.92 -25.69
N SER A 224 20.19 -30.96 -26.40
CA SER A 224 20.58 -30.77 -27.78
C SER A 224 21.25 -29.45 -27.99
N SER A 225 21.48 -29.11 -29.25
CA SER A 225 22.19 -27.90 -29.57
C SER A 225 21.35 -26.66 -29.24
N ARG A 226 21.91 -25.72 -28.50
CA ARG A 226 21.25 -24.45 -28.24
C ARG A 226 22.18 -23.27 -27.94
N ILE A 227 21.60 -22.08 -28.03
CA ILE A 227 22.30 -20.82 -27.82
C ILE A 227 21.52 -19.95 -26.82
N ASP A 228 22.13 -19.70 -25.67
CA ASP A 228 21.55 -18.92 -24.58
C ASP A 228 22.20 -17.57 -24.48
N PHE A 229 21.45 -16.54 -24.08
CA PHE A 229 21.93 -15.18 -24.15
C PHE A 229 22.17 -14.52 -22.79
N HIS A 230 23.20 -13.70 -22.73
CA HIS A 230 23.60 -13.05 -21.50
C HIS A 230 23.75 -11.59 -21.81
N TRP A 231 23.46 -10.74 -20.84
CA TRP A 231 23.61 -9.34 -21.12
C TRP A 231 24.19 -8.61 -19.94
N THR A 232 24.51 -7.33 -20.19
CA THR A 232 24.96 -6.37 -19.19
C THR A 232 25.09 -4.98 -19.79
N LEU A 233 25.15 -3.97 -18.92
CA LEU A 233 25.24 -2.59 -19.37
C LEU A 233 26.66 -2.10 -19.23
N VAL A 234 27.18 -1.43 -20.27
CA VAL A 234 28.52 -0.84 -20.26
C VAL A 234 28.44 0.66 -20.15
N GLN A 235 29.08 1.19 -19.14
CA GLN A 235 29.06 2.62 -18.85
C GLN A 235 29.95 3.39 -19.84
N PRO A 236 29.73 4.71 -19.98
CA PRO A 236 30.56 5.52 -20.86
C PRO A 236 32.02 5.55 -20.45
N GLY A 237 32.93 5.48 -21.42
CA GLY A 237 34.35 5.51 -21.17
C GLY A 237 34.92 4.18 -20.76
N ASP A 238 34.10 3.14 -20.86
CA ASP A 238 34.48 1.82 -20.36
C ASP A 238 34.54 0.80 -21.50
N ASN A 239 35.40 -0.20 -21.33
CA ASN A 239 35.63 -1.23 -22.33
C ASN A 239 35.24 -2.59 -21.77
N ILE A 240 34.66 -3.46 -22.58
CA ILE A 240 34.39 -4.78 -22.09
C ILE A 240 35.16 -5.81 -22.93
N THR A 241 35.95 -6.67 -22.32
CA THR A 241 36.80 -7.56 -23.10
C THR A 241 36.28 -8.98 -23.09
N PHE A 242 36.21 -9.59 -24.28
CA PHE A 242 35.80 -10.97 -24.42
C PHE A 242 37.04 -11.78 -24.66
N SER A 243 37.38 -12.69 -23.76
CA SER A 243 38.50 -13.60 -23.94
C SER A 243 37.89 -14.99 -24.08
N HIS A 244 38.03 -15.61 -25.25
CA HIS A 244 37.35 -16.86 -25.55
C HIS A 244 38.03 -17.93 -26.41
N ASN A 245 37.65 -19.17 -26.09
CA ASN A 245 38.12 -20.43 -26.67
C ASN A 245 37.28 -21.08 -27.73
N GLY A 246 36.16 -20.46 -28.01
CA GLY A 246 35.12 -21.01 -28.86
C GLY A 246 33.90 -21.42 -28.09
N GLY A 247 32.76 -21.33 -28.77
CA GLY A 247 31.47 -21.34 -28.12
C GLY A 247 30.89 -19.97 -27.86
N LEU A 248 31.55 -18.89 -28.22
CA LEU A 248 30.96 -17.58 -28.02
C LEU A 248 30.19 -17.22 -29.23
N ILE A 249 28.99 -16.70 -29.04
CA ILE A 249 28.22 -16.12 -30.13
C ILE A 249 28.43 -14.61 -29.94
N ALA A 250 29.37 -14.06 -30.70
CA ALA A 250 29.89 -12.69 -30.55
C ALA A 250 28.93 -11.62 -31.03
N PRO A 251 28.84 -10.48 -30.31
CA PRO A 251 28.03 -9.38 -30.86
C PRO A 251 28.63 -8.69 -32.09
N SER A 252 27.79 -8.30 -33.04
CA SER A 252 28.30 -7.51 -34.14
C SER A 252 27.89 -6.04 -33.91
N ARG A 253 26.85 -5.85 -33.11
CA ARG A 253 26.38 -4.53 -32.69
C ARG A 253 25.93 -4.59 -31.23
N VAL A 254 25.90 -3.44 -30.58
CA VAL A 254 25.40 -3.32 -29.21
C VAL A 254 24.29 -2.32 -29.26
N SER A 255 23.44 -2.29 -28.25
CA SER A 255 22.31 -1.38 -28.30
C SER A 255 22.46 -0.21 -27.37
N LYS A 256 21.68 0.82 -27.61
CA LYS A 256 21.70 1.96 -26.75
C LYS A 256 20.25 2.29 -26.52
N LEU A 257 19.74 2.05 -25.31
CA LEU A 257 18.34 2.36 -25.07
C LEU A 257 18.29 3.85 -24.76
N ILE A 258 17.30 4.54 -25.32
CA ILE A 258 17.28 5.99 -25.33
C ILE A 258 16.04 6.64 -24.72
N GLY A 259 16.24 7.53 -23.77
CA GLY A 259 15.09 8.22 -23.22
C GLY A 259 14.07 7.28 -22.63
N ARG A 260 12.81 7.71 -22.60
CA ARG A 260 11.79 6.99 -21.84
C ARG A 260 10.49 6.99 -22.56
N GLY A 261 9.82 5.85 -22.54
CA GLY A 261 8.49 5.71 -23.14
C GLY A 261 7.72 4.65 -22.38
N LEU A 262 6.42 4.61 -22.60
CA LEU A 262 5.53 3.71 -21.88
C LEU A 262 5.30 2.44 -22.64
N GLY A 263 5.49 1.31 -21.95
CA GLY A 263 5.27 0.00 -22.51
C GLY A 263 3.95 -0.62 -22.12
N ILE A 264 3.22 -1.04 -23.16
CA ILE A 264 1.91 -1.66 -23.10
C ILE A 264 1.95 -3.09 -23.59
N GLN A 265 1.67 -4.06 -22.76
CA GLN A 265 1.39 -5.36 -23.30
C GLN A 265 -0.09 -5.47 -23.59
N SER A 266 -0.48 -5.80 -24.81
CA SER A 266 -1.89 -5.77 -25.14
C SER A 266 -2.26 -6.57 -26.42
N ASP A 267 -3.52 -7.01 -26.48
CA ASP A 267 -4.08 -7.75 -27.62
C ASP A 267 -4.79 -6.82 -28.62
N ALA A 268 -4.92 -5.56 -28.23
CA ALA A 268 -5.86 -4.65 -28.87
C ALA A 268 -5.34 -3.99 -30.13
N PRO A 269 -6.21 -3.81 -31.14
CA PRO A 269 -5.87 -3.13 -32.40
C PRO A 269 -5.65 -1.65 -32.24
N ILE A 270 -4.71 -1.11 -32.97
CA ILE A 270 -4.42 0.30 -32.83
C ILE A 270 -5.56 1.19 -33.37
N ASP A 271 -5.83 2.29 -32.69
CA ASP A 271 -6.75 3.32 -33.19
C ASP A 271 -6.05 4.65 -33.12
N ASN A 272 -5.58 5.12 -34.27
CA ASN A 272 -4.69 6.25 -34.30
C ASN A 272 -5.48 7.59 -34.30
N ASN A 273 -6.78 7.51 -34.06
CA ASN A 273 -7.63 8.68 -34.13
C ASN A 273 -8.15 9.11 -32.77
N CYS A 274 -8.23 8.19 -31.82
CA CYS A 274 -8.68 8.60 -30.49
C CYS A 274 -7.48 8.72 -29.56
N GLU A 275 -7.63 9.49 -28.50
CA GLU A 275 -6.53 9.81 -27.61
C GLU A 275 -6.80 9.20 -26.23
N SER A 276 -5.73 8.85 -25.51
CA SER A 276 -5.90 8.27 -24.18
C SER A 276 -4.60 8.21 -23.41
N LYS A 277 -4.67 7.85 -22.13
CA LYS A 277 -3.49 7.90 -21.28
C LYS A 277 -3.43 6.70 -20.33
N CYS A 278 -4.46 5.86 -20.35
CA CYS A 278 -4.48 4.68 -19.50
C CYS A 278 -4.74 3.44 -20.35
N PHE A 279 -3.95 2.40 -20.16
CA PHE A 279 -4.03 1.20 -21.00
C PHE A 279 -3.93 -0.05 -20.17
N TRP A 280 -4.46 -1.13 -20.74
CA TRP A 280 -4.45 -2.43 -20.10
C TRP A 280 -4.56 -3.46 -21.22
N ARG A 281 -4.49 -4.75 -20.90
CA ARG A 281 -4.38 -5.77 -21.93
C ARG A 281 -5.56 -5.72 -22.90
N GLY A 282 -6.75 -5.51 -22.35
CA GLY A 282 -7.98 -5.36 -23.09
C GLY A 282 -8.15 -4.18 -24.04
N GLY A 283 -7.57 -3.02 -23.70
CA GLY A 283 -7.82 -1.79 -24.43
C GLY A 283 -7.27 -0.54 -23.74
N SER A 284 -8.01 0.56 -23.89
CA SER A 284 -7.78 1.83 -23.21
C SER A 284 -8.91 2.17 -22.24
N ILE A 285 -8.62 3.06 -21.30
CA ILE A 285 -9.64 3.62 -20.43
C ILE A 285 -9.64 5.14 -20.58
N ASN A 286 -10.75 5.68 -21.06
CA ASN A 286 -10.95 7.11 -21.14
C ASN A 286 -12.12 7.47 -20.25
N THR A 287 -11.87 8.24 -19.20
CA THR A 287 -12.93 8.63 -18.27
C THR A 287 -12.54 9.79 -17.39
N ARG A 288 -13.54 10.49 -16.88
CA ARG A 288 -13.29 11.49 -15.85
C ARG A 288 -13.50 10.90 -14.45
N LEU A 289 -14.03 9.69 -14.36
CA LEU A 289 -14.29 9.07 -13.06
C LEU A 289 -12.99 8.70 -12.36
N PRO A 290 -12.97 8.74 -11.02
CA PRO A 290 -11.71 8.44 -10.34
C PRO A 290 -11.50 6.95 -10.08
N PHE A 291 -12.51 6.14 -10.35
CA PHE A 291 -12.42 4.72 -10.09
C PHE A 291 -12.80 3.91 -11.34
N GLN A 292 -12.23 2.72 -11.48
CA GLN A 292 -12.64 1.86 -12.58
C GLN A 292 -12.74 0.43 -12.10
N ASN A 293 -13.66 -0.36 -12.65
CA ASN A 293 -13.71 -1.78 -12.30
C ASN A 293 -13.31 -2.70 -13.45
N LEU A 294 -12.81 -2.10 -14.53
CA LEU A 294 -12.40 -2.86 -15.71
C LEU A 294 -11.21 -3.77 -15.49
N SER A 295 -10.15 -3.22 -14.90
CA SER A 295 -8.90 -3.96 -14.75
C SER A 295 -8.10 -3.61 -13.52
N PRO A 296 -7.67 -4.63 -12.78
CA PRO A 296 -6.66 -4.42 -11.76
C PRO A 296 -5.29 -4.05 -12.36
N ARG A 297 -5.01 -4.48 -13.59
CA ARG A 297 -3.67 -4.29 -14.12
C ARG A 297 -3.67 -3.17 -15.15
N THR A 298 -3.16 -1.99 -14.83
CA THR A 298 -3.21 -0.87 -15.78
C THR A 298 -1.82 -0.29 -15.94
N VAL A 299 -1.59 0.40 -17.04
CA VAL A 299 -0.36 1.17 -17.18
C VAL A 299 -0.65 2.63 -17.48
N GLY A 300 0.15 3.54 -16.95
CA GLY A 300 -0.04 4.94 -17.27
C GLY A 300 -0.74 5.79 -16.23
N GLN A 301 -1.47 6.79 -16.67
CA GLN A 301 -2.21 7.64 -15.77
C GLN A 301 -3.64 7.14 -15.68
N CYS A 302 -3.92 6.33 -14.66
CA CYS A 302 -5.22 5.67 -14.58
C CYS A 302 -6.00 5.99 -13.30
N PRO A 303 -7.34 5.88 -13.38
CA PRO A 303 -8.17 5.84 -12.17
C PRO A 303 -7.89 4.57 -11.38
N LYS A 304 -8.15 4.58 -10.07
CA LYS A 304 -7.84 3.43 -9.25
C LYS A 304 -8.86 2.34 -9.47
N TYR A 305 -8.41 1.09 -9.43
CA TYR A 305 -9.31 -0.04 -9.62
C TYR A 305 -9.99 -0.39 -8.31
N VAL A 306 -11.32 -0.44 -8.32
CA VAL A 306 -12.08 -0.82 -7.13
C VAL A 306 -12.94 -2.03 -7.38
N ASN A 307 -12.95 -2.95 -6.42
CA ASN A 307 -13.80 -4.15 -6.48
C ASN A 307 -15.31 -3.94 -6.28
N ARG A 308 -15.88 -3.00 -7.04
CA ARG A 308 -17.29 -2.70 -6.91
C ARG A 308 -17.84 -2.40 -8.29
N ARG A 309 -18.96 -3.03 -8.62
CA ARG A 309 -19.62 -2.78 -9.88
C ARG A 309 -20.08 -1.33 -10.00
N SER A 310 -20.54 -0.80 -8.87
CA SER A 310 -21.28 0.45 -8.89
C SER A 310 -21.29 1.22 -7.59
N LEU A 311 -20.81 2.46 -7.64
CA LEU A 311 -20.88 3.35 -6.52
C LEU A 311 -21.56 4.62 -6.97
N MET A 312 -22.81 4.84 -6.57
CA MET A 312 -23.54 6.02 -7.01
C MET A 312 -23.35 7.16 -6.05
N LEU A 313 -23.10 8.35 -6.59
CA LEU A 313 -22.96 9.58 -5.81
C LEU A 313 -24.17 10.48 -5.98
N ALA A 314 -24.71 10.98 -4.86
CA ALA A 314 -25.94 11.75 -4.87
C ALA A 314 -25.74 13.14 -5.46
N THR A 315 -26.65 13.57 -6.33
CA THR A 315 -26.58 14.93 -6.90
C THR A 315 -27.87 15.71 -6.73
N GLY A 316 -28.70 15.28 -5.78
CA GLY A 316 -29.95 15.92 -5.46
C GLY A 316 -30.45 15.45 -4.11
N MET A 317 -31.44 16.13 -3.56
CA MET A 317 -32.01 15.85 -2.25
C MET A 317 -32.73 14.48 -2.14
N ARG A 318 -33.26 14.16 -0.97
CA ARG A 318 -34.11 12.99 -0.83
C ARG A 318 -35.33 13.10 -1.75
N ASN A 319 -35.82 11.96 -2.22
CA ASN A 319 -37.01 11.96 -3.05
C ASN A 319 -38.22 11.46 -2.28
N VAL A 320 -39.07 12.39 -1.86
CA VAL A 320 -40.36 12.02 -1.25
C VAL A 320 -41.51 12.34 -2.21
N PRO A 321 -42.03 11.29 -2.85
CA PRO A 321 -43.15 11.29 -3.79
C PRO A 321 -44.47 11.47 -3.07
N GLU A 322 -45.42 12.09 -3.74
CA GLU A 322 -46.76 12.31 -3.22
C GLU A 322 -47.59 11.02 -3.15
N LEU B 1 -29.67 16.02 9.72
CA LEU B 1 -31.07 16.27 9.32
C LEU B 1 -31.72 17.43 10.10
N PHE B 2 -32.23 18.37 9.31
CA PHE B 2 -32.86 19.60 9.76
C PHE B 2 -34.39 19.58 9.80
N GLY B 3 -34.98 18.44 9.44
CA GLY B 3 -36.39 18.17 9.66
C GLY B 3 -37.40 18.64 8.65
N ALA B 4 -36.98 19.43 7.68
CA ALA B 4 -37.88 19.77 6.57
C ALA B 4 -38.13 18.67 5.55
N ILE B 5 -37.11 17.98 5.09
CA ILE B 5 -37.34 17.12 3.94
C ILE B 5 -37.47 15.69 4.43
N ALA B 6 -38.61 15.08 4.08
CA ALA B 6 -38.99 13.80 4.63
C ALA B 6 -39.19 14.01 6.11
N GLY B 7 -39.51 15.24 6.48
CA GLY B 7 -39.73 15.59 7.87
C GLY B 7 -41.12 16.20 8.06
N PHE B 8 -41.20 17.41 8.58
CA PHE B 8 -42.51 18.03 8.78
C PHE B 8 -43.23 18.27 7.45
N LEU B 9 -42.50 18.59 6.38
CA LEU B 9 -43.09 18.56 5.03
C LEU B 9 -43.45 17.11 4.77
N GLU B 10 -44.63 16.84 4.24
CA GLU B 10 -45.08 15.46 4.13
C GLU B 10 -44.63 14.82 2.81
N ASN B 11 -44.51 15.62 1.76
CA ASN B 11 -43.92 15.15 0.51
C ASN B 11 -43.42 16.28 -0.39
N GLY B 12 -42.60 15.90 -1.36
CA GLY B 12 -42.12 16.81 -2.40
C GLY B 12 -43.12 17.04 -3.51
N TRP B 13 -42.91 18.07 -4.31
CA TRP B 13 -43.80 18.36 -5.43
C TRP B 13 -43.20 17.98 -6.80
N GLU B 14 -43.77 16.95 -7.44
CA GLU B 14 -43.39 16.60 -8.80
C GLU B 14 -43.78 17.71 -9.74
N GLY B 15 -44.88 18.39 -9.43
CA GLY B 15 -45.40 19.45 -10.27
C GLY B 15 -44.38 20.56 -10.48
N MET B 16 -43.60 20.87 -9.45
CA MET B 16 -42.59 21.90 -9.58
C MET B 16 -41.40 21.36 -10.38
N VAL B 17 -41.06 22.01 -11.48
CA VAL B 17 -39.91 21.62 -12.30
C VAL B 17 -38.93 22.75 -12.47
N ASP B 18 -39.40 23.97 -12.20
CA ASP B 18 -38.58 25.17 -12.38
C ASP B 18 -37.46 25.22 -11.36
N GLY B 19 -37.62 24.49 -10.25
CA GLY B 19 -36.64 24.56 -9.18
C GLY B 19 -36.54 23.40 -8.21
N TRP B 20 -35.49 23.42 -7.41
CA TRP B 20 -35.39 22.59 -6.19
C TRP B 20 -36.35 23.00 -5.04
N TYR B 21 -36.51 24.31 -4.81
CA TYR B 21 -37.35 24.86 -3.73
C TYR B 21 -38.33 25.94 -4.25
N GLY B 22 -39.55 25.96 -3.72
CA GLY B 22 -40.60 26.82 -4.26
C GLY B 22 -41.75 27.19 -3.32
N PHE B 23 -42.61 28.11 -3.76
CA PHE B 23 -43.81 28.43 -3.00
C PHE B 23 -45.10 28.05 -3.74
N ARG B 24 -46.12 27.65 -2.97
CA ARG B 24 -47.51 27.55 -3.44
C ARG B 24 -48.39 28.48 -2.61
N HIS B 25 -49.22 29.27 -3.27
CA HIS B 25 -50.01 30.27 -2.57
C HIS B 25 -51.50 30.14 -2.86
N GLN B 26 -52.29 30.46 -1.85
CA GLN B 26 -53.72 30.57 -1.98
C GLN B 26 -54.21 31.89 -1.45
N ASN B 27 -55.07 32.54 -2.22
CA ASN B 27 -55.69 33.79 -1.81
C ASN B 27 -56.98 33.92 -2.59
N ALA B 28 -57.63 35.07 -2.51
CA ALA B 28 -58.94 35.26 -3.15
C ALA B 28 -58.83 35.06 -4.66
N GLN B 29 -57.74 35.56 -5.21
CA GLN B 29 -57.43 35.49 -6.63
C GLN B 29 -57.19 34.07 -7.16
N GLY B 30 -56.53 33.21 -6.39
CA GLY B 30 -56.35 31.82 -6.80
C GLY B 30 -55.00 31.19 -6.47
N THR B 31 -54.82 29.93 -6.87
CA THR B 31 -53.55 29.20 -6.66
C THR B 31 -52.41 29.60 -7.59
N GLY B 32 -51.20 29.58 -7.05
CA GLY B 32 -49.97 29.78 -7.81
C GLY B 32 -48.79 28.95 -7.30
N GLN B 33 -47.85 28.65 -8.20
CA GLN B 33 -46.61 27.97 -7.83
C GLN B 33 -45.40 28.67 -8.45
N ALA B 34 -44.45 29.09 -7.64
CA ALA B 34 -43.23 29.71 -8.17
C ALA B 34 -42.01 29.25 -7.41
N ALA B 35 -40.93 28.97 -8.15
CA ALA B 35 -39.68 28.54 -7.59
C ALA B 35 -38.84 29.68 -7.04
N ASP B 36 -37.90 29.37 -6.13
CA ASP B 36 -37.00 30.37 -5.57
C ASP B 36 -35.60 30.18 -6.19
N TYR B 37 -35.09 31.19 -6.89
CA TYR B 37 -33.76 31.09 -7.50
C TYR B 37 -32.57 31.09 -6.56
N LYS B 38 -32.55 32.02 -5.60
CA LYS B 38 -31.42 32.16 -4.70
C LYS B 38 -31.13 30.85 -4.00
N SER B 39 -32.18 30.19 -3.52
CA SER B 39 -32.00 29.02 -2.68
C SER B 39 -31.75 27.73 -3.48
N THR B 40 -32.43 27.51 -4.60
CA THR B 40 -32.10 26.30 -5.37
C THR B 40 -30.72 26.35 -6.01
N GLN B 41 -30.09 27.52 -5.99
CA GLN B 41 -28.78 27.70 -6.61
C GLN B 41 -27.67 27.67 -5.56
N ALA B 42 -27.99 28.03 -4.32
CA ALA B 42 -27.02 27.88 -3.24
C ALA B 42 -26.75 26.42 -3.01
N ALA B 43 -27.75 25.60 -3.27
CA ALA B 43 -27.65 24.18 -3.02
C ALA B 43 -27.17 23.45 -4.24
N ILE B 44 -27.39 24.01 -5.40
CA ILE B 44 -26.94 23.37 -6.61
C ILE B 44 -25.46 23.62 -6.77
N ASP B 45 -25.01 24.85 -6.47
CA ASP B 45 -23.59 25.19 -6.61
C ASP B 45 -22.77 24.27 -5.73
N GLN B 46 -23.27 23.99 -4.53
CA GLN B 46 -22.59 23.11 -3.60
C GLN B 46 -22.43 21.70 -4.18
N ILE B 47 -23.44 21.22 -4.87
CA ILE B 47 -23.32 19.93 -5.53
C ILE B 47 -22.23 19.92 -6.63
N THR B 48 -22.17 20.98 -7.42
CA THR B 48 -21.23 21.08 -8.52
C THR B 48 -19.80 21.08 -8.01
N GLY B 49 -19.58 21.71 -6.86
CA GLY B 49 -18.27 21.74 -6.22
C GLY B 49 -17.84 20.33 -5.87
N LYS B 50 -18.79 19.53 -5.40
CA LYS B 50 -18.56 18.13 -5.06
C LYS B 50 -18.15 17.35 -6.28
N LEU B 51 -18.79 17.64 -7.40
CA LEU B 51 -18.41 17.03 -8.67
C LEU B 51 -17.03 17.44 -9.16
N ASN B 52 -16.67 18.71 -9.02
CA ASN B 52 -15.35 19.13 -9.42
C ASN B 52 -14.27 18.44 -8.60
N ARG B 53 -14.40 18.45 -7.28
CA ARG B 53 -13.49 17.69 -6.41
C ARG B 53 -13.39 16.25 -6.85
N LEU B 54 -14.50 15.68 -7.27
CA LEU B 54 -14.49 14.31 -7.70
C LEU B 54 -13.63 14.04 -8.94
N VAL B 55 -13.77 14.87 -9.96
CA VAL B 55 -13.11 14.63 -11.25
C VAL B 55 -11.84 15.42 -11.45
N GLU B 56 -11.59 16.38 -10.55
CA GLU B 56 -10.38 17.20 -10.63
C GLU B 56 -9.31 16.41 -9.94
N LYS B 57 -8.92 15.31 -10.56
CA LYS B 57 -7.84 14.51 -10.05
C LYS B 57 -6.85 14.32 -11.19
N THR B 58 -5.59 14.59 -10.87
CA THR B 58 -4.49 14.40 -11.80
C THR B 58 -3.69 13.23 -11.28
N ASN B 59 -3.40 12.31 -12.18
CA ASN B 59 -2.89 11.01 -11.82
C ASN B 59 -1.41 10.79 -12.07
N THR B 60 -0.82 10.00 -11.20
CA THR B 60 0.52 9.48 -11.32
C THR B 60 0.64 8.49 -12.47
N GLU B 61 1.78 8.49 -13.16
CA GLU B 61 2.06 7.52 -14.20
C GLU B 61 2.58 6.22 -13.57
N PHE B 62 1.99 5.09 -13.96
CA PHE B 62 2.37 3.79 -13.45
C PHE B 62 2.77 2.95 -14.61
N GLU B 63 3.92 2.29 -14.49
CA GLU B 63 4.40 1.32 -15.47
C GLU B 63 3.98 -0.07 -15.05
N SER B 64 4.35 -1.08 -15.83
CA SER B 64 3.96 -2.44 -15.52
C SER B 64 5.04 -3.23 -14.77
N ILE B 65 4.72 -3.71 -13.58
CA ILE B 65 5.61 -4.57 -12.81
C ILE B 65 5.25 -6.06 -12.90
N GLU B 66 4.14 -6.34 -13.58
CA GLU B 66 3.67 -7.71 -13.81
C GLU B 66 3.65 -8.00 -15.30
N SER B 67 4.25 -9.08 -15.74
CA SER B 67 4.26 -9.35 -17.16
C SER B 67 3.03 -10.13 -17.61
N GLU B 68 2.34 -9.58 -18.58
CA GLU B 68 1.15 -10.17 -19.16
C GLU B 68 1.37 -11.51 -19.90
N PHE B 69 2.47 -11.63 -20.63
CA PHE B 69 2.65 -12.70 -21.61
C PHE B 69 3.77 -13.68 -21.28
N SER B 70 4.45 -13.49 -20.15
CA SER B 70 5.48 -14.43 -19.73
C SER B 70 5.56 -14.67 -18.22
N GLU B 71 6.05 -15.83 -17.83
CA GLU B 71 6.12 -16.18 -16.42
C GLU B 71 7.16 -15.42 -15.61
N ILE B 72 6.66 -14.75 -14.58
CA ILE B 72 7.43 -13.97 -13.63
C ILE B 72 7.86 -14.89 -12.49
N GLU B 73 9.03 -14.64 -11.90
CA GLU B 73 9.52 -15.49 -10.81
C GLU B 73 8.54 -15.54 -9.63
N HIS B 74 8.52 -16.69 -8.95
CA HIS B 74 7.39 -17.05 -8.12
C HIS B 74 7.29 -16.27 -6.82
N GLN B 75 8.40 -16.12 -6.12
CA GLN B 75 8.41 -15.37 -4.88
C GLN B 75 8.05 -13.90 -5.07
N ILE B 76 8.62 -13.25 -6.08
CA ILE B 76 8.39 -11.84 -6.28
C ILE B 76 7.01 -11.55 -6.87
N GLY B 77 6.43 -12.53 -7.54
CA GLY B 77 5.13 -12.38 -8.17
C GLY B 77 4.05 -12.45 -7.14
N ASN B 78 4.32 -13.26 -6.12
CA ASN B 78 3.48 -13.40 -4.95
C ASN B 78 3.47 -12.14 -4.10
N VAL B 79 4.63 -11.51 -3.98
CA VAL B 79 4.78 -10.24 -3.26
C VAL B 79 4.06 -9.11 -3.97
N ILE B 80 3.94 -9.26 -5.29
CA ILE B 80 3.30 -8.26 -6.12
C ILE B 80 1.81 -8.40 -6.02
N ASN B 81 1.32 -9.64 -6.04
CA ASN B 81 -0.10 -9.95 -5.84
C ASN B 81 -0.60 -9.41 -4.53
N TRP B 82 0.14 -9.69 -3.47
CA TRP B 82 -0.27 -9.29 -2.15
C TRP B 82 -0.33 -7.77 -2.07
N THR B 83 0.53 -7.10 -2.81
CA THR B 83 0.55 -5.66 -2.71
C THR B 83 -0.53 -5.12 -3.57
N LYS B 84 -0.77 -5.69 -4.73
CA LYS B 84 -1.85 -5.14 -5.52
C LYS B 84 -3.17 -5.34 -4.78
N ASP B 85 -3.49 -6.57 -4.40
CA ASP B 85 -4.71 -6.85 -3.65
C ASP B 85 -4.89 -5.96 -2.42
N SER B 86 -3.79 -5.57 -1.78
CA SER B 86 -3.87 -4.71 -0.59
C SER B 86 -4.18 -3.29 -0.94
N ILE B 87 -3.57 -2.81 -2.00
CA ILE B 87 -3.80 -1.47 -2.44
C ILE B 87 -5.23 -1.36 -2.95
N THR B 88 -5.74 -2.46 -3.50
CA THR B 88 -7.09 -2.50 -4.05
C THR B 88 -8.14 -2.53 -2.95
N ASP B 89 -7.84 -3.24 -1.87
CA ASP B 89 -8.75 -3.36 -0.73
C ASP B 89 -8.96 -1.98 -0.12
N ILE B 90 -7.90 -1.16 -0.17
CA ILE B 90 -7.87 0.17 0.42
C ILE B 90 -8.65 1.11 -0.46
N TRP B 91 -8.52 0.96 -1.77
CA TRP B 91 -9.19 1.91 -2.65
C TRP B 91 -10.67 1.59 -2.72
N THR B 92 -11.01 0.31 -2.66
CA THR B 92 -12.38 -0.12 -2.56
C THR B 92 -13.01 0.44 -1.29
N TYR B 93 -12.26 0.39 -0.19
CA TYR B 93 -12.71 0.96 1.05
C TYR B 93 -12.92 2.46 0.93
N GLN B 94 -11.91 3.15 0.41
CA GLN B 94 -11.96 4.61 0.26
C GLN B 94 -13.13 5.04 -0.59
N ALA B 95 -13.37 4.34 -1.68
CA ALA B 95 -14.40 4.70 -2.62
C ALA B 95 -15.78 4.52 -2.03
N GLU B 96 -15.95 3.54 -1.14
CA GLU B 96 -17.26 3.32 -0.54
C GLU B 96 -17.49 4.26 0.61
N LEU B 97 -16.42 4.63 1.30
CA LEU B 97 -16.56 5.61 2.37
C LEU B 97 -16.78 7.02 1.79
N LEU B 98 -16.17 7.34 0.66
CA LEU B 98 -16.36 8.67 0.07
C LEU B 98 -17.82 8.88 -0.30
N VAL B 99 -18.34 7.95 -1.08
CA VAL B 99 -19.72 8.00 -1.57
C VAL B 99 -20.74 8.04 -0.44
N ALA B 100 -20.57 7.20 0.58
CA ALA B 100 -21.52 7.16 1.69
C ALA B 100 -21.46 8.45 2.47
N MET B 101 -20.26 8.93 2.74
CA MET B 101 -20.09 10.18 3.45
C MET B 101 -20.61 11.36 2.64
N GLU B 102 -20.29 11.42 1.36
CA GLU B 102 -20.78 12.53 0.53
C GLU B 102 -22.29 12.47 0.41
N ASN B 103 -22.86 11.28 0.26
CA ASN B 103 -24.31 11.15 0.13
C ASN B 103 -25.04 11.62 1.37
N GLN B 104 -24.54 11.28 2.54
CA GLN B 104 -25.19 11.70 3.76
C GLN B 104 -25.20 13.22 3.83
N HIS B 105 -24.04 13.83 3.54
CA HIS B 105 -23.86 15.27 3.58
C HIS B 105 -24.71 16.01 2.56
N THR B 106 -24.81 15.43 1.37
CA THR B 106 -25.60 16.03 0.29
C THR B 106 -27.06 16.12 0.67
N ILE B 107 -27.60 15.04 1.21
CA ILE B 107 -28.99 14.97 1.60
C ILE B 107 -29.30 15.93 2.74
N ASP B 108 -28.45 15.94 3.76
CA ASP B 108 -28.62 16.82 4.92
C ASP B 108 -28.53 18.30 4.53
N MET B 109 -27.61 18.65 3.62
CA MET B 109 -27.44 20.01 3.13
C MET B 109 -28.68 20.51 2.38
N ALA B 110 -29.27 19.63 1.59
CA ALA B 110 -30.47 19.95 0.84
C ALA B 110 -31.59 20.25 1.78
N ASP B 111 -31.62 19.46 2.86
CA ASP B 111 -32.57 19.65 3.94
C ASP B 111 -32.34 21.01 4.55
N SER B 112 -31.08 21.36 4.72
CA SER B 112 -30.69 22.63 5.30
C SER B 112 -31.11 23.81 4.48
N GLU B 113 -30.90 23.70 3.17
CA GLU B 113 -31.24 24.76 2.24
C GLU B 113 -32.74 24.98 2.23
N MET B 114 -33.51 23.91 2.36
CA MET B 114 -34.96 24.06 2.44
C MET B 114 -35.45 24.80 3.68
N LEU B 115 -34.96 24.38 4.84
CA LEU B 115 -35.38 24.93 6.11
C LEU B 115 -35.01 26.41 6.17
N ASN B 116 -33.89 26.74 5.56
CA ASN B 116 -33.40 28.11 5.53
C ASN B 116 -34.35 29.07 4.81
N LEU B 117 -34.97 28.59 3.75
CA LEU B 117 -35.98 29.36 3.02
C LEU B 117 -37.20 29.61 3.92
N TYR B 118 -37.58 28.58 4.65
CA TYR B 118 -38.72 28.61 5.55
C TYR B 118 -38.49 29.66 6.62
N GLU B 119 -37.29 29.66 7.18
CA GLU B 119 -36.97 30.55 8.26
C GLU B 119 -37.00 32.00 7.84
N ARG B 120 -36.45 32.25 6.65
CA ARG B 120 -36.41 33.60 6.11
C ARG B 120 -37.84 34.06 5.88
N VAL B 121 -38.68 33.19 5.34
CA VAL B 121 -40.09 33.55 5.19
C VAL B 121 -40.80 33.74 6.54
N ARG B 122 -40.55 32.86 7.50
CA ARG B 122 -41.22 33.01 8.80
C ARG B 122 -40.84 34.29 9.51
N LYS B 123 -39.57 34.63 9.47
CA LYS B 123 -39.12 35.85 10.10
C LYS B 123 -39.70 37.08 9.40
N GLN B 124 -39.78 37.01 8.09
CA GLN B 124 -40.28 38.10 7.27
C GLN B 124 -41.76 38.39 7.52
N LEU B 125 -42.55 37.32 7.56
CA LEU B 125 -43.97 37.38 7.79
C LEU B 125 -44.21 37.96 9.17
N ARG B 126 -43.33 37.61 10.10
CA ARG B 126 -43.39 38.15 11.45
C ARG B 126 -44.74 37.87 12.13
N GLN B 127 -45.30 38.88 12.77
CA GLN B 127 -46.48 38.69 13.60
C GLN B 127 -47.76 38.75 12.80
N ASN B 128 -47.64 38.73 11.49
CA ASN B 128 -48.80 38.78 10.63
C ASN B 128 -49.19 37.39 10.10
N ALA B 129 -48.56 36.33 10.61
CA ALA B 129 -48.88 34.99 10.12
C ALA B 129 -48.55 33.93 11.15
N GLU B 130 -49.08 32.72 10.96
CA GLU B 130 -48.76 31.61 11.86
C GLU B 130 -48.47 30.32 11.08
N GLU B 131 -47.80 29.38 11.73
CA GLU B 131 -47.38 28.14 11.08
C GLU B 131 -48.29 26.99 11.40
N ASP B 132 -48.64 26.19 10.39
CA ASP B 132 -49.54 25.05 10.59
C ASP B 132 -48.79 23.76 10.86
N GLY B 133 -47.49 23.79 10.68
CA GLY B 133 -46.67 22.64 11.04
C GLY B 133 -46.52 21.61 9.96
N LYS B 134 -47.13 21.89 8.80
CA LYS B 134 -46.93 21.03 7.64
C LYS B 134 -46.32 21.85 6.49
N GLY B 135 -45.74 23.00 6.84
CA GLY B 135 -44.99 23.78 5.91
C GLY B 135 -45.59 25.10 5.46
N CYS B 136 -46.85 25.35 5.82
CA CYS B 136 -47.50 26.58 5.37
C CYS B 136 -47.54 27.68 6.40
N PHE B 137 -47.78 28.89 5.94
CA PHE B 137 -48.09 29.98 6.83
C PHE B 137 -49.51 30.46 6.59
N GLU B 138 -50.39 30.30 7.59
CA GLU B 138 -51.71 30.85 7.47
C GLU B 138 -51.55 32.32 7.71
N ILE B 139 -52.14 33.13 6.84
CA ILE B 139 -51.93 34.56 6.88
C ILE B 139 -53.17 35.25 7.40
N TYR B 140 -52.96 36.13 8.36
CA TYR B 140 -54.04 36.75 9.12
C TYR B 140 -54.39 38.15 8.61
N HIS B 141 -53.95 38.43 7.38
CA HIS B 141 -54.38 39.59 6.60
C HIS B 141 -54.66 39.11 5.16
N ALA B 142 -55.42 39.87 4.39
CA ALA B 142 -55.64 39.46 3.00
C ALA B 142 -54.39 39.76 2.19
N CYS B 143 -53.85 38.75 1.51
CA CYS B 143 -52.65 38.95 0.71
C CYS B 143 -52.91 38.92 -0.78
N ASP B 144 -52.58 40.04 -1.38
CA ASP B 144 -52.70 40.29 -2.80
C ASP B 144 -51.64 39.48 -3.57
N ASP B 145 -51.88 39.18 -4.85
CA ASP B 145 -50.89 38.45 -5.65
C ASP B 145 -49.62 39.26 -5.70
N SER B 146 -49.81 40.57 -5.78
CA SER B 146 -48.72 41.53 -5.68
C SER B 146 -48.03 41.50 -4.30
N CYS B 147 -48.81 41.23 -3.26
CA CYS B 147 -48.29 41.09 -1.91
C CYS B 147 -47.58 39.74 -1.74
N MET B 148 -48.11 38.71 -2.38
CA MET B 148 -47.51 37.39 -2.34
C MET B 148 -46.10 37.40 -2.92
N GLU B 149 -45.88 38.12 -4.01
CA GLU B 149 -44.55 38.15 -4.58
C GLU B 149 -43.64 39.04 -3.75
N SER B 150 -44.21 39.90 -2.91
CA SER B 150 -43.37 40.68 -2.01
C SER B 150 -42.69 39.74 -1.03
N ILE B 151 -43.33 38.60 -0.76
CA ILE B 151 -42.82 37.59 0.15
C ILE B 151 -41.67 36.79 -0.46
N ARG B 152 -41.80 36.47 -1.75
CA ARG B 152 -40.75 35.77 -2.44
C ARG B 152 -39.53 36.66 -2.72
N ASN B 153 -39.75 37.91 -3.11
CA ASN B 153 -38.67 38.86 -3.39
C ASN B 153 -38.03 39.50 -2.18
N ASN B 154 -38.48 39.14 -0.99
CA ASN B 154 -38.13 39.88 0.21
C ASN B 154 -38.54 41.33 0.11
N THR B 155 -39.78 41.55 -0.32
CA THR B 155 -40.29 42.90 -0.47
C THR B 155 -41.34 43.17 0.58
N TYR B 156 -41.85 42.11 1.20
CA TYR B 156 -42.95 42.22 2.17
C TYR B 156 -42.53 43.19 3.25
N ASP B 157 -43.40 44.13 3.58
CA ASP B 157 -43.16 44.96 4.73
C ASP B 157 -44.17 44.49 5.74
N HIS B 158 -43.74 44.24 6.96
CA HIS B 158 -44.65 43.62 7.88
C HIS B 158 -45.43 44.69 8.59
N SER B 159 -44.77 45.82 8.80
CA SER B 159 -45.37 46.93 9.52
C SER B 159 -46.62 47.43 8.80
N GLN B 160 -46.64 47.23 7.49
CA GLN B 160 -47.74 47.70 6.68
C GLN B 160 -49.06 47.03 7.07
N TYR B 161 -49.03 45.71 7.27
CA TYR B 161 -50.25 44.98 7.61
C TYR B 161 -50.35 44.55 9.07
N ARG B 162 -49.50 45.09 9.94
CA ARG B 162 -49.35 44.61 11.32
C ARG B 162 -50.62 44.83 12.14
N GLU B 163 -51.12 46.06 12.08
CA GLU B 163 -52.33 46.47 12.78
C GLU B 163 -53.53 45.67 12.33
N GLU B 164 -53.58 45.41 11.02
CA GLU B 164 -54.67 44.69 10.41
C GLU B 164 -54.67 43.20 10.75
N ALA B 165 -53.48 42.63 10.95
CA ALA B 165 -53.33 41.18 11.11
C ALA B 165 -53.44 40.76 12.57
N LEU B 166 -52.85 41.56 13.45
CA LEU B 166 -52.92 41.30 14.87
C LEU B 166 -54.37 41.22 15.30
N LEU B 167 -55.25 41.88 14.56
CA LEU B 167 -56.65 41.95 14.91
C LEU B 167 -57.36 40.64 14.57
N ASN B 168 -56.95 39.97 13.51
CA ASN B 168 -57.60 38.74 13.10
C ASN B 168 -57.01 37.52 13.82
N ARG B 169 -55.78 37.67 14.31
CA ARG B 169 -55.17 36.61 15.13
C ARG B 169 -55.87 36.58 16.47
N LEU B 170 -56.18 37.76 16.99
CA LEU B 170 -56.79 37.92 18.31
C LEU B 170 -58.31 37.77 18.37
N ASN B 171 -58.99 37.57 17.24
CA ASN B 171 -60.43 37.39 17.30
C ASN B 171 -60.80 36.06 16.65
N ASP C 5 -49.60 23.71 34.65
CA ASP C 5 -49.72 22.90 33.44
C ASP C 5 -48.61 23.09 32.41
N LYS C 6 -47.69 22.15 32.33
CA LYS C 6 -46.65 22.22 31.32
C LYS C 6 -46.18 20.83 30.88
N ILE C 7 -45.74 20.72 29.63
CA ILE C 7 -45.18 19.47 29.14
C ILE C 7 -43.73 19.69 28.82
N CYS C 8 -42.87 18.79 29.27
CA CYS C 8 -41.43 18.92 29.07
C CYS C 8 -40.87 17.91 28.09
N LEU C 9 -39.69 18.19 27.55
CA LEU C 9 -39.06 17.24 26.62
C LEU C 9 -37.65 16.95 27.06
N GLY C 10 -37.19 15.75 26.75
CA GLY C 10 -35.89 15.28 27.22
C GLY C 10 -35.51 13.91 26.75
N HIS C 11 -34.31 13.50 27.16
CA HIS C 11 -33.67 12.29 26.68
C HIS C 11 -33.13 11.46 27.83
N HIS C 12 -32.92 10.17 27.60
CA HIS C 12 -32.39 9.27 28.61
C HIS C 12 -30.88 9.45 28.85
N ALA C 13 -30.42 8.94 29.98
CA ALA C 13 -29.01 8.95 30.39
C ALA C 13 -28.74 7.65 31.18
N VAL C 14 -27.48 7.34 31.43
CA VAL C 14 -27.14 6.18 32.24
C VAL C 14 -26.06 6.51 33.26
N ALA C 15 -25.97 5.75 34.35
CA ALA C 15 -24.96 6.02 35.37
C ALA C 15 -23.51 5.83 34.89
N ASN C 16 -23.26 4.71 34.19
CA ASN C 16 -21.93 4.47 33.64
C ASN C 16 -22.07 4.54 32.13
N GLY C 17 -21.40 5.51 31.54
CA GLY C 17 -21.48 5.70 30.11
C GLY C 17 -20.10 5.52 29.55
N THR C 18 -19.98 4.74 28.50
CA THR C 18 -18.69 4.52 27.86
C THR C 18 -18.15 5.75 27.15
N ILE C 19 -16.83 5.83 27.11
CA ILE C 19 -16.12 6.92 26.48
C ILE C 19 -15.64 6.54 25.09
N VAL C 20 -15.82 7.46 24.16
CA VAL C 20 -15.42 7.30 22.76
C VAL C 20 -14.68 8.54 22.25
N LYS C 21 -13.86 8.40 21.20
CA LYS C 21 -13.26 9.55 20.52
C LYS C 21 -14.17 10.17 19.46
N THR C 22 -14.04 11.48 19.24
CA THR C 22 -14.73 12.15 18.14
C THR C 22 -13.68 12.99 17.46
N LEU C 23 -14.06 13.64 16.36
CA LEU C 23 -13.13 14.44 15.59
C LEU C 23 -12.56 15.59 16.39
N THR C 24 -13.40 16.22 17.20
CA THR C 24 -13.00 17.32 18.08
C THR C 24 -12.81 16.98 19.56
N ASN C 25 -13.22 15.79 19.98
CA ASN C 25 -13.06 15.43 21.38
C ASN C 25 -12.68 13.96 21.61
N GLU C 26 -11.64 13.72 22.41
CA GLU C 26 -11.25 12.34 22.67
C GLU C 26 -11.71 11.81 24.02
N GLN C 27 -12.47 12.60 24.75
CA GLN C 27 -13.02 12.14 26.02
C GLN C 27 -14.53 12.16 26.02
N GLU C 28 -15.13 12.08 24.85
CA GLU C 28 -16.58 12.12 24.76
C GLU C 28 -17.30 10.97 25.50
N GLU C 29 -18.28 11.33 26.30
CA GLU C 29 -19.06 10.34 27.03
C GLU C 29 -20.39 10.11 26.35
N VAL C 30 -20.69 8.83 26.10
CA VAL C 30 -21.83 8.43 25.28
C VAL C 30 -22.61 7.34 26.02
N THR C 31 -23.88 7.16 25.74
CA THR C 31 -24.68 6.18 26.46
C THR C 31 -24.24 4.74 26.23
N ASN C 32 -23.91 4.41 24.99
CA ASN C 32 -23.54 3.06 24.59
C ASN C 32 -22.41 3.08 23.56
N ALA C 33 -21.55 2.05 23.56
CA ALA C 33 -20.56 1.94 22.49
C ALA C 33 -20.12 0.51 22.28
N THR C 34 -19.62 0.22 21.08
CA THR C 34 -19.15 -1.12 20.71
C THR C 34 -17.80 -1.17 19.98
N GLU C 35 -17.06 -2.27 20.15
CA GLU C 35 -15.72 -2.43 19.58
C GLU C 35 -15.65 -2.68 18.09
N THR C 36 -14.73 -2.00 17.42
CA THR C 36 -14.50 -2.27 16.01
C THR C 36 -13.22 -3.07 15.73
N VAL C 37 -12.40 -3.34 16.75
CA VAL C 37 -11.16 -4.08 16.57
C VAL C 37 -11.20 -5.42 17.30
N GLU C 38 -10.97 -6.52 16.59
CA GLU C 38 -11.04 -7.84 17.21
C GLU C 38 -9.76 -8.19 17.97
N SER C 39 -9.88 -8.60 19.21
CA SER C 39 -8.71 -8.80 20.04
C SER C 39 -8.61 -10.22 20.58
N THR C 40 -9.48 -11.10 20.10
CA THR C 40 -9.46 -12.50 20.47
C THR C 40 -9.65 -13.38 19.24
N GLY C 41 -8.98 -14.51 19.24
CA GLY C 41 -9.08 -15.47 18.18
C GLY C 41 -9.16 -16.86 18.71
N ILE C 42 -9.14 -17.84 17.82
CA ILE C 42 -9.28 -19.23 18.21
C ILE C 42 -7.94 -19.94 18.25
N ASN C 43 -7.61 -20.59 19.35
CA ASN C 43 -6.30 -21.24 19.43
C ASN C 43 -6.40 -22.65 18.85
N ARG C 44 -7.24 -22.78 17.83
CA ARG C 44 -7.36 -23.98 17.04
C ARG C 44 -7.31 -23.58 15.57
N LEU C 45 -6.97 -24.49 14.67
CA LEU C 45 -7.11 -24.23 13.25
C LEU C 45 -8.38 -24.86 12.75
N CYS C 46 -9.39 -24.02 12.59
CA CYS C 46 -10.74 -24.39 12.21
C CYS C 46 -10.86 -24.89 10.81
N MET C 47 -10.73 -26.20 10.66
CA MET C 47 -10.64 -26.85 9.38
C MET C 47 -11.92 -27.54 8.93
N LYS C 48 -13.06 -27.22 9.54
CA LYS C 48 -14.30 -27.79 9.04
C LYS C 48 -14.68 -27.22 7.66
N GLY C 49 -15.18 -28.11 6.83
CA GLY C 49 -15.60 -27.77 5.48
C GLY C 49 -14.46 -27.74 4.50
N ARG C 50 -13.26 -28.06 4.98
CA ARG C 50 -12.04 -28.04 4.17
C ARG C 50 -11.38 -29.40 4.11
N LYS C 51 -10.95 -29.82 2.92
CA LYS C 51 -10.15 -31.03 2.75
C LYS C 51 -8.71 -30.65 2.99
N HIS C 52 -8.19 -31.03 4.14
CA HIS C 52 -6.99 -30.43 4.59
C HIS C 52 -5.95 -31.43 4.90
N LYS C 53 -4.70 -30.99 4.86
CA LYS C 53 -3.59 -31.84 5.22
C LYS C 53 -2.77 -31.23 6.33
N ASP C 54 -2.56 -31.98 7.42
CA ASP C 54 -1.66 -31.53 8.47
C ASP C 54 -0.40 -32.32 8.26
N LEU C 55 0.70 -31.66 7.97
CA LEU C 55 1.91 -32.38 7.60
C LEU C 55 2.75 -32.78 8.79
N GLY C 56 2.56 -32.13 9.94
CA GLY C 56 3.41 -32.41 11.08
C GLY C 56 4.87 -32.29 10.74
N ASN C 57 5.55 -33.42 10.88
CA ASN C 57 7.00 -33.65 10.75
C ASN C 57 7.52 -33.28 9.34
N CYS C 58 6.62 -33.37 8.35
CA CYS C 58 6.98 -33.20 6.94
C CYS C 58 7.15 -31.76 6.53
N HIS C 59 8.31 -31.44 5.96
CA HIS C 59 8.45 -30.14 5.32
C HIS C 59 7.87 -30.26 3.96
N PRO C 60 7.29 -29.19 3.44
CA PRO C 60 6.77 -29.34 2.08
C PRO C 60 7.81 -29.80 1.04
N ILE C 61 9.04 -29.38 1.18
CA ILE C 61 10.05 -29.87 0.26
C ILE C 61 10.17 -31.35 0.36
N GLY C 62 10.03 -31.87 1.56
CA GLY C 62 10.25 -33.29 1.81
C GLY C 62 9.31 -34.16 1.00
N MET C 63 8.17 -33.59 0.64
CA MET C 63 7.16 -34.28 -0.11
C MET C 63 7.60 -34.71 -1.51
N LEU C 64 8.29 -33.82 -2.20
CA LEU C 64 8.83 -34.10 -3.53
C LEU C 64 9.97 -35.13 -3.57
N ILE C 65 10.87 -35.08 -2.61
CA ILE C 65 12.01 -35.99 -2.65
C ILE C 65 11.86 -37.26 -1.83
N GLY C 66 10.73 -37.44 -1.13
CA GLY C 66 10.54 -38.58 -0.23
C GLY C 66 11.37 -38.82 1.03
N THR C 67 11.57 -37.80 1.85
CA THR C 67 12.19 -37.98 3.16
C THR C 67 11.34 -38.91 4.03
N PRO C 68 11.93 -39.74 4.88
CA PRO C 68 11.05 -40.69 5.58
C PRO C 68 9.95 -40.05 6.43
N ALA C 69 10.24 -38.89 7.03
CA ALA C 69 9.20 -38.15 7.75
C ALA C 69 7.97 -37.85 6.90
N CYS C 70 8.08 -37.98 5.58
CA CYS C 70 7.02 -37.60 4.68
C CYS C 70 6.31 -38.78 4.02
N ASP C 71 6.59 -39.99 4.46
CA ASP C 71 6.11 -41.18 3.76
C ASP C 71 4.59 -41.21 3.64
N LEU C 72 3.90 -40.67 4.64
CA LEU C 72 2.44 -40.50 4.66
C LEU C 72 1.97 -39.39 3.67
N HIS C 73 2.89 -38.51 3.24
CA HIS C 73 2.51 -37.37 2.39
C HIS C 73 3.09 -37.26 0.98
N LEU C 74 3.49 -38.38 0.40
CA LEU C 74 4.06 -38.43 -0.93
C LEU C 74 3.09 -38.05 -2.05
N THR C 75 1.82 -38.45 -1.96
CA THR C 75 0.77 -38.04 -2.91
C THR C 75 -0.48 -37.63 -2.14
N GLY C 76 -1.27 -36.69 -2.68
CA GLY C 76 -2.47 -36.26 -2.01
C GLY C 76 -3.37 -35.32 -2.79
N MET C 77 -4.56 -35.03 -2.25
CA MET C 77 -5.31 -33.85 -2.66
C MET C 77 -5.76 -33.07 -1.42
N TRP C 78 -5.76 -31.75 -1.51
CA TRP C 78 -6.16 -30.92 -0.41
C TRP C 78 -6.58 -29.56 -0.92
N ASP C 79 -7.36 -28.81 -0.16
CA ASP C 79 -7.55 -27.38 -0.44
C ASP C 79 -6.82 -26.47 0.55
N THR C 80 -6.29 -27.07 1.62
CA THR C 80 -5.51 -26.36 2.63
C THR C 80 -4.32 -27.23 2.95
N LEU C 81 -3.14 -26.66 3.04
CA LEU C 81 -1.94 -27.39 3.47
C LEU C 81 -1.29 -26.72 4.66
N ILE C 82 -0.96 -27.51 5.70
CA ILE C 82 -0.42 -26.96 6.92
C ILE C 82 0.99 -27.42 7.21
N GLU C 83 1.89 -26.47 7.38
CA GLU C 83 3.28 -26.74 7.64
C GLU C 83 3.46 -26.49 9.10
N ARG C 84 4.27 -27.31 9.76
CA ARG C 84 4.44 -27.21 11.19
C ARG C 84 5.83 -26.82 11.49
N GLU C 85 6.05 -26.27 12.67
CA GLU C 85 7.34 -25.77 13.08
C GLU C 85 8.35 -26.92 13.07
N ASN C 86 9.57 -26.66 12.64
CA ASN C 86 10.56 -27.71 12.68
C ASN C 86 10.14 -29.00 11.92
N ALA C 87 9.56 -28.80 10.74
CA ALA C 87 9.31 -29.89 9.82
C ALA C 87 10.62 -30.32 9.18
N ILE C 88 10.70 -31.57 8.75
CA ILE C 88 11.95 -32.08 8.20
C ILE C 88 11.91 -32.21 6.70
N ALA C 89 12.86 -31.59 6.00
CA ALA C 89 12.99 -31.81 4.56
C ALA C 89 14.16 -32.70 4.25
N TYR C 90 15.19 -32.66 5.07
CA TYR C 90 16.38 -33.35 4.68
C TYR C 90 16.84 -34.27 5.77
N CYS C 91 16.81 -35.49 5.36
CA CYS C 91 17.30 -36.65 5.97
C CYS C 91 18.83 -36.73 5.75
N TYR C 92 19.29 -36.66 4.50
CA TYR C 92 20.71 -36.60 4.22
C TYR C 92 21.00 -35.08 4.02
N PRO C 93 21.99 -34.51 4.74
CA PRO C 93 22.18 -33.05 4.77
C PRO C 93 22.42 -32.39 3.41
N GLY C 94 21.71 -31.31 3.17
CA GLY C 94 21.69 -30.74 1.85
C GLY C 94 21.04 -29.39 1.84
N ALA C 95 20.94 -28.79 0.67
CA ALA C 95 20.22 -27.55 0.49
C ALA C 95 19.59 -27.56 -0.89
N THR C 96 18.52 -26.79 -1.07
CA THR C 96 17.81 -26.76 -2.33
C THR C 96 17.87 -25.35 -2.92
N VAL C 97 18.16 -25.27 -4.21
CA VAL C 97 18.15 -23.99 -4.92
C VAL C 97 16.74 -23.41 -5.03
N ASN C 98 16.66 -22.11 -4.84
CA ASN C 98 15.37 -21.41 -4.90
C ASN C 98 14.41 -22.12 -3.97
N VAL C 99 14.87 -22.38 -2.76
CA VAL C 99 14.08 -23.18 -1.86
C VAL C 99 12.77 -22.53 -1.47
N GLU C 100 12.78 -21.22 -1.19
CA GLU C 100 11.56 -20.55 -0.78
C GLU C 100 10.56 -20.55 -1.91
N ALA C 101 11.03 -20.30 -3.13
CA ALA C 101 10.13 -20.24 -4.27
C ALA C 101 9.42 -21.56 -4.51
N LEU C 102 10.14 -22.67 -4.42
CA LEU C 102 9.55 -24.00 -4.52
C LEU C 102 8.61 -24.29 -3.36
N ARG C 103 9.02 -23.95 -2.13
CA ARG C 103 8.18 -24.21 -0.98
C ARG C 103 6.86 -23.47 -1.12
N GLN C 104 6.92 -22.25 -1.63
CA GLN C 104 5.72 -21.43 -1.80
C GLN C 104 4.79 -22.08 -2.80
N LYS C 105 5.38 -22.66 -3.85
CA LYS C 105 4.63 -23.29 -4.91
C LYS C 105 3.84 -24.50 -4.45
N ILE C 106 4.48 -25.35 -3.63
CA ILE C 106 3.83 -26.52 -3.07
C ILE C 106 2.70 -26.09 -2.16
N MET C 107 2.94 -25.05 -1.37
CA MET C 107 1.95 -24.51 -0.44
C MET C 107 0.74 -23.91 -1.16
N GLU C 108 0.91 -23.57 -2.43
CA GLU C 108 -0.13 -22.99 -3.26
C GLU C 108 -0.86 -24.09 -4.02
N SER C 109 -0.38 -25.33 -3.90
CA SER C 109 -0.94 -26.42 -4.67
C SER C 109 -2.16 -26.99 -4.00
N GLY C 110 -2.97 -27.72 -4.74
CA GLY C 110 -4.12 -28.42 -4.20
C GLY C 110 -3.94 -29.92 -4.29
N GLY C 111 -2.71 -30.36 -4.41
CA GLY C 111 -2.40 -31.77 -4.45
C GLY C 111 -1.08 -32.10 -5.12
N ILE C 112 -0.60 -33.31 -4.91
CA ILE C 112 0.58 -33.86 -5.56
C ILE C 112 0.32 -35.26 -6.14
N ASN C 113 0.79 -35.49 -7.34
CA ASN C 113 0.76 -36.81 -7.94
C ASN C 113 2.15 -37.14 -8.41
N LYS C 114 2.52 -38.40 -8.30
CA LYS C 114 3.87 -38.85 -8.60
C LYS C 114 3.88 -39.74 -9.83
N ILE C 115 4.82 -39.49 -10.74
CA ILE C 115 4.97 -40.28 -11.97
C ILE C 115 6.36 -40.87 -12.08
N SER C 116 6.48 -42.16 -12.41
CA SER C 116 7.83 -42.74 -12.54
C SER C 116 8.55 -42.22 -13.73
N THR C 117 9.82 -41.86 -13.52
CA THR C 117 10.69 -41.48 -14.61
C THR C 117 10.97 -42.65 -15.53
N GLY C 118 11.06 -43.83 -14.96
CA GLY C 118 11.36 -45.03 -15.72
C GLY C 118 12.84 -45.33 -15.95
N PHE C 119 13.73 -44.63 -15.25
CA PHE C 119 15.15 -44.80 -15.42
C PHE C 119 15.63 -46.22 -15.07
N THR C 120 16.53 -46.77 -15.87
CA THR C 120 17.11 -48.09 -15.65
C THR C 120 18.62 -48.03 -15.83
N TYR C 121 19.35 -48.76 -15.00
CA TYR C 121 20.79 -48.65 -15.03
C TYR C 121 21.47 -49.99 -15.28
N GLY C 122 22.55 -49.97 -16.06
CA GLY C 122 23.30 -51.18 -16.34
C GLY C 122 23.91 -51.86 -15.14
N SER C 123 24.65 -52.93 -15.40
CA SER C 123 25.14 -53.79 -14.33
C SER C 123 26.24 -53.10 -13.54
N SER C 124 26.86 -52.07 -14.10
CA SER C 124 27.96 -51.39 -13.44
C SER C 124 27.46 -50.43 -12.37
N ILE C 125 26.20 -50.05 -12.46
CA ILE C 125 25.66 -49.13 -11.50
C ILE C 125 24.89 -49.85 -10.42
N ASN C 126 25.07 -49.37 -9.21
CA ASN C 126 24.29 -49.78 -8.05
C ASN C 126 23.27 -48.68 -7.71
N SER C 127 21.99 -48.99 -7.85
CA SER C 127 20.94 -47.98 -7.83
C SER C 127 20.48 -47.72 -6.43
N ALA C 128 21.01 -48.50 -5.49
CA ALA C 128 20.37 -48.60 -4.20
C ALA C 128 21.29 -48.26 -3.05
N GLY C 129 21.87 -47.07 -3.06
CA GLY C 129 22.70 -46.68 -1.94
C GLY C 129 21.78 -46.25 -0.85
N THR C 130 22.16 -46.51 0.40
CA THR C 130 21.34 -46.14 1.53
C THR C 130 22.26 -45.46 2.54
N THR C 131 21.71 -45.02 3.66
CA THR C 131 22.48 -44.34 4.69
C THR C 131 21.70 -44.39 5.99
N ARG C 132 22.37 -44.24 7.12
CA ARG C 132 21.68 -44.25 8.41
C ARG C 132 21.17 -42.89 8.80
N ALA C 133 21.39 -41.92 7.94
CA ALA C 133 20.81 -40.61 8.04
C ALA C 133 19.39 -40.64 7.50
N CYS C 134 19.07 -41.69 6.78
CA CYS C 134 17.74 -41.81 6.23
C CYS C 134 17.22 -43.11 6.69
N MET C 135 16.80 -43.19 7.94
CA MET C 135 16.35 -44.46 8.47
C MET C 135 14.90 -44.67 8.12
N ARG C 136 14.56 -45.91 7.82
CA ARG C 136 13.19 -46.28 7.50
C ARG C 136 12.92 -47.70 7.92
N ASN C 137 12.11 -47.82 8.97
CA ASN C 137 11.78 -49.09 9.66
C ASN C 137 13.02 -49.88 10.17
N GLY C 138 13.71 -49.31 11.16
CA GLY C 138 14.95 -49.86 11.69
C GLY C 138 16.02 -50.15 10.64
N GLY C 139 15.79 -49.68 9.43
CA GLY C 139 16.67 -49.94 8.31
C GLY C 139 17.17 -48.73 7.54
N ASN C 140 18.47 -48.72 7.29
CA ASN C 140 19.10 -47.73 6.43
C ASN C 140 18.33 -47.59 5.14
N SER C 141 18.25 -46.37 4.61
CA SER C 141 17.43 -46.13 3.45
C SER C 141 17.84 -44.84 2.80
N PHE C 142 16.94 -44.27 2.00
CA PHE C 142 17.24 -43.07 1.21
C PHE C 142 15.94 -42.36 0.77
N TYR C 143 16.05 -41.09 0.39
CA TYR C 143 14.92 -40.36 -0.14
C TYR C 143 14.10 -41.24 -1.06
N ALA C 144 12.79 -41.29 -0.88
CA ALA C 144 11.97 -42.31 -1.54
C ALA C 144 11.78 -42.08 -3.02
N GLU C 145 11.92 -40.84 -3.47
CA GLU C 145 11.73 -40.53 -4.88
C GLU C 145 13.02 -40.37 -5.67
N LEU C 146 14.16 -40.45 -4.98
CA LEU C 146 15.45 -40.32 -5.63
C LEU C 146 16.23 -41.61 -5.47
N LYS C 147 17.17 -41.84 -6.39
CA LYS C 147 18.06 -42.96 -6.26
C LYS C 147 19.50 -42.48 -6.22
N TRP C 148 20.27 -43.01 -5.28
CA TRP C 148 21.66 -42.68 -5.15
C TRP C 148 22.43 -43.72 -5.94
N LEU C 149 23.19 -43.28 -6.92
CA LEU C 149 23.87 -44.18 -7.82
C LEU C 149 25.35 -44.19 -7.49
N VAL C 150 25.93 -45.36 -7.37
CA VAL C 150 27.33 -45.48 -7.05
C VAL C 150 27.87 -46.58 -7.91
N SER C 151 29.18 -46.69 -8.08
CA SER C 151 29.69 -47.81 -8.85
C SER C 151 29.39 -49.10 -8.12
N LYS C 152 29.01 -50.16 -8.82
CA LYS C 152 28.82 -51.46 -8.19
C LYS C 152 30.12 -52.02 -7.61
N SER C 153 31.20 -51.99 -8.39
CA SER C 153 32.46 -52.40 -7.83
C SER C 153 33.16 -51.13 -7.32
N LYS C 154 33.56 -51.13 -6.06
CA LYS C 154 34.11 -49.95 -5.44
C LYS C 154 35.41 -49.49 -6.09
N GLY C 155 35.51 -48.19 -6.32
CA GLY C 155 36.73 -47.59 -6.81
C GLY C 155 36.84 -47.58 -8.30
N GLN C 156 35.97 -48.34 -8.97
CA GLN C 156 35.98 -48.38 -10.42
C GLN C 156 35.20 -47.21 -11.02
N ASN C 157 35.66 -46.68 -12.14
CA ASN C 157 35.00 -45.53 -12.72
C ASN C 157 33.53 -45.80 -13.05
N PHE C 158 32.66 -44.95 -12.50
CA PHE C 158 31.25 -44.93 -12.82
C PHE C 158 31.13 -44.74 -14.31
N PRO C 159 30.29 -45.53 -14.97
CA PRO C 159 30.11 -45.47 -16.42
C PRO C 159 29.33 -44.25 -16.91
N GLN C 160 29.65 -43.77 -18.10
CA GLN C 160 28.93 -42.65 -18.66
C GLN C 160 27.55 -43.14 -19.04
N THR C 161 26.54 -42.46 -18.49
CA THR C 161 25.13 -42.90 -18.55
C THR C 161 24.20 -41.79 -18.98
N THR C 162 23.22 -42.11 -19.80
CA THR C 162 22.30 -41.11 -20.28
C THR C 162 20.88 -41.51 -19.92
N ASN C 163 20.14 -40.60 -19.30
CA ASN C 163 18.78 -40.92 -18.87
C ASN C 163 17.80 -39.88 -19.34
N THR C 164 16.68 -40.31 -19.94
CA THR C 164 15.69 -39.35 -20.42
C THR C 164 14.29 -39.57 -19.86
N TYR C 165 13.70 -38.53 -19.30
CA TYR C 165 12.33 -38.61 -18.88
C TYR C 165 11.49 -37.78 -19.82
N ARG C 166 10.41 -38.37 -20.34
CA ARG C 166 9.52 -37.63 -21.23
C ARG C 166 8.16 -37.41 -20.59
N ASN C 167 7.73 -36.16 -20.55
CA ASN C 167 6.45 -35.87 -19.96
C ASN C 167 5.38 -36.06 -21.02
N THR C 168 4.56 -37.07 -20.83
CA THR C 168 3.58 -37.47 -21.82
C THR C 168 2.19 -37.04 -21.42
N ASP C 169 2.14 -36.05 -20.52
CA ASP C 169 0.93 -35.61 -19.85
C ASP C 169 0.43 -34.29 -20.45
N THR C 170 -0.67 -33.76 -19.93
CA THR C 170 -1.20 -32.49 -20.38
C THR C 170 -0.76 -31.31 -19.53
N ALA C 171 -0.09 -31.57 -18.42
CA ALA C 171 0.33 -30.51 -17.49
C ALA C 171 1.80 -30.60 -17.12
N GLU C 172 2.39 -29.49 -16.66
CA GLU C 172 3.81 -29.51 -16.29
C GLU C 172 4.10 -30.45 -15.12
N HIS C 173 5.35 -30.87 -15.02
CA HIS C 173 5.81 -31.76 -13.96
C HIS C 173 7.00 -31.15 -13.25
N LEU C 174 7.17 -31.47 -11.98
CA LEU C 174 8.27 -30.95 -11.27
C LEU C 174 9.28 -32.04 -11.01
N ILE C 175 10.38 -32.04 -11.74
CA ILE C 175 11.41 -33.04 -11.57
C ILE C 175 12.47 -32.46 -10.70
N MET C 176 12.96 -33.26 -9.75
CA MET C 176 14.08 -32.94 -8.87
C MET C 176 15.20 -33.97 -8.92
N TRP C 177 16.44 -33.50 -8.71
CA TRP C 177 17.61 -34.36 -8.66
C TRP C 177 18.59 -33.73 -7.71
N GLY C 178 19.64 -34.43 -7.36
CA GLY C 178 20.63 -33.86 -6.47
C GLY C 178 22.04 -34.07 -6.99
N ILE C 179 22.98 -33.28 -6.54
CA ILE C 179 24.37 -33.50 -6.85
C ILE C 179 25.08 -33.83 -5.55
N HIS C 180 25.75 -34.97 -5.51
CA HIS C 180 26.34 -35.45 -4.27
C HIS C 180 27.71 -34.82 -4.11
N HIS C 181 27.95 -34.14 -3.00
CA HIS C 181 29.27 -33.58 -2.76
C HIS C 181 29.96 -34.32 -1.64
N PRO C 182 30.97 -35.14 -1.98
CA PRO C 182 31.64 -35.98 -1.00
C PRO C 182 32.50 -35.17 -0.05
N SER C 183 32.88 -35.83 1.02
CA SER C 183 33.57 -35.19 2.11
C SER C 183 35.06 -35.42 2.04
N SER C 184 35.49 -36.30 1.11
CA SER C 184 36.87 -36.70 1.03
C SER C 184 37.27 -37.29 -0.35
N THR C 185 38.55 -37.24 -0.70
CA THR C 185 38.97 -37.84 -1.95
C THR C 185 38.82 -39.35 -1.92
N GLN C 186 39.06 -39.92 -0.75
CA GLN C 186 38.94 -41.34 -0.58
C GLN C 186 37.51 -41.76 -0.94
N GLU C 187 36.55 -41.15 -0.26
CA GLU C 187 35.16 -41.47 -0.50
C GLU C 187 34.69 -41.18 -1.92
N LYS C 188 35.15 -40.08 -2.52
CA LYS C 188 34.78 -39.84 -3.89
C LYS C 188 35.29 -40.94 -4.79
N ASN C 189 36.53 -41.35 -4.59
CA ASN C 189 37.13 -42.39 -5.42
C ASN C 189 36.41 -43.72 -5.26
N THR C 190 36.05 -44.08 -4.04
CA THR C 190 35.33 -45.32 -3.74
C THR C 190 33.98 -45.34 -4.41
N LEU C 191 33.24 -44.24 -4.30
CA LEU C 191 31.91 -44.16 -4.88
C LEU C 191 31.85 -44.11 -6.40
N TYR C 192 32.72 -43.31 -7.03
CA TYR C 192 32.64 -43.04 -8.47
C TYR C 192 33.94 -43.23 -9.31
N GLY C 193 35.04 -43.57 -8.67
CA GLY C 193 36.33 -43.70 -9.34
C GLY C 193 37.23 -42.47 -9.31
N THR C 194 38.42 -42.57 -9.93
CA THR C 194 39.41 -41.49 -9.86
C THR C 194 39.13 -40.47 -10.93
N GLN C 195 38.20 -40.77 -11.82
CA GLN C 195 37.98 -39.94 -13.00
C GLN C 195 37.43 -38.58 -12.65
N SER C 196 37.51 -37.65 -13.58
CA SER C 196 36.83 -36.38 -13.45
C SER C 196 35.34 -36.49 -13.71
N LEU C 197 34.53 -35.85 -12.87
CA LEU C 197 33.08 -36.04 -12.85
C LEU C 197 32.28 -34.83 -13.34
N SER C 198 31.31 -35.08 -14.22
CA SER C 198 30.43 -34.03 -14.70
C SER C 198 28.99 -34.52 -14.81
N ILE C 199 28.04 -33.67 -14.46
CA ILE C 199 26.61 -33.97 -14.59
C ILE C 199 25.92 -32.85 -15.32
N SER C 200 25.31 -33.18 -16.45
CA SER C 200 24.63 -32.13 -17.18
C SER C 200 23.20 -32.55 -17.41
N VAL C 201 22.33 -31.58 -17.25
CA VAL C 201 20.90 -31.77 -17.25
C VAL C 201 20.36 -30.79 -18.26
N GLY C 202 19.34 -31.18 -19.01
CA GLY C 202 18.71 -30.22 -19.87
C GLY C 202 17.40 -30.62 -20.47
N SER C 203 16.53 -29.62 -20.59
CA SER C 203 15.25 -29.77 -21.27
C SER C 203 15.17 -28.64 -22.25
N SER C 204 14.02 -28.46 -22.88
CA SER C 204 13.84 -27.33 -23.78
C SER C 204 13.89 -26.01 -23.03
N THR C 205 13.68 -26.07 -21.72
CA THR C 205 13.69 -24.88 -20.88
C THR C 205 14.85 -24.81 -19.87
N TYR C 206 15.68 -25.85 -19.79
CA TYR C 206 16.78 -25.89 -18.83
C TYR C 206 18.07 -26.40 -19.45
N ARG C 207 19.21 -25.73 -19.19
CA ARG C 207 20.55 -26.27 -19.46
C ARG C 207 21.48 -25.93 -18.30
N ASN C 208 22.19 -26.92 -17.77
CA ASN C 208 23.16 -26.72 -16.69
C ASN C 208 24.18 -27.84 -16.59
N ASN C 209 25.31 -27.54 -15.96
CA ASN C 209 26.33 -28.52 -15.64
C ASN C 209 26.65 -28.40 -14.16
N PHE C 210 26.87 -29.54 -13.54
CA PHE C 210 27.20 -29.64 -12.13
C PHE C 210 28.45 -30.50 -11.96
N VAL C 211 29.24 -30.23 -10.93
CA VAL C 211 30.43 -31.03 -10.68
C VAL C 211 30.54 -31.31 -9.20
N PRO C 212 30.53 -32.59 -8.82
CA PRO C 212 30.68 -32.86 -7.40
C PRO C 212 32.00 -32.34 -6.94
N VAL C 213 32.04 -31.72 -5.77
CA VAL C 213 33.26 -31.20 -5.22
C VAL C 213 33.54 -31.72 -3.83
N VAL C 214 34.77 -32.20 -3.65
CA VAL C 214 35.20 -32.71 -2.37
C VAL C 214 35.79 -31.63 -1.49
N GLY C 215 35.21 -31.45 -0.32
CA GLY C 215 35.76 -30.62 0.71
C GLY C 215 35.32 -31.14 2.07
N ALA C 216 36.15 -30.95 3.09
CA ALA C 216 35.76 -31.30 4.46
C ALA C 216 34.72 -30.32 5.03
N ARG C 217 33.77 -30.88 5.77
CA ARG C 217 32.66 -30.12 6.31
C ARG C 217 32.27 -30.66 7.67
N PRO C 218 31.58 -29.86 8.50
CA PRO C 218 31.02 -30.38 9.76
C PRO C 218 29.97 -31.47 9.54
N GLN C 219 29.89 -32.45 10.45
CA GLN C 219 28.89 -33.48 10.32
C GLN C 219 27.51 -32.97 10.68
N VAL C 220 26.55 -33.25 9.82
CA VAL C 220 25.15 -33.00 10.08
C VAL C 220 24.45 -34.33 9.89
N ASN C 221 23.72 -34.80 10.90
CA ASN C 221 23.14 -36.14 10.89
C ASN C 221 24.27 -37.19 10.70
N GLY C 222 25.43 -36.90 11.29
CA GLY C 222 26.56 -37.80 11.26
C GLY C 222 27.41 -37.79 10.00
N LEU C 223 26.98 -37.00 9.02
CA LEU C 223 27.62 -37.01 7.71
C LEU C 223 28.31 -35.70 7.38
N SER C 224 29.53 -35.79 6.85
CA SER C 224 30.23 -34.60 6.39
C SER C 224 29.85 -34.27 4.96
N SER C 225 29.27 -35.23 4.26
CA SER C 225 28.96 -34.97 2.89
C SER C 225 27.63 -34.26 2.74
N ARG C 226 27.36 -33.77 1.54
CA ARG C 226 26.16 -33.04 1.20
C ARG C 226 25.58 -33.50 -0.09
N ILE C 227 24.32 -33.15 -0.29
CA ILE C 227 23.59 -33.22 -1.55
C ILE C 227 22.97 -31.87 -1.88
N ASP C 228 23.21 -31.30 -3.05
CA ASP C 228 22.52 -30.08 -3.42
C ASP C 228 21.29 -30.44 -4.22
N PHE C 229 20.16 -29.84 -3.91
CA PHE C 229 18.98 -30.18 -4.69
C PHE C 229 18.66 -29.10 -5.72
N HIS C 230 18.17 -29.54 -6.86
CA HIS C 230 17.92 -28.67 -7.99
C HIS C 230 16.60 -29.09 -8.56
N TRP C 231 15.94 -28.19 -9.29
CA TRP C 231 14.61 -28.49 -9.82
C TRP C 231 14.24 -27.62 -10.99
N THR C 232 13.38 -28.15 -11.85
CA THR C 232 12.85 -27.38 -12.94
C THR C 232 11.47 -27.93 -13.32
N LEU C 233 10.66 -27.12 -13.97
CA LEU C 233 9.40 -27.57 -14.52
C LEU C 233 9.59 -28.10 -15.94
N VAL C 234 8.99 -29.25 -16.24
CA VAL C 234 9.12 -29.89 -17.55
C VAL C 234 7.80 -29.84 -18.26
N GLN C 235 7.68 -29.01 -19.28
CA GLN C 235 6.39 -28.75 -19.89
C GLN C 235 5.80 -29.98 -20.54
N PRO C 236 4.48 -30.00 -20.76
CA PRO C 236 3.87 -31.10 -21.51
C PRO C 236 4.52 -31.31 -22.88
N GLY C 237 4.96 -32.52 -23.12
CA GLY C 237 5.47 -32.88 -24.43
C GLY C 237 6.97 -32.74 -24.51
N ASP C 238 7.58 -32.11 -23.51
CA ASP C 238 9.02 -31.88 -23.53
C ASP C 238 9.73 -33.03 -22.79
N ASN C 239 11.04 -33.15 -23.02
CA ASN C 239 11.94 -34.17 -22.44
C ASN C 239 13.07 -33.56 -21.62
N ILE C 240 13.55 -34.25 -20.59
CA ILE C 240 14.67 -33.72 -19.85
C ILE C 240 15.64 -34.83 -19.67
N THR C 241 16.90 -34.57 -19.97
CA THR C 241 17.90 -35.62 -20.10
C THR C 241 19.05 -35.35 -19.14
N PHE C 242 19.51 -36.40 -18.48
CA PHE C 242 20.64 -36.30 -17.58
C PHE C 242 21.82 -37.00 -18.20
N SER C 243 22.90 -36.29 -18.44
CA SER C 243 24.14 -36.90 -18.85
C SER C 243 25.12 -36.83 -17.70
N HIS C 244 25.62 -37.96 -17.25
CA HIS C 244 26.36 -38.06 -15.99
C HIS C 244 27.27 -39.27 -15.89
N ASN C 245 28.32 -39.14 -15.09
CA ASN C 245 29.25 -40.25 -14.89
C ASN C 245 29.76 -40.34 -13.46
N GLY C 246 28.94 -39.93 -12.49
CA GLY C 246 29.23 -40.05 -11.08
C GLY C 246 28.74 -38.83 -10.32
N GLY C 247 27.88 -39.01 -9.34
CA GLY C 247 27.44 -37.89 -8.52
C GLY C 247 26.00 -37.47 -8.66
N LEU C 248 25.26 -38.09 -9.58
CA LEU C 248 23.87 -37.70 -9.73
C LEU C 248 23.03 -38.48 -8.73
N ILE C 249 22.26 -37.77 -7.94
CA ILE C 249 21.19 -38.36 -7.18
C ILE C 249 19.99 -38.21 -8.10
N ALA C 250 19.59 -39.30 -8.76
CA ALA C 250 18.65 -39.22 -9.87
C ALA C 250 17.20 -39.46 -9.46
N PRO C 251 16.25 -38.76 -10.11
CA PRO C 251 14.85 -38.95 -9.74
C PRO C 251 14.27 -40.31 -10.17
N SER C 252 13.53 -41.00 -9.30
CA SER C 252 12.87 -42.22 -9.72
C SER C 252 11.40 -41.96 -9.92
N ARG C 253 10.90 -40.85 -9.38
CA ARG C 253 9.54 -40.40 -9.66
C ARG C 253 9.56 -38.89 -9.81
N VAL C 254 8.76 -38.30 -10.70
CA VAL C 254 8.60 -36.84 -10.76
C VAL C 254 7.29 -36.44 -10.11
N SER C 255 7.08 -35.15 -9.86
CA SER C 255 5.85 -34.71 -9.22
C SER C 255 4.98 -33.89 -10.13
N LYS C 256 3.74 -33.73 -9.73
CA LYS C 256 2.82 -32.90 -10.46
C LYS C 256 2.01 -32.21 -9.40
N LEU C 257 2.00 -30.89 -9.42
CA LEU C 257 1.18 -30.18 -8.47
C LEU C 257 -0.15 -29.90 -9.20
N ILE C 258 -1.22 -29.85 -8.44
CA ILE C 258 -2.55 -29.97 -8.98
C ILE C 258 -3.45 -28.97 -8.30
N GLY C 259 -4.08 -28.11 -9.07
CA GLY C 259 -5.02 -27.14 -8.55
C GLY C 259 -4.42 -26.11 -7.61
N ARG C 260 -5.23 -25.62 -6.69
CA ARG C 260 -4.87 -24.60 -5.73
C ARG C 260 -5.46 -24.76 -4.36
N GLY C 261 -4.61 -24.44 -3.41
CA GLY C 261 -4.87 -24.62 -2.00
C GLY C 261 -4.28 -23.43 -1.30
N LEU C 262 -4.59 -23.29 -0.02
CA LEU C 262 -4.12 -22.23 0.81
C LEU C 262 -3.09 -22.78 1.78
N GLY C 263 -1.90 -22.24 1.78
CA GLY C 263 -0.86 -22.75 2.65
C GLY C 263 -0.90 -22.00 3.95
N ILE C 264 -0.68 -22.70 5.05
CA ILE C 264 -0.79 -22.17 6.40
C ILE C 264 0.37 -22.65 7.23
N GLN C 265 1.12 -21.72 7.82
CA GLN C 265 2.16 -22.07 8.78
C GLN C 265 1.67 -21.82 10.21
N SER C 266 1.65 -22.84 11.06
CA SER C 266 0.94 -22.72 12.31
C SER C 266 1.46 -23.54 13.51
N ASP C 267 1.20 -23.03 14.71
CA ASP C 267 1.49 -23.74 15.94
C ASP C 267 0.29 -24.38 16.55
N ALA C 268 -0.88 -24.10 15.98
CA ALA C 268 -2.16 -24.54 16.53
C ALA C 268 -2.53 -25.95 16.21
N PRO C 269 -3.23 -26.61 17.15
CA PRO C 269 -3.90 -27.90 16.90
C PRO C 269 -5.12 -27.75 16.02
N ILE C 270 -5.35 -28.76 15.20
CA ILE C 270 -6.46 -28.79 14.28
C ILE C 270 -7.76 -28.97 15.00
N ASP C 271 -8.79 -28.27 14.54
CA ASP C 271 -10.12 -28.55 15.01
C ASP C 271 -11.02 -28.68 13.83
N ASN C 272 -11.54 -29.88 13.64
CA ASN C 272 -12.41 -30.14 12.51
C ASN C 272 -13.86 -29.82 12.74
N ASN C 273 -14.26 -29.57 13.97
CA ASN C 273 -15.58 -29.03 14.17
C ASN C 273 -15.90 -27.57 13.82
N CYS C 274 -15.05 -26.60 14.18
CA CYS C 274 -15.30 -25.19 13.79
C CYS C 274 -14.88 -24.87 12.34
N GLU C 275 -15.56 -23.92 11.73
CA GLU C 275 -15.12 -23.46 10.41
C GLU C 275 -14.81 -21.96 10.35
N SER C 276 -13.78 -21.63 9.58
CA SER C 276 -13.21 -20.30 9.54
C SER C 276 -12.63 -19.99 8.18
N LYS C 277 -12.24 -18.73 7.96
CA LYS C 277 -11.67 -18.29 6.68
C LYS C 277 -10.40 -17.52 6.84
N CYS C 278 -10.06 -17.23 8.08
CA CYS C 278 -8.89 -16.43 8.41
C CYS C 278 -8.02 -17.15 9.44
N PHE C 279 -6.72 -17.23 9.15
CA PHE C 279 -5.80 -18.04 9.92
C PHE C 279 -4.49 -17.32 10.21
N TRP C 280 -3.77 -17.78 11.21
CA TRP C 280 -2.46 -17.25 11.49
C TRP C 280 -1.68 -18.29 12.27
N ARG C 281 -0.51 -17.91 12.71
CA ARG C 281 0.31 -18.82 13.47
C ARG C 281 -0.43 -19.38 14.67
N GLY C 282 -1.14 -18.51 15.37
CA GLY C 282 -1.78 -18.86 16.60
C GLY C 282 -3.05 -19.67 16.44
N GLY C 283 -3.60 -19.72 15.24
CA GLY C 283 -4.81 -20.48 14.99
C GLY C 283 -5.73 -19.78 14.01
N SER C 284 -7.00 -19.61 14.35
CA SER C 284 -8.00 -19.04 13.46
C SER C 284 -8.64 -17.75 13.99
N ILE C 285 -9.26 -16.98 13.10
CA ILE C 285 -9.98 -15.76 13.50
C ILE C 285 -11.40 -15.73 12.96
N ASN C 286 -12.39 -15.88 13.83
CA ASN C 286 -13.79 -15.77 13.41
C ASN C 286 -14.45 -14.50 13.94
N THR C 287 -14.72 -13.52 13.08
CA THR C 287 -15.27 -12.28 13.56
C THR C 287 -15.97 -11.47 12.48
N ARG C 288 -16.67 -10.45 12.94
CA ARG C 288 -17.51 -9.63 12.11
C ARG C 288 -16.85 -8.25 11.92
N LEU C 289 -15.96 -7.89 12.85
CA LEU C 289 -15.32 -6.59 12.89
C LEU C 289 -14.36 -6.39 11.72
N PRO C 290 -14.27 -5.17 11.19
CA PRO C 290 -13.41 -4.98 10.03
C PRO C 290 -11.91 -5.00 10.39
N PHE C 291 -11.57 -4.74 11.65
CA PHE C 291 -10.18 -4.61 12.06
C PHE C 291 -9.80 -5.62 13.13
N GLN C 292 -8.50 -5.87 13.33
CA GLN C 292 -8.02 -6.76 14.38
C GLN C 292 -6.59 -6.44 14.82
N ASN C 293 -6.20 -6.89 16.01
CA ASN C 293 -4.84 -6.64 16.48
C ASN C 293 -4.13 -7.87 17.06
N LEU C 294 -4.53 -9.06 16.62
CA LEU C 294 -3.91 -10.30 17.03
C LEU C 294 -2.59 -10.59 16.37
N SER C 295 -2.57 -10.49 15.04
CA SER C 295 -1.39 -10.79 14.23
C SER C 295 -1.22 -9.80 13.08
N PRO C 296 0.01 -9.33 12.84
CA PRO C 296 0.24 -8.53 11.61
C PRO C 296 0.39 -9.38 10.35
N ARG C 297 0.65 -10.66 10.57
CA ARG C 297 0.72 -11.68 9.52
C ARG C 297 -0.49 -12.63 9.54
N THR C 298 -1.49 -12.40 8.68
CA THR C 298 -2.60 -13.34 8.53
C THR C 298 -2.70 -13.86 7.12
N VAL C 299 -3.63 -14.79 6.93
CA VAL C 299 -3.75 -15.55 5.70
C VAL C 299 -5.23 -15.82 5.53
N GLY C 300 -5.71 -15.80 4.29
CA GLY C 300 -7.13 -16.08 4.04
C GLY C 300 -7.99 -14.83 3.94
N GLN C 301 -9.25 -14.94 4.35
CA GLN C 301 -10.19 -13.81 4.32
C GLN C 301 -10.29 -13.16 5.69
N CYS C 302 -9.43 -12.17 5.91
CA CYS C 302 -9.22 -11.62 7.24
C CYS C 302 -9.53 -10.16 7.36
N PRO C 303 -9.89 -9.74 8.58
CA PRO C 303 -9.94 -8.32 8.88
C PRO C 303 -8.55 -7.67 8.75
N LYS C 304 -8.53 -6.34 8.63
CA LYS C 304 -7.30 -5.62 8.45
C LYS C 304 -6.60 -5.35 9.77
N TYR C 305 -5.34 -5.72 9.85
CA TYR C 305 -4.58 -5.49 11.07
C TYR C 305 -4.33 -3.98 11.33
N VAL C 306 -4.84 -3.46 12.45
CA VAL C 306 -4.57 -2.09 12.85
C VAL C 306 -3.67 -2.04 14.07
N ASN C 307 -2.92 -0.95 14.21
CA ASN C 307 -2.06 -0.78 15.38
C ASN C 307 -2.74 -0.14 16.60
N ARG C 308 -3.88 -0.66 17.04
CA ARG C 308 -4.58 -0.10 18.19
C ARG C 308 -5.20 -1.16 19.06
N ARG C 309 -5.19 -0.92 20.36
CA ARG C 309 -5.72 -1.86 21.31
C ARG C 309 -7.24 -1.86 21.22
N SER C 310 -7.81 -0.66 21.16
CA SER C 310 -9.25 -0.50 21.12
C SER C 310 -9.71 0.71 20.33
N LEU C 311 -10.76 0.57 19.55
CA LEU C 311 -11.42 1.72 18.96
C LEU C 311 -12.91 1.61 19.18
N MET C 312 -13.51 2.56 19.89
CA MET C 312 -14.90 2.38 20.25
C MET C 312 -15.81 3.26 19.43
N LEU C 313 -16.88 2.63 18.94
CA LEU C 313 -17.87 3.26 18.07
C LEU C 313 -19.16 3.56 18.84
N ALA C 314 -19.57 4.82 18.85
CA ALA C 314 -20.73 5.23 19.61
C ALA C 314 -22.01 4.56 19.09
N THR C 315 -22.84 4.08 20.01
CA THR C 315 -24.11 3.41 19.71
C THR C 315 -25.23 4.25 20.30
N GLY C 316 -24.84 5.35 20.89
CA GLY C 316 -25.82 6.17 21.55
C GLY C 316 -25.47 7.63 21.49
N MET C 317 -26.31 8.42 22.12
CA MET C 317 -26.18 9.87 22.16
C MET C 317 -25.23 10.32 23.26
N ARG C 318 -24.98 11.61 23.33
CA ARG C 318 -24.13 12.14 24.40
C ARG C 318 -24.79 11.74 25.73
N ASN C 319 -23.99 11.42 26.73
CA ASN C 319 -24.51 10.99 28.02
C ASN C 319 -24.40 12.11 29.02
N VAL C 320 -25.54 12.74 29.33
CA VAL C 320 -25.55 13.81 30.32
C VAL C 320 -26.28 13.35 31.59
N PRO C 321 -25.53 13.05 32.67
CA PRO C 321 -26.18 12.43 33.83
C PRO C 321 -27.06 13.33 34.68
N GLU C 322 -28.03 12.70 35.34
CA GLU C 322 -29.09 13.36 36.11
C GLU C 322 -28.60 14.19 37.29
N LEU D 1 -23.95 20.59 15.72
CA LEU D 1 -24.71 20.60 16.98
C LEU D 1 -26.01 21.31 16.77
N PHE D 2 -27.08 20.76 17.35
CA PHE D 2 -28.39 21.33 17.15
C PHE D 2 -28.92 21.94 18.45
N GLY D 3 -28.07 21.97 19.48
CA GLY D 3 -28.32 22.76 20.66
C GLY D 3 -29.21 22.19 21.74
N ALA D 4 -29.68 20.96 21.52
CA ALA D 4 -30.61 20.32 22.43
C ALA D 4 -29.91 19.45 23.47
N ILE D 5 -29.32 18.34 23.05
CA ILE D 5 -28.72 17.43 24.02
C ILE D 5 -27.37 17.96 24.51
N ALA D 6 -27.29 18.24 25.81
CA ALA D 6 -26.13 18.89 26.43
C ALA D 6 -26.02 20.34 25.94
N GLY D 7 -27.15 20.86 25.51
CA GLY D 7 -27.33 22.25 25.16
C GLY D 7 -28.37 22.88 26.08
N PHE D 8 -29.54 23.24 25.56
CA PHE D 8 -30.50 23.97 26.41
C PHE D 8 -31.30 23.03 27.30
N LEU D 9 -31.23 21.73 27.02
CA LEU D 9 -31.70 20.72 27.97
C LEU D 9 -30.59 20.48 28.98
N GLU D 10 -30.90 20.68 30.26
CA GLU D 10 -29.87 20.62 31.29
C GLU D 10 -29.28 19.22 31.46
N ASN D 11 -30.12 18.20 31.48
CA ASN D 11 -29.58 16.87 31.60
C ASN D 11 -30.52 15.77 31.11
N GLY D 12 -30.04 14.54 31.19
CA GLY D 12 -30.78 13.39 30.73
C GLY D 12 -31.59 12.73 31.83
N TRP D 13 -32.68 12.08 31.44
CA TRP D 13 -33.54 11.39 32.38
C TRP D 13 -33.16 9.92 32.49
N GLU D 14 -32.32 9.58 33.45
CA GLU D 14 -31.97 8.18 33.70
C GLU D 14 -33.20 7.34 33.96
N GLY D 15 -34.28 7.99 34.39
CA GLY D 15 -35.52 7.30 34.69
C GLY D 15 -36.21 6.80 33.45
N MET D 16 -36.00 7.49 32.33
CA MET D 16 -36.62 7.05 31.10
C MET D 16 -35.82 5.86 30.56
N VAL D 17 -36.42 4.68 30.52
CA VAL D 17 -35.66 3.50 30.14
C VAL D 17 -36.39 2.74 29.04
N ASP D 18 -37.45 3.36 28.53
CA ASP D 18 -38.25 2.79 27.46
C ASP D 18 -38.09 3.55 26.15
N GLY D 19 -37.16 4.50 26.14
CA GLY D 19 -36.92 5.26 24.93
C GLY D 19 -35.69 6.12 25.00
N TRP D 20 -35.36 6.71 23.87
CA TRP D 20 -34.24 7.63 23.77
C TRP D 20 -34.73 9.04 24.00
N TYR D 21 -35.96 9.27 23.56
CA TYR D 21 -36.60 10.58 23.66
C TYR D 21 -37.98 10.51 24.31
N GLY D 22 -38.30 11.48 25.16
CA GLY D 22 -39.59 11.44 25.81
C GLY D 22 -40.26 12.72 26.27
N PHE D 23 -41.47 12.52 26.81
CA PHE D 23 -42.22 13.57 27.47
C PHE D 23 -42.30 13.32 28.99
N ARG D 24 -42.26 14.40 29.76
CA ARG D 24 -42.74 14.40 31.12
C ARG D 24 -43.74 15.56 31.23
N HIS D 25 -44.89 15.35 31.87
CA HIS D 25 -45.86 16.43 31.97
C HIS D 25 -46.27 16.76 33.41
N GLN D 26 -47.00 17.86 33.59
CA GLN D 26 -47.59 18.16 34.88
C GLN D 26 -48.93 18.87 34.75
N ASN D 27 -49.95 18.32 35.43
CA ASN D 27 -51.26 18.93 35.53
C ASN D 27 -51.88 18.65 36.91
N ALA D 28 -53.17 18.93 37.03
CA ALA D 28 -53.86 18.78 38.31
C ALA D 28 -53.91 17.33 38.75
N GLN D 29 -54.22 16.45 37.81
CA GLN D 29 -54.28 15.03 38.08
C GLN D 29 -52.99 14.48 38.68
N GLY D 30 -51.86 15.08 38.30
CA GLY D 30 -50.57 14.68 38.82
C GLY D 30 -49.48 14.86 37.78
N THR D 31 -48.42 14.07 37.91
CA THR D 31 -47.30 14.11 36.96
C THR D 31 -47.07 12.76 36.30
N GLY D 32 -46.65 12.77 35.05
CA GLY D 32 -46.41 11.55 34.31
C GLY D 32 -45.09 11.49 33.54
N GLN D 33 -44.83 10.34 32.89
CA GLN D 33 -43.72 10.19 31.94
C GLN D 33 -44.06 9.14 30.89
N ALA D 34 -43.67 9.41 29.65
CA ALA D 34 -43.86 8.50 28.52
C ALA D 34 -42.68 8.67 27.54
N ALA D 35 -42.51 7.73 26.63
CA ALA D 35 -41.42 7.80 25.66
C ALA D 35 -41.97 7.85 24.26
N ASP D 36 -41.31 8.60 23.38
CA ASP D 36 -41.82 8.75 22.03
C ASP D 36 -41.22 7.75 21.03
N TYR D 37 -42.01 6.73 20.63
CA TYR D 37 -41.54 5.67 19.75
C TYR D 37 -40.90 6.15 18.44
N LYS D 38 -41.65 6.91 17.65
CA LYS D 38 -41.18 7.39 16.32
C LYS D 38 -39.77 7.87 16.37
N SER D 39 -39.54 8.92 17.13
CA SER D 39 -38.23 9.56 17.15
C SER D 39 -37.11 8.64 17.66
N THR D 40 -37.37 7.76 18.64
CA THR D 40 -36.30 6.88 19.10
C THR D 40 -35.96 5.87 17.99
N GLN D 41 -36.98 5.26 17.38
CA GLN D 41 -36.76 4.35 16.25
C GLN D 41 -36.03 5.04 15.09
N ALA D 42 -36.28 6.33 14.89
CA ALA D 42 -35.53 7.08 13.88
C ALA D 42 -34.03 7.03 14.19
N ALA D 43 -33.70 7.27 15.45
CA ALA D 43 -32.32 7.31 15.87
C ALA D 43 -31.68 5.93 15.85
N ILE D 44 -32.39 4.94 16.36
CA ILE D 44 -31.86 3.58 16.43
C ILE D 44 -31.82 2.95 15.04
N ASP D 45 -32.74 3.31 14.16
CA ASP D 45 -32.64 2.87 12.77
C ASP D 45 -31.39 3.40 12.11
N GLN D 46 -30.94 4.58 12.51
CA GLN D 46 -29.77 5.15 11.87
C GLN D 46 -28.51 4.58 12.50
N ILE D 47 -28.55 4.18 13.76
CA ILE D 47 -27.39 3.51 14.34
C ILE D 47 -27.21 2.13 13.73
N THR D 48 -28.26 1.33 13.68
CA THR D 48 -28.10 -0.05 13.20
C THR D 48 -27.73 -0.08 11.72
N GLY D 49 -28.13 0.95 10.97
CA GLY D 49 -27.67 1.12 9.60
C GLY D 49 -26.17 1.34 9.50
N LYS D 50 -25.60 2.09 10.43
CA LYS D 50 -24.16 2.25 10.50
C LYS D 50 -23.43 0.96 10.77
N LEU D 51 -23.98 0.13 11.64
CA LEU D 51 -23.29 -1.06 12.08
C LEU D 51 -23.29 -2.12 11.01
N ASN D 52 -24.29 -2.13 10.14
CA ASN D 52 -24.26 -3.03 9.00
C ASN D 52 -23.15 -2.71 8.02
N ARG D 53 -22.86 -1.43 7.85
CA ARG D 53 -21.79 -1.03 6.95
C ARG D 53 -20.48 -1.41 7.55
N LEU D 54 -20.41 -1.33 8.86
CA LEU D 54 -19.23 -1.72 9.58
C LEU D 54 -18.91 -3.18 9.32
N VAL D 55 -19.95 -4.00 9.27
CA VAL D 55 -19.76 -5.44 9.30
C VAL D 55 -19.84 -6.02 7.90
N GLU D 56 -19.88 -5.18 6.89
CA GLU D 56 -19.77 -5.70 5.53
C GLU D 56 -18.39 -6.30 5.35
N LYS D 57 -18.38 -7.61 5.20
CA LYS D 57 -17.11 -8.22 5.03
C LYS D 57 -16.90 -8.34 3.55
N THR D 58 -15.63 -8.25 3.20
CA THR D 58 -15.19 -8.18 1.83
C THR D 58 -14.18 -9.28 1.76
N ASN D 59 -14.48 -10.21 0.89
CA ASN D 59 -13.77 -11.45 0.89
C ASN D 59 -12.68 -11.49 -0.15
N THR D 60 -11.52 -10.96 0.22
CA THR D 60 -10.34 -10.99 -0.61
C THR D 60 -9.35 -11.91 0.03
N GLU D 61 -9.07 -13.03 -0.61
CA GLU D 61 -8.10 -13.97 -0.07
C GLU D 61 -6.66 -13.53 -0.21
N PHE D 62 -5.88 -13.77 0.82
CA PHE D 62 -4.49 -13.42 0.81
C PHE D 62 -3.69 -14.66 1.13
N GLU D 63 -2.50 -14.73 0.57
CA GLU D 63 -1.63 -15.84 0.88
C GLU D 63 -0.51 -15.33 1.73
N SER D 64 0.41 -16.21 2.06
CA SER D 64 1.51 -15.83 2.91
C SER D 64 2.70 -15.41 2.09
N ILE D 65 3.28 -14.23 2.36
CA ILE D 65 4.47 -13.82 1.62
C ILE D 65 5.74 -13.78 2.49
N GLU D 66 5.60 -14.03 3.79
CA GLU D 66 6.80 -14.14 4.61
C GLU D 66 6.76 -15.35 5.51
N SER D 67 7.73 -16.24 5.35
CA SER D 67 7.74 -17.49 6.06
C SER D 67 7.79 -17.29 7.55
N GLU D 68 7.20 -18.19 8.31
CA GLU D 68 7.27 -18.13 9.75
C GLU D 68 8.32 -19.05 10.29
N PHE D 69 8.86 -19.93 9.47
CA PHE D 69 9.70 -21.00 9.96
C PHE D 69 11.03 -21.13 9.20
N SER D 70 11.19 -20.32 8.16
CA SER D 70 12.41 -20.41 7.40
C SER D 70 12.99 -19.05 7.17
N GLU D 71 14.23 -19.03 6.71
CA GLU D 71 14.93 -17.80 6.40
C GLU D 71 14.46 -17.21 5.10
N ILE D 72 14.29 -15.90 5.14
CA ILE D 72 13.86 -15.12 4.00
C ILE D 72 14.98 -14.15 3.59
N GLU D 73 15.24 -14.03 2.30
CA GLU D 73 16.39 -13.27 1.87
C GLU D 73 16.27 -11.85 2.39
N HIS D 74 17.40 -11.26 2.75
CA HIS D 74 17.40 -10.01 3.49
C HIS D 74 16.77 -8.84 2.72
N GLN D 75 17.05 -8.74 1.43
CA GLN D 75 16.54 -7.60 0.71
C GLN D 75 15.03 -7.70 0.42
N ILE D 76 14.54 -8.89 0.07
CA ILE D 76 13.12 -9.02 -0.21
C ILE D 76 12.36 -8.89 1.11
N GLY D 77 12.99 -9.26 2.21
CA GLY D 77 12.35 -9.16 3.51
C GLY D 77 12.18 -7.71 3.96
N ASN D 78 13.17 -6.87 3.68
CA ASN D 78 13.03 -5.46 4.00
C ASN D 78 11.99 -4.76 3.12
N VAL D 79 11.72 -5.31 1.93
CA VAL D 79 10.73 -4.75 1.02
C VAL D 79 9.33 -5.15 1.49
N ILE D 80 9.19 -6.42 1.89
CA ILE D 80 7.95 -6.88 2.44
C ILE D 80 7.65 -6.12 3.74
N ASN D 81 8.70 -5.92 4.55
CA ASN D 81 8.58 -5.23 5.82
C ASN D 81 8.11 -3.81 5.62
N TRP D 82 8.69 -3.13 4.63
CA TRP D 82 8.32 -1.75 4.35
C TRP D 82 6.92 -1.63 3.83
N THR D 83 6.54 -2.51 2.92
CA THR D 83 5.19 -2.50 2.37
C THR D 83 4.14 -2.81 3.40
N LYS D 84 4.37 -3.87 4.16
CA LYS D 84 3.40 -4.29 5.15
C LYS D 84 3.23 -3.24 6.24
N ASP D 85 4.29 -2.63 6.70
CA ASP D 85 4.18 -1.58 7.70
C ASP D 85 3.43 -0.38 7.11
N SER D 86 3.69 -0.08 5.85
CA SER D 86 3.03 1.04 5.21
C SER D 86 1.51 0.85 5.08
N ILE D 87 1.07 -0.38 4.76
CA ILE D 87 -0.36 -0.68 4.70
C ILE D 87 -0.99 -0.60 6.09
N THR D 88 -0.29 -1.08 7.10
CA THR D 88 -0.82 -1.00 8.45
C THR D 88 -0.96 0.44 8.95
N ASP D 89 -0.01 1.29 8.61
CA ASP D 89 -0.05 2.71 8.92
C ASP D 89 -1.26 3.34 8.25
N ILE D 90 -1.56 2.91 7.03
CA ILE D 90 -2.77 3.36 6.33
C ILE D 90 -4.06 2.89 6.99
N TRP D 91 -4.17 1.60 7.26
CA TRP D 91 -5.34 1.09 7.91
C TRP D 91 -5.47 1.54 9.37
N THR D 92 -4.39 1.92 10.03
CA THR D 92 -4.56 2.39 11.38
C THR D 92 -5.15 3.81 11.31
N TYR D 93 -4.66 4.59 10.37
CA TYR D 93 -5.20 5.91 10.15
C TYR D 93 -6.65 5.84 9.68
N GLN D 94 -6.97 4.89 8.82
CA GLN D 94 -8.31 4.81 8.28
C GLN D 94 -9.34 4.37 9.30
N ALA D 95 -8.95 3.50 10.21
CA ALA D 95 -9.85 3.09 11.27
C ALA D 95 -10.11 4.23 12.26
N GLU D 96 -9.07 4.97 12.63
CA GLU D 96 -9.18 5.98 13.67
C GLU D 96 -9.96 7.18 13.23
N LEU D 97 -9.88 7.45 11.94
CA LEU D 97 -10.71 8.48 11.32
C LEU D 97 -12.14 8.05 11.23
N LEU D 98 -12.34 6.83 10.77
CA LEU D 98 -13.67 6.25 10.60
C LEU D 98 -14.50 6.37 11.87
N VAL D 99 -13.95 5.85 12.95
CA VAL D 99 -14.58 5.91 14.26
C VAL D 99 -14.83 7.36 14.71
N ALA D 100 -13.89 8.26 14.47
CA ALA D 100 -14.04 9.62 14.97
C ALA D 100 -15.07 10.39 14.14
N MET D 101 -15.07 10.14 12.83
CA MET D 101 -16.01 10.78 11.94
C MET D 101 -17.42 10.26 12.17
N GLU D 102 -17.53 8.98 12.47
CA GLU D 102 -18.82 8.36 12.69
C GLU D 102 -19.41 8.79 14.02
N ASN D 103 -18.61 8.80 15.07
CA ASN D 103 -19.07 9.21 16.39
C ASN D 103 -19.56 10.62 16.46
N GLN D 104 -18.90 11.51 15.74
CA GLN D 104 -19.29 12.89 15.66
C GLN D 104 -20.65 12.99 15.02
N HIS D 105 -20.88 12.20 14.00
CA HIS D 105 -22.15 12.28 13.33
C HIS D 105 -23.24 11.52 14.08
N THR D 106 -22.85 10.54 14.90
CA THR D 106 -23.82 9.79 15.70
C THR D 106 -24.38 10.71 16.80
N ILE D 107 -23.49 11.36 17.53
CA ILE D 107 -23.87 12.34 18.53
C ILE D 107 -24.79 13.38 17.97
N ASP D 108 -24.38 14.07 16.91
CA ASP D 108 -25.20 15.16 16.36
C ASP D 108 -26.51 14.69 15.75
N MET D 109 -26.58 13.45 15.30
CA MET D 109 -27.84 12.93 14.76
C MET D 109 -28.82 12.73 15.88
N ALA D 110 -28.32 12.20 16.98
CA ALA D 110 -29.11 12.00 18.18
C ALA D 110 -29.59 13.32 18.70
N ASP D 111 -28.77 14.35 18.54
CA ASP D 111 -29.14 15.70 18.91
C ASP D 111 -30.30 16.20 18.07
N SER D 112 -30.24 15.92 16.77
CA SER D 112 -31.18 16.51 15.84
C SER D 112 -32.56 15.92 16.00
N GLU D 113 -32.64 14.64 16.37
CA GLU D 113 -33.94 14.01 16.50
C GLU D 113 -34.61 14.54 17.75
N MET D 114 -33.81 14.95 18.72
CA MET D 114 -34.36 15.53 19.93
C MET D 114 -34.98 16.89 19.56
N LEU D 115 -34.21 17.72 18.88
CA LEU D 115 -34.69 19.01 18.40
C LEU D 115 -35.78 18.88 17.34
N ASN D 116 -35.90 17.75 16.66
CA ASN D 116 -37.01 17.56 15.73
C ASN D 116 -38.26 17.17 16.45
N LEU D 117 -38.10 16.47 17.58
CA LEU D 117 -39.25 16.13 18.39
C LEU D 117 -39.78 17.40 19.05
N TYR D 118 -38.88 18.19 19.60
CA TYR D 118 -39.22 19.46 20.22
C TYR D 118 -39.92 20.41 19.27
N GLU D 119 -39.43 20.50 18.05
CA GLU D 119 -39.98 21.45 17.09
C GLU D 119 -41.39 21.06 16.72
N ARG D 120 -41.61 19.79 16.45
CA ARG D 120 -42.93 19.29 16.10
C ARG D 120 -43.99 19.64 17.14
N VAL D 121 -43.63 19.46 18.40
CA VAL D 121 -44.51 19.79 19.51
C VAL D 121 -44.80 21.27 19.57
N ARG D 122 -43.78 22.11 19.44
CA ARG D 122 -43.96 23.57 19.43
C ARG D 122 -44.96 24.01 18.38
N LYS D 123 -44.80 23.50 17.16
CA LYS D 123 -45.69 23.83 16.05
C LYS D 123 -47.11 23.35 16.31
N GLN D 124 -47.23 22.25 17.04
CA GLN D 124 -48.52 21.68 17.31
C GLN D 124 -49.25 22.51 18.34
N LEU D 125 -48.56 22.86 19.42
CA LEU D 125 -49.14 23.66 20.49
C LEU D 125 -49.61 24.98 19.94
N ARG D 126 -48.85 25.52 18.99
CA ARG D 126 -49.17 26.76 18.29
C ARG D 126 -49.14 27.96 19.21
N GLN D 127 -50.24 28.71 19.29
CA GLN D 127 -50.30 29.90 20.13
C GLN D 127 -50.88 29.62 21.51
N ASN D 128 -51.15 28.36 21.78
CA ASN D 128 -51.68 27.97 23.08
C ASN D 128 -50.62 27.75 24.16
N ALA D 129 -49.33 27.99 23.82
CA ALA D 129 -48.24 27.78 24.77
C ALA D 129 -47.00 28.61 24.49
N GLU D 130 -46.09 28.64 25.45
CA GLU D 130 -44.83 29.34 25.29
C GLU D 130 -43.66 28.53 25.83
N GLU D 131 -42.48 28.72 25.24
CA GLU D 131 -41.32 27.95 25.62
C GLU D 131 -40.65 28.56 26.81
N ASP D 132 -40.16 27.73 27.73
CA ASP D 132 -39.51 28.22 28.95
C ASP D 132 -37.99 28.25 28.90
N GLY D 133 -37.41 27.89 27.76
CA GLY D 133 -35.99 27.87 27.58
C GLY D 133 -35.29 26.56 27.93
N LYS D 134 -35.87 25.78 28.85
CA LYS D 134 -35.26 24.50 29.26
C LYS D 134 -35.91 23.30 28.62
N GLY D 135 -36.51 23.50 27.46
CA GLY D 135 -37.15 22.41 26.77
C GLY D 135 -38.58 22.10 27.15
N CYS D 136 -39.13 22.88 28.06
CA CYS D 136 -40.51 22.73 28.47
C CYS D 136 -41.41 23.71 27.76
N PHE D 137 -42.69 23.38 27.65
CA PHE D 137 -43.70 24.29 27.16
C PHE D 137 -44.69 24.58 28.25
N GLU D 138 -44.94 25.86 28.51
CA GLU D 138 -45.94 26.23 29.50
C GLU D 138 -47.27 26.42 28.77
N ILE D 139 -48.27 25.61 29.12
CA ILE D 139 -49.57 25.63 28.45
C ILE D 139 -50.60 26.44 29.21
N TYR D 140 -51.31 27.29 28.49
CA TYR D 140 -52.18 28.30 29.09
C TYR D 140 -53.65 27.88 29.18
N HIS D 141 -53.90 26.59 28.98
CA HIS D 141 -55.22 25.99 29.16
C HIS D 141 -55.08 24.74 30.00
N ALA D 142 -56.17 24.29 30.61
CA ALA D 142 -56.11 23.06 31.39
C ALA D 142 -55.86 21.95 30.40
N CYS D 143 -54.88 21.11 30.69
CA CYS D 143 -54.67 20.02 29.79
C CYS D 143 -54.61 18.77 30.64
N ASP D 144 -55.66 17.95 30.58
CA ASP D 144 -55.67 16.68 31.33
C ASP D 144 -55.03 15.51 30.55
N ASP D 145 -54.68 14.46 31.27
CA ASP D 145 -53.96 13.30 30.74
C ASP D 145 -54.40 12.89 29.34
N SER D 146 -55.69 13.02 29.04
CA SER D 146 -56.17 12.64 27.72
C SER D 146 -55.79 13.70 26.68
N CYS D 147 -55.50 14.91 27.15
CA CYS D 147 -55.05 16.00 26.29
C CYS D 147 -53.54 15.92 26.07
N MET D 148 -52.81 15.70 27.17
CA MET D 148 -51.37 15.49 27.09
C MET D 148 -51.09 14.33 26.16
N GLU D 149 -51.98 13.34 26.16
CA GLU D 149 -51.79 12.21 25.28
C GLU D 149 -52.01 12.67 23.87
N SER D 150 -52.89 13.65 23.67
CA SER D 150 -53.15 14.07 22.30
C SER D 150 -51.99 14.91 21.77
N ILE D 151 -51.10 15.35 22.65
CA ILE D 151 -49.90 16.05 22.22
C ILE D 151 -48.85 15.06 21.79
N ARG D 152 -48.83 13.91 22.44
CA ARG D 152 -47.88 12.87 22.10
C ARG D 152 -48.37 12.04 20.94
N ASN D 153 -49.69 11.90 20.85
CA ASN D 153 -50.38 11.17 19.79
C ASN D 153 -50.31 11.94 18.49
N ASN D 154 -49.81 13.16 18.61
CA ASN D 154 -49.77 14.12 17.52
C ASN D 154 -51.17 14.56 17.10
N THR D 155 -52.19 14.23 17.91
CA THR D 155 -53.57 14.55 17.54
C THR D 155 -54.15 15.75 18.29
N TYR D 156 -53.32 16.42 19.09
CA TYR D 156 -53.73 17.62 19.79
C TYR D 156 -54.29 18.67 18.83
N ASP D 157 -55.58 19.00 18.97
CA ASP D 157 -56.20 20.06 18.16
C ASP D 157 -56.04 21.44 18.80
N HIS D 158 -55.19 22.28 18.23
CA HIS D 158 -54.86 23.55 18.85
C HIS D 158 -56.02 24.52 18.88
N SER D 159 -56.96 24.35 17.96
CA SER D 159 -58.03 25.33 17.83
C SER D 159 -59.09 25.14 18.91
N GLN D 160 -59.15 23.95 19.51
CA GLN D 160 -60.06 23.69 20.61
C GLN D 160 -59.87 24.69 21.73
N TYR D 161 -58.63 24.79 22.18
CA TYR D 161 -58.34 25.54 23.39
C TYR D 161 -57.84 26.93 23.05
N ARG D 162 -57.83 27.28 21.77
CA ARG D 162 -57.19 28.52 21.34
C ARG D 162 -57.79 29.74 22.03
N GLU D 163 -59.09 29.73 22.23
CA GLU D 163 -59.76 30.82 22.89
C GLU D 163 -59.35 30.96 24.35
N GLU D 164 -59.27 29.85 25.08
CA GLU D 164 -58.96 29.90 26.51
C GLU D 164 -57.50 30.23 26.73
N ALA D 165 -56.61 29.65 25.92
CA ALA D 165 -55.18 29.86 26.08
C ALA D 165 -54.84 31.32 25.82
N LEU D 166 -55.30 31.84 24.70
CA LEU D 166 -55.00 33.22 24.35
C LEU D 166 -55.47 34.22 25.41
N LEU D 167 -56.52 33.91 26.17
CA LEU D 167 -56.97 34.86 27.18
C LEU D 167 -56.07 34.82 28.38
N ASN D 168 -55.63 33.63 28.73
CA ASN D 168 -54.72 33.44 29.84
C ASN D 168 -53.33 34.04 29.57
N ARG D 169 -52.88 33.97 28.32
CA ARG D 169 -51.57 34.50 27.93
C ARG D 169 -51.53 36.02 28.05
N LEU D 170 -52.63 36.65 27.65
CA LEU D 170 -52.74 38.11 27.61
C LEU D 170 -53.22 38.76 28.93
N ASN D 171 -53.50 37.96 29.96
CA ASN D 171 -53.66 38.44 31.35
C ASN D 171 -52.82 37.66 32.36
N ASP E 5 -35.40 50.36 21.13
CA ASP E 5 -34.59 49.32 21.80
C ASP E 5 -34.42 48.06 20.96
N LYS E 6 -33.17 47.79 20.60
CA LYS E 6 -32.74 46.55 19.96
C LYS E 6 -31.58 45.90 20.68
N ILE E 7 -31.40 44.61 20.45
CA ILE E 7 -30.15 43.97 20.77
C ILE E 7 -29.81 43.05 19.61
N CYS E 8 -28.53 43.06 19.24
CA CYS E 8 -28.09 42.44 18.01
C CYS E 8 -27.00 41.43 18.26
N LEU E 9 -27.10 40.28 17.62
CA LEU E 9 -26.11 39.22 17.71
C LEU E 9 -25.21 39.18 16.49
N GLY E 10 -23.94 38.90 16.69
CA GLY E 10 -23.00 38.91 15.59
C GLY E 10 -21.76 38.08 15.80
N HIS E 11 -21.04 37.85 14.72
CA HIS E 11 -19.82 37.08 14.73
C HIS E 11 -18.65 37.92 14.24
N HIS E 12 -17.44 37.61 14.69
CA HIS E 12 -16.31 38.45 14.29
C HIS E 12 -15.95 38.28 12.82
N ALA E 13 -14.95 39.03 12.40
CA ALA E 13 -14.39 38.87 11.07
C ALA E 13 -13.09 39.63 11.00
N VAL E 14 -12.28 39.29 10.01
CA VAL E 14 -10.93 39.84 9.88
C VAL E 14 -10.73 40.49 8.52
N ALA E 15 -9.77 41.41 8.47
CA ALA E 15 -9.56 42.27 7.31
C ALA E 15 -9.18 41.48 6.06
N ASN E 16 -8.18 40.60 6.19
CA ASN E 16 -7.90 39.66 5.10
C ASN E 16 -8.03 38.20 5.58
N GLY E 17 -8.94 37.47 4.95
CA GLY E 17 -9.11 36.09 5.29
C GLY E 17 -8.12 35.24 4.54
N THR E 18 -7.90 34.02 5.02
CA THR E 18 -7.13 33.02 4.30
C THR E 18 -8.13 32.10 3.61
N ILE E 19 -7.81 31.71 2.38
CA ILE E 19 -8.60 30.76 1.64
C ILE E 19 -8.26 29.30 2.00
N VAL E 20 -9.29 28.45 2.01
CA VAL E 20 -9.14 27.03 2.28
C VAL E 20 -10.03 26.22 1.33
N LYS E 21 -9.76 24.92 1.26
CA LYS E 21 -10.57 23.99 0.48
C LYS E 21 -11.63 23.36 1.36
N THR E 22 -12.82 23.17 0.83
CA THR E 22 -13.80 22.38 1.56
C THR E 22 -14.36 21.40 0.58
N LEU E 23 -15.30 20.60 1.04
CA LEU E 23 -15.87 19.52 0.24
C LEU E 23 -16.59 20.03 -0.99
N THR E 24 -17.11 21.26 -0.93
CA THR E 24 -17.97 21.78 -2.00
C THR E 24 -17.46 23.09 -2.61
N ASN E 25 -16.32 23.58 -2.13
CA ASN E 25 -15.88 24.90 -2.50
C ASN E 25 -14.38 25.09 -2.31
N GLU E 26 -13.58 24.97 -3.36
CA GLU E 26 -12.25 25.60 -3.36
C GLU E 26 -12.50 27.07 -3.13
N GLN E 27 -11.53 27.83 -2.63
CA GLN E 27 -11.77 29.26 -2.36
C GLN E 27 -12.92 29.49 -1.37
N GLU E 28 -12.67 29.26 -0.08
CA GLU E 28 -13.61 29.62 0.97
C GLU E 28 -12.87 30.46 1.99
N GLU E 29 -13.16 31.75 2.04
CA GLU E 29 -12.43 32.63 2.92
C GLU E 29 -12.80 32.33 4.36
N VAL E 30 -11.82 32.29 5.24
CA VAL E 30 -11.99 31.88 6.62
C VAL E 30 -11.18 32.84 7.50
N THR E 31 -11.54 33.03 8.76
CA THR E 31 -10.82 34.05 9.53
C THR E 31 -9.36 33.70 9.73
N ASN E 32 -9.07 32.42 9.99
CA ASN E 32 -7.70 31.96 10.15
C ASN E 32 -7.58 30.56 9.54
N ALA E 33 -6.36 30.07 9.39
CA ALA E 33 -6.11 28.69 8.94
C ALA E 33 -4.64 28.35 9.19
N THR E 34 -4.29 27.05 9.19
CA THR E 34 -2.88 26.64 9.35
C THR E 34 -2.50 25.46 8.48
N GLU E 35 -1.42 25.61 7.75
CA GLU E 35 -0.83 24.57 6.91
C GLU E 35 -0.68 23.22 7.57
N THR E 36 -1.05 22.16 6.86
CA THR E 36 -0.92 20.80 7.39
C THR E 36 0.17 20.02 6.66
N VAL E 37 0.75 20.60 5.63
CA VAL E 37 1.86 19.96 4.91
C VAL E 37 3.18 20.70 5.08
N GLU E 38 4.09 20.08 5.83
CA GLU E 38 5.43 20.60 6.05
C GLU E 38 6.19 20.69 4.73
N SER E 39 6.85 21.80 4.46
CA SER E 39 7.49 21.93 3.17
C SER E 39 8.96 22.29 3.30
N THR E 40 9.40 22.67 4.50
CA THR E 40 10.80 23.01 4.70
C THR E 40 11.48 22.12 5.74
N GLY E 41 12.55 21.47 5.31
CA GLY E 41 13.35 20.65 6.17
C GLY E 41 14.64 21.36 6.48
N ILE E 42 15.54 20.67 7.15
CA ILE E 42 16.83 21.23 7.52
C ILE E 42 17.90 20.62 6.63
N ASN E 43 18.86 21.40 6.13
CA ASN E 43 19.85 20.88 5.18
C ASN E 43 21.08 20.38 5.91
N ARG E 44 20.84 19.71 7.03
CA ARG E 44 21.90 19.12 7.85
C ARG E 44 21.43 17.82 8.46
N LEU E 45 22.33 16.96 8.89
CA LEU E 45 21.91 15.77 9.60
C LEU E 45 21.93 16.08 11.05
N CYS E 46 20.76 16.25 11.63
CA CYS E 46 20.64 16.65 13.02
C CYS E 46 20.86 15.46 13.95
N MET E 47 22.05 15.36 14.53
CA MET E 47 22.42 14.16 15.27
C MET E 47 22.51 14.35 16.77
N LYS E 48 21.76 15.30 17.33
CA LYS E 48 21.77 15.46 18.79
C LYS E 48 21.21 14.24 19.47
N GLY E 49 21.89 13.80 20.53
CA GLY E 49 21.35 12.73 21.33
C GLY E 49 21.60 11.36 20.76
N ARG E 50 22.30 11.29 19.64
CA ARG E 50 22.57 10.01 18.97
C ARG E 50 24.05 9.70 19.05
N LYS E 51 24.42 8.49 19.39
CA LYS E 51 25.82 8.09 19.30
C LYS E 51 26.00 7.53 17.89
N HIS E 52 26.65 8.32 17.04
CA HIS E 52 26.61 8.11 15.60
C HIS E 52 27.98 7.98 15.01
N LYS E 53 28.06 7.32 13.86
CA LYS E 53 29.32 7.23 13.17
C LYS E 53 29.20 7.79 11.76
N ASP E 54 30.02 8.77 11.43
CA ASP E 54 30.07 9.25 10.06
C ASP E 54 31.17 8.49 9.36
N LEU E 55 30.78 7.67 8.40
CA LEU E 55 31.73 6.86 7.65
C LEU E 55 32.65 7.75 6.81
N GLY E 56 32.12 8.85 6.32
CA GLY E 56 32.87 9.66 5.41
C GLY E 56 33.08 8.82 4.17
N ASN E 57 34.30 8.72 3.69
CA ASN E 57 34.55 8.08 2.39
C ASN E 57 34.74 6.58 2.54
N CYS E 58 34.44 6.05 3.71
CA CYS E 58 34.41 4.60 3.95
C CYS E 58 33.06 3.99 3.57
N HIS E 59 33.04 3.01 2.70
CA HIS E 59 31.78 2.29 2.41
C HIS E 59 31.50 1.19 3.44
N PRO E 60 30.24 1.01 3.84
CA PRO E 60 29.89 -0.11 4.71
C PRO E 60 30.64 -1.43 4.42
N ILE E 61 30.56 -2.01 3.24
CA ILE E 61 31.28 -3.25 2.97
C ILE E 61 32.74 -3.18 3.36
N GLY E 62 33.35 -2.01 3.20
CA GLY E 62 34.75 -1.83 3.51
C GLY E 62 35.10 -1.88 4.97
N MET E 63 34.09 -1.79 5.84
CA MET E 63 34.34 -1.94 7.25
C MET E 63 34.69 -3.36 7.57
N LEU E 64 34.05 -4.28 6.84
CA LEU E 64 34.16 -5.71 7.07
C LEU E 64 35.47 -6.30 6.59
N ILE E 65 36.00 -5.65 5.57
CA ILE E 65 37.00 -6.22 4.71
C ILE E 65 38.32 -5.52 4.94
N GLY E 66 38.27 -4.28 5.38
CA GLY E 66 39.48 -3.62 5.81
C GLY E 66 40.18 -2.76 4.77
N THR E 67 39.40 -2.16 3.88
CA THR E 67 39.89 -1.14 2.99
C THR E 67 40.53 -0.02 3.79
N PRO E 68 41.67 0.51 3.33
CA PRO E 68 42.33 1.62 4.02
C PRO E 68 41.43 2.85 4.28
N ALA E 69 40.41 3.08 3.46
CA ALA E 69 39.50 4.17 3.73
C ALA E 69 38.79 3.99 5.06
N CYS E 70 38.64 2.74 5.48
CA CYS E 70 37.86 2.44 6.66
C CYS E 70 38.76 2.12 7.85
N ASP E 71 40.05 2.44 7.78
CA ASP E 71 40.99 2.04 8.84
C ASP E 71 40.61 2.55 10.22
N LEU E 72 39.70 3.53 10.27
CA LEU E 72 39.19 4.08 11.53
C LEU E 72 37.73 3.71 11.77
N HIS E 73 37.26 2.71 11.02
CA HIS E 73 35.87 2.24 11.06
C HIS E 73 35.81 0.71 11.00
N LEU E 74 36.80 0.06 11.59
CA LEU E 74 36.93 -1.36 11.52
C LEU E 74 36.12 -2.02 12.64
N THR E 75 35.82 -1.24 13.69
CA THR E 75 34.96 -1.63 14.81
C THR E 75 34.24 -0.43 15.40
N GLY E 76 33.40 -0.68 16.40
CA GLY E 76 32.71 0.41 17.06
C GLY E 76 31.31 0.07 17.52
N MET E 77 30.65 1.04 18.12
CA MET E 77 29.28 0.93 18.56
C MET E 77 28.52 2.19 18.19
N TRP E 78 27.39 2.06 17.51
CA TRP E 78 26.66 3.23 17.03
C TRP E 78 25.18 3.01 17.05
N ASP E 79 24.39 4.08 17.09
CA ASP E 79 22.95 3.96 16.95
C ASP E 79 22.46 4.60 15.64
N THR E 80 23.37 5.26 14.94
CA THR E 80 23.11 5.82 13.63
C THR E 80 24.37 5.73 12.80
N LEU E 81 24.26 5.19 11.60
CA LEU E 81 25.39 4.97 10.72
C LEU E 81 25.15 5.76 9.43
N ILE E 82 26.07 6.66 9.08
CA ILE E 82 25.89 7.52 7.91
C ILE E 82 26.83 7.13 6.76
N GLU E 83 26.24 6.80 5.61
CA GLU E 83 27.04 6.42 4.46
C GLU E 83 27.04 7.57 3.46
N ARG E 84 28.22 7.92 2.94
CA ARG E 84 28.38 9.05 2.04
C ARG E 84 28.44 8.62 0.60
N GLU E 85 28.06 9.53 -0.29
CA GLU E 85 28.19 9.22 -1.70
C GLU E 85 29.65 8.99 -2.08
N ASN E 86 29.86 8.06 -3.00
CA ASN E 86 31.18 7.73 -3.54
C ASN E 86 32.11 7.01 -2.57
N ALA E 87 31.61 6.64 -1.39
CA ALA E 87 32.41 5.90 -0.42
C ALA E 87 33.16 4.69 -1.03
N ILE E 88 34.31 4.36 -0.47
CA ILE E 88 35.18 3.36 -1.05
C ILE E 88 35.05 2.04 -0.36
N ALA E 89 34.84 1.00 -1.15
CA ALA E 89 34.68 -0.35 -0.65
C ALA E 89 35.85 -1.22 -1.02
N TYR E 90 36.38 -1.04 -2.22
CA TYR E 90 37.47 -1.87 -2.74
C TYR E 90 38.70 -1.07 -3.14
N CYS E 91 39.86 -1.40 -2.58
CA CYS E 91 41.08 -0.85 -3.13
C CYS E 91 41.56 -1.71 -4.30
N TYR E 92 41.44 -3.02 -4.19
CA TYR E 92 41.79 -3.91 -5.29
C TYR E 92 40.51 -4.21 -6.05
N PRO E 93 40.56 -4.16 -7.37
CA PRO E 93 39.28 -4.14 -8.06
C PRO E 93 38.52 -5.45 -7.93
N GLY E 94 37.22 -5.35 -7.73
CA GLY E 94 36.43 -6.54 -7.59
C GLY E 94 35.04 -6.18 -7.17
N ALA E 95 34.25 -7.21 -6.89
CA ALA E 95 32.88 -7.00 -6.43
C ALA E 95 32.53 -8.00 -5.33
N THR E 96 31.44 -7.74 -4.64
CA THR E 96 30.91 -8.65 -3.64
C THR E 96 29.66 -9.33 -4.21
N VAL E 97 29.54 -10.63 -4.02
CA VAL E 97 28.35 -11.33 -4.46
C VAL E 97 27.34 -11.13 -3.37
N ASN E 98 26.15 -10.67 -3.78
CA ASN E 98 25.08 -10.30 -2.89
C ASN E 98 25.43 -9.06 -2.08
N VAL E 99 25.79 -7.96 -2.76
CA VAL E 99 26.25 -6.81 -2.01
C VAL E 99 25.11 -6.03 -1.35
N GLU E 100 23.96 -5.89 -1.98
CA GLU E 100 22.96 -4.99 -1.43
C GLU E 100 22.39 -5.53 -0.14
N ALA E 101 22.17 -6.84 -0.05
CA ALA E 101 21.74 -7.40 1.23
C ALA E 101 22.85 -7.27 2.29
N LEU E 102 24.11 -7.51 1.94
CA LEU E 102 25.17 -7.27 2.94
C LEU E 102 25.14 -5.83 3.42
N ARG E 103 25.07 -4.88 2.50
CA ARG E 103 25.06 -3.48 2.87
C ARG E 103 23.88 -3.15 3.74
N GLN E 104 22.72 -3.76 3.53
CA GLN E 104 21.55 -3.44 4.34
C GLN E 104 21.67 -3.96 5.77
N LYS E 105 22.14 -5.19 5.92
CA LYS E 105 22.48 -5.72 7.23
C LYS E 105 23.31 -4.74 8.02
N ILE E 106 24.52 -4.44 7.51
CA ILE E 106 25.46 -3.50 8.14
C ILE E 106 24.76 -2.22 8.52
N MET E 107 24.06 -1.63 7.55
CA MET E 107 23.29 -0.42 7.77
C MET E 107 22.07 -0.55 8.73
N GLU E 108 21.65 -1.77 9.06
CA GLU E 108 20.63 -1.98 10.10
C GLU E 108 21.25 -2.28 11.46
N SER E 109 22.58 -2.24 11.56
CA SER E 109 23.24 -2.71 12.76
C SER E 109 23.52 -1.60 13.74
N GLY E 110 23.96 -1.99 14.95
CA GLY E 110 24.31 -1.03 15.98
C GLY E 110 25.77 -1.10 16.40
N GLY E 111 26.59 -1.79 15.61
CA GLY E 111 27.98 -1.93 15.94
C GLY E 111 28.66 -3.07 15.23
N ILE E 112 29.99 -3.08 15.28
CA ILE E 112 30.81 -4.17 14.75
C ILE E 112 31.95 -4.52 15.67
N ASN E 113 32.13 -5.80 15.93
CA ASN E 113 33.24 -6.26 16.73
C ASN E 113 34.01 -7.19 15.80
N LYS E 114 35.32 -7.23 15.94
CA LYS E 114 36.14 -8.06 15.10
C LYS E 114 36.71 -9.21 15.91
N ILE E 115 36.60 -10.42 15.38
CA ILE E 115 37.10 -11.63 16.04
C ILE E 115 38.11 -12.31 15.13
N SER E 116 39.28 -12.62 15.65
CA SER E 116 40.33 -13.24 14.84
C SER E 116 39.98 -14.67 14.48
N THR E 117 40.20 -15.04 13.22
CA THR E 117 40.08 -16.44 12.75
C THR E 117 41.16 -17.38 13.28
N GLY E 118 42.40 -16.90 13.38
CA GLY E 118 43.51 -17.71 13.83
C GLY E 118 44.15 -18.60 12.79
N PHE E 119 43.79 -18.41 11.52
CA PHE E 119 44.32 -19.25 10.45
C PHE E 119 45.82 -19.09 10.38
N THR E 120 46.52 -20.19 10.21
CA THR E 120 47.97 -20.18 10.13
C THR E 120 48.33 -21.06 8.95
N TYR E 121 49.51 -20.86 8.39
CA TYR E 121 49.84 -21.48 7.12
C TYR E 121 51.27 -21.90 7.16
N GLY E 122 51.55 -23.06 6.60
CA GLY E 122 52.89 -23.59 6.59
C GLY E 122 53.85 -22.87 5.66
N SER E 123 55.02 -23.44 5.49
CA SER E 123 56.14 -22.75 4.88
C SER E 123 56.02 -22.54 3.39
N SER E 124 55.22 -23.35 2.69
CA SER E 124 55.13 -23.19 1.24
C SER E 124 54.19 -22.06 0.87
N ILE E 125 53.53 -21.48 1.87
CA ILE E 125 52.61 -20.37 1.67
C ILE E 125 53.18 -19.04 2.19
N ASN E 126 53.29 -18.08 1.27
CA ASN E 126 53.55 -16.69 1.55
C ASN E 126 52.24 -15.93 1.72
N SER E 127 51.91 -15.61 2.95
CA SER E 127 50.63 -15.01 3.24
C SER E 127 50.65 -13.51 3.40
N ALA E 128 51.79 -12.84 3.17
CA ALA E 128 51.89 -11.40 3.44
C ALA E 128 51.91 -10.51 2.19
N GLY E 129 51.50 -11.05 1.05
CA GLY E 129 51.57 -10.31 -0.20
C GLY E 129 50.73 -9.05 -0.15
N THR E 130 51.19 -8.04 -0.86
CA THR E 130 50.57 -6.72 -0.87
C THR E 130 50.42 -6.26 -2.29
N THR E 131 49.64 -5.22 -2.51
CA THR E 131 49.48 -4.65 -3.83
C THR E 131 49.59 -3.12 -3.85
N ARG E 132 49.90 -2.60 -5.03
CA ARG E 132 49.98 -1.16 -5.32
C ARG E 132 48.64 -0.50 -5.09
N ALA E 133 47.57 -1.28 -5.26
CA ALA E 133 46.21 -0.76 -5.24
C ALA E 133 45.65 -0.49 -3.84
N CYS E 134 46.31 -1.02 -2.79
CA CYS E 134 45.91 -0.79 -1.39
C CYS E 134 47.03 -0.14 -0.58
N MET E 135 46.94 1.16 -0.41
CA MET E 135 48.06 1.91 0.11
C MET E 135 47.86 2.33 1.53
N ARG E 136 48.87 2.06 2.36
CA ARG E 136 48.97 2.63 3.70
C ARG E 136 50.32 3.32 3.84
N ASN E 137 50.31 4.55 4.30
CA ASN E 137 51.50 5.38 4.55
C ASN E 137 52.30 5.50 3.27
N GLY E 138 51.58 5.48 2.16
CA GLY E 138 52.18 5.73 0.87
C GLY E 138 52.77 4.53 0.21
N GLY E 139 52.79 3.39 0.89
CA GLY E 139 53.21 2.16 0.22
C GLY E 139 52.23 1.01 0.19
N ASN E 140 52.57 0.02 -0.64
CA ASN E 140 51.76 -1.19 -0.83
C ASN E 140 51.28 -1.84 0.47
N SER E 141 50.08 -2.41 0.43
CA SER E 141 49.39 -2.92 1.61
C SER E 141 48.28 -3.81 1.08
N PHE E 142 47.30 -4.14 1.89
CA PHE E 142 46.23 -5.04 1.46
C PHE E 142 45.06 -4.78 2.40
N TYR E 143 43.93 -5.44 2.16
CA TYR E 143 42.81 -5.37 3.09
C TYR E 143 43.28 -5.84 4.44
N ALA E 144 42.90 -5.11 5.48
CA ALA E 144 43.36 -5.42 6.83
C ALA E 144 42.84 -6.76 7.36
N GLU E 145 41.71 -7.21 6.86
CA GLU E 145 41.09 -8.37 7.47
C GLU E 145 41.22 -9.62 6.63
N LEU E 146 41.55 -9.47 5.35
CA LEU E 146 41.92 -10.63 4.50
C LEU E 146 43.43 -10.77 4.27
N LYS E 147 43.86 -11.96 3.88
CA LYS E 147 45.26 -12.21 3.54
C LYS E 147 45.39 -12.84 2.16
N TRP E 148 46.37 -12.41 1.37
CA TRP E 148 46.59 -12.97 0.05
C TRP E 148 47.58 -14.13 0.10
N LEU E 149 47.06 -15.34 -0.07
CA LEU E 149 47.88 -16.54 -0.06
C LEU E 149 48.49 -16.87 -1.42
N VAL E 150 49.81 -16.89 -1.49
CA VAL E 150 50.50 -17.30 -2.71
C VAL E 150 51.62 -18.30 -2.41
N SER E 151 52.09 -19.02 -3.42
CA SER E 151 53.25 -19.86 -3.22
C SER E 151 54.51 -19.04 -2.90
N LYS E 152 55.27 -19.46 -1.88
CA LYS E 152 56.48 -18.73 -1.51
C LYS E 152 57.53 -18.77 -2.61
N SER E 153 57.70 -19.93 -3.24
CA SER E 153 58.53 -20.03 -4.45
C SER E 153 57.68 -19.84 -5.68
N LYS E 154 57.84 -18.70 -6.31
CA LYS E 154 57.01 -18.32 -7.43
C LYS E 154 57.10 -19.42 -8.48
N GLY E 155 55.94 -19.87 -8.92
CA GLY E 155 55.82 -20.90 -9.94
C GLY E 155 55.39 -22.24 -9.41
N GLN E 156 55.67 -22.57 -8.14
CA GLN E 156 55.37 -23.92 -7.61
C GLN E 156 53.88 -24.13 -7.23
N ASN E 157 53.44 -25.39 -7.17
CA ASN E 157 52.03 -25.67 -6.86
C ASN E 157 51.66 -25.33 -5.41
N PHE E 158 50.79 -24.34 -5.28
CA PHE E 158 50.23 -23.94 -4.00
C PHE E 158 49.61 -25.17 -3.31
N PRO E 159 50.04 -25.45 -2.08
CA PRO E 159 49.69 -26.70 -1.38
C PRO E 159 48.22 -26.85 -0.97
N GLN E 160 47.68 -28.07 -1.04
CA GLN E 160 46.33 -28.33 -0.55
C GLN E 160 46.27 -27.96 0.90
N THR E 161 45.47 -26.93 1.24
CA THR E 161 45.45 -26.35 2.58
C THR E 161 44.04 -26.39 3.17
N THR E 162 43.90 -26.55 4.48
CA THR E 162 42.59 -26.54 5.14
C THR E 162 42.61 -25.53 6.27
N ASN E 163 41.51 -24.81 6.45
CA ASN E 163 41.42 -23.80 7.50
C ASN E 163 40.03 -23.74 8.08
N THR E 164 39.90 -23.78 9.40
CA THR E 164 38.58 -23.85 9.98
C THR E 164 38.35 -22.77 10.99
N TYR E 165 37.34 -21.93 10.73
CA TYR E 165 36.89 -20.96 11.72
C TYR E 165 35.80 -21.54 12.62
N ARG E 166 35.94 -21.43 13.93
CA ARG E 166 34.96 -22.02 14.82
C ARG E 166 34.26 -21.01 15.70
N ASN E 167 32.98 -20.78 15.46
CA ASN E 167 32.23 -19.81 16.26
C ASN E 167 31.95 -20.29 17.68
N THR E 168 32.79 -19.86 18.60
CA THR E 168 32.73 -20.26 20.00
C THR E 168 31.84 -19.35 20.84
N ASP E 169 31.19 -18.38 20.19
CA ASP E 169 30.40 -17.33 20.84
C ASP E 169 28.89 -17.68 20.88
N THR E 170 28.03 -16.75 21.30
CA THR E 170 26.60 -17.07 21.37
C THR E 170 25.74 -16.21 20.44
N ALA E 171 26.37 -15.28 19.73
CA ALA E 171 25.76 -14.63 18.60
C ALA E 171 26.41 -15.17 17.31
N GLU E 172 25.80 -14.82 16.17
CA GLU E 172 26.33 -15.23 14.89
C GLU E 172 27.43 -14.27 14.43
N HIS E 173 28.35 -14.76 13.61
CA HIS E 173 29.45 -13.92 13.14
C HIS E 173 29.34 -13.86 11.65
N LEU E 174 29.93 -12.84 11.04
CA LEU E 174 29.78 -12.73 9.61
C LEU E 174 31.18 -13.01 9.10
N ILE E 175 31.31 -13.76 8.01
CA ILE E 175 32.64 -14.09 7.54
C ILE E 175 32.70 -13.74 6.07
N MET E 176 33.77 -13.06 5.66
CA MET E 176 34.00 -12.72 4.27
C MET E 176 35.29 -13.32 3.76
N TRP E 177 35.33 -13.60 2.46
CA TRP E 177 36.53 -14.07 1.82
C TRP E 177 36.47 -13.67 0.38
N GLY E 178 37.63 -13.60 -0.25
CA GLY E 178 37.68 -13.22 -1.63
C GLY E 178 38.13 -14.41 -2.43
N ILE E 179 37.73 -14.44 -3.70
CA ILE E 179 38.29 -15.39 -4.66
C ILE E 179 39.09 -14.57 -5.66
N HIS E 180 40.29 -15.02 -6.00
CA HIS E 180 41.18 -14.26 -6.89
C HIS E 180 41.09 -14.67 -8.32
N HIS E 181 40.81 -13.73 -9.21
CA HIS E 181 40.68 -14.01 -10.63
C HIS E 181 41.77 -13.37 -11.47
N PRO E 182 42.79 -14.16 -11.80
CA PRO E 182 43.95 -13.56 -12.43
C PRO E 182 43.70 -13.00 -13.83
N SER E 183 44.70 -12.29 -14.33
CA SER E 183 44.61 -11.51 -15.54
C SER E 183 45.21 -12.25 -16.71
N SER E 184 46.04 -13.24 -16.40
CA SER E 184 46.64 -14.03 -17.44
C SER E 184 47.13 -15.36 -16.88
N THR E 185 47.46 -16.26 -17.80
CA THR E 185 47.93 -17.57 -17.46
C THR E 185 49.31 -17.58 -16.84
N GLN E 186 50.14 -16.59 -17.15
CA GLN E 186 51.45 -16.57 -16.52
C GLN E 186 51.31 -16.18 -15.06
N GLU E 187 50.51 -15.15 -14.83
CA GLU E 187 50.27 -14.67 -13.48
C GLU E 187 49.78 -15.79 -12.59
N LYS E 188 48.70 -16.43 -12.99
CA LYS E 188 48.14 -17.54 -12.25
C LYS E 188 49.20 -18.64 -12.01
N ASN E 189 49.91 -19.03 -13.05
CA ASN E 189 50.97 -20.03 -12.90
C ASN E 189 52.04 -19.58 -11.91
N THR E 190 52.42 -18.32 -11.96
CA THR E 190 53.42 -17.78 -11.04
C THR E 190 52.96 -17.69 -9.58
N LEU E 191 51.72 -17.28 -9.38
CA LEU E 191 51.16 -17.16 -8.05
C LEU E 191 50.77 -18.52 -7.45
N TYR E 192 50.15 -19.41 -8.23
CA TYR E 192 49.54 -20.63 -7.66
C TYR E 192 50.01 -21.95 -8.27
N GLY E 193 50.63 -21.90 -9.44
CA GLY E 193 51.06 -23.15 -10.05
C GLY E 193 50.25 -23.52 -11.28
N THR E 194 50.67 -24.58 -11.96
CA THR E 194 50.01 -24.92 -13.21
C THR E 194 48.81 -25.79 -12.94
N GLN E 195 48.70 -26.30 -11.71
CA GLN E 195 47.61 -27.20 -11.32
C GLN E 195 46.27 -26.54 -11.39
N SER E 196 45.22 -27.33 -11.52
CA SER E 196 43.88 -26.76 -11.58
C SER E 196 43.33 -26.42 -10.18
N LEU E 197 42.70 -25.26 -10.04
CA LEU E 197 42.39 -24.74 -8.71
C LEU E 197 40.95 -25.02 -8.33
N SER E 198 40.71 -25.02 -7.03
CA SER E 198 39.41 -25.30 -6.45
C SER E 198 39.46 -24.79 -5.02
N ILE E 199 38.36 -24.20 -4.59
CA ILE E 199 38.21 -23.56 -3.29
C ILE E 199 36.84 -23.95 -2.85
N SER E 200 36.78 -24.88 -1.91
CA SER E 200 35.49 -25.28 -1.41
C SER E 200 35.28 -24.73 0.00
N VAL E 201 34.08 -24.24 0.26
CA VAL E 201 33.77 -23.64 1.56
C VAL E 201 32.48 -24.22 2.11
N GLY E 202 32.53 -24.79 3.30
CA GLY E 202 31.38 -25.45 3.86
C GLY E 202 31.20 -25.41 5.37
N SER E 203 30.01 -25.03 5.81
CA SER E 203 29.65 -25.10 7.21
C SER E 203 28.54 -26.14 7.41
N SER E 204 27.73 -26.00 8.44
CA SER E 204 26.58 -26.88 8.64
C SER E 204 25.39 -26.46 7.78
N THR E 205 25.40 -25.18 7.40
CA THR E 205 24.29 -24.54 6.71
C THR E 205 24.75 -23.80 5.48
N TYR E 206 25.96 -24.10 5.01
CA TYR E 206 26.55 -23.43 3.83
C TYR E 206 27.49 -24.37 3.10
N ARG E 207 27.39 -24.46 1.75
CA ARG E 207 28.54 -24.91 0.98
C ARG E 207 28.62 -24.33 -0.41
N ASN E 208 29.84 -24.16 -0.89
CA ASN E 208 30.06 -23.62 -2.21
C ASN E 208 31.42 -24.05 -2.72
N ASN E 209 31.53 -24.26 -4.03
CA ASN E 209 32.80 -24.33 -4.77
C ASN E 209 33.12 -23.09 -5.53
N PHE E 210 34.41 -22.73 -5.59
CA PHE E 210 34.87 -21.61 -6.42
C PHE E 210 36.07 -21.99 -7.25
N VAL E 211 36.12 -21.42 -8.45
CA VAL E 211 37.21 -21.63 -9.41
C VAL E 211 37.64 -20.30 -9.97
N PRO E 212 38.89 -19.91 -9.67
CA PRO E 212 39.47 -18.71 -10.22
C PRO E 212 39.54 -18.85 -11.73
N VAL E 213 38.96 -17.87 -12.43
CA VAL E 213 38.91 -17.86 -13.86
C VAL E 213 39.83 -16.76 -14.33
N VAL E 214 40.73 -17.12 -15.23
CA VAL E 214 41.68 -16.21 -15.86
C VAL E 214 40.99 -15.53 -17.06
N GLY E 215 41.18 -14.22 -17.21
CA GLY E 215 40.59 -13.51 -18.32
C GLY E 215 41.20 -12.13 -18.54
N ALA E 216 41.05 -11.58 -19.74
CA ALA E 216 41.52 -10.23 -19.96
C ALA E 216 40.41 -9.29 -19.56
N ARG E 217 40.76 -8.27 -18.78
CA ARG E 217 39.80 -7.29 -18.29
C ARG E 217 40.42 -5.90 -18.27
N PRO E 218 39.60 -4.87 -18.43
CA PRO E 218 40.11 -3.49 -18.40
C PRO E 218 40.80 -3.16 -17.10
N GLN E 219 41.87 -2.40 -17.17
CA GLN E 219 42.62 -2.09 -15.97
C GLN E 219 41.82 -1.15 -15.13
N VAL E 220 41.66 -1.54 -13.88
CA VAL E 220 41.03 -0.72 -12.86
C VAL E 220 42.05 -0.66 -11.76
N ASN E 221 42.39 0.53 -11.28
CA ASN E 221 43.38 0.66 -10.21
C ASN E 221 44.74 0.11 -10.70
N GLY E 222 44.91 0.07 -12.02
CA GLY E 222 46.08 -0.50 -12.66
C GLY E 222 46.10 -2.01 -12.76
N LEU E 223 45.00 -2.67 -12.39
CA LEU E 223 44.95 -4.13 -12.33
C LEU E 223 43.90 -4.80 -13.18
N SER E 224 44.31 -5.79 -13.97
CA SER E 224 43.37 -6.56 -14.77
C SER E 224 42.79 -7.74 -13.97
N SER E 225 43.41 -8.01 -12.83
CA SER E 225 42.94 -8.95 -11.85
C SER E 225 41.77 -8.39 -11.07
N ARG E 226 41.14 -9.27 -10.30
CA ARG E 226 39.85 -9.04 -9.67
C ARG E 226 39.79 -9.89 -8.45
N ILE E 227 39.36 -9.32 -7.33
CA ILE E 227 39.08 -10.15 -6.17
C ILE E 227 37.59 -10.08 -5.92
N ASP E 228 36.93 -11.24 -6.00
CA ASP E 228 35.48 -11.25 -5.87
C ASP E 228 35.06 -11.79 -4.51
N PHE E 229 34.49 -10.93 -3.67
CA PHE E 229 34.17 -11.31 -2.30
C PHE E 229 32.88 -12.13 -2.11
N HIS E 230 32.89 -13.01 -1.12
CA HIS E 230 31.70 -13.77 -0.75
C HIS E 230 31.45 -13.73 0.76
N TRP E 231 30.27 -14.12 1.19
CA TRP E 231 30.00 -14.05 2.61
C TRP E 231 28.84 -14.89 3.07
N THR E 232 28.91 -15.27 4.33
CA THR E 232 27.82 -15.99 4.92
C THR E 232 27.90 -15.81 6.39
N LEU E 233 26.77 -16.05 7.04
CA LEU E 233 26.63 -16.00 8.47
C LEU E 233 26.92 -17.36 9.05
N VAL E 234 27.70 -17.36 10.13
CA VAL E 234 28.12 -18.57 10.83
C VAL E 234 27.51 -18.63 12.23
N GLN E 235 26.64 -19.61 12.45
CA GLN E 235 25.81 -19.64 13.65
C GLN E 235 26.60 -20.08 14.88
N PRO E 236 26.08 -19.79 16.09
CA PRO E 236 26.88 -20.09 17.26
C PRO E 236 27.09 -21.57 17.44
N GLY E 237 28.34 -21.98 17.58
CA GLY E 237 28.68 -23.36 17.84
C GLY E 237 29.00 -24.12 16.59
N ASP E 238 28.74 -23.49 15.43
CA ASP E 238 28.98 -24.10 14.14
C ASP E 238 30.38 -23.75 13.69
N ASN E 239 30.88 -24.48 12.70
CA ASN E 239 32.19 -24.26 12.10
C ASN E 239 32.10 -24.06 10.62
N ILE E 240 33.11 -23.41 10.04
CA ILE E 240 33.16 -23.21 8.60
C ILE E 240 34.58 -23.62 8.15
N THR E 241 34.67 -24.34 7.04
CA THR E 241 35.94 -24.89 6.64
C THR E 241 36.28 -24.53 5.19
N PHE E 242 37.49 -24.07 4.99
CA PHE E 242 38.00 -23.73 3.70
C PHE E 242 38.91 -24.85 3.20
N SER E 243 38.54 -25.50 2.10
CA SER E 243 39.48 -26.42 1.45
C SER E 243 39.94 -25.71 0.19
N HIS E 244 41.22 -25.36 0.13
CA HIS E 244 41.66 -24.55 -0.98
C HIS E 244 43.02 -24.89 -1.54
N ASN E 245 43.22 -24.41 -2.75
CA ASN E 245 44.22 -24.89 -3.66
C ASN E 245 45.14 -23.76 -4.06
N GLY E 246 44.59 -22.56 -4.09
CA GLY E 246 45.23 -21.39 -4.63
C GLY E 246 44.14 -20.54 -5.21
N GLY E 247 44.12 -19.25 -4.89
CA GLY E 247 43.01 -18.40 -5.24
C GLY E 247 42.18 -17.95 -4.05
N LEU E 248 42.57 -18.28 -2.84
CA LEU E 248 41.76 -17.85 -1.73
C LEU E 248 42.34 -16.61 -1.10
N ILE E 249 41.57 -15.55 -1.09
CA ILE E 249 41.93 -14.37 -0.31
C ILE E 249 41.34 -14.68 1.08
N ALA E 250 42.19 -15.04 2.02
CA ALA E 250 41.71 -15.70 3.26
C ALA E 250 41.36 -14.73 4.40
N PRO E 251 40.31 -15.02 5.17
CA PRO E 251 39.93 -14.09 6.22
C PRO E 251 40.79 -14.25 7.45
N SER E 252 41.26 -13.16 8.04
CA SER E 252 42.09 -13.25 9.22
C SER E 252 41.35 -12.65 10.40
N ARG E 253 40.24 -11.97 10.12
CA ARG E 253 39.30 -11.65 11.16
C ARG E 253 37.92 -11.85 10.58
N VAL E 254 36.95 -12.15 11.43
CA VAL E 254 35.54 -12.16 11.07
C VAL E 254 34.86 -10.98 11.72
N SER E 255 33.62 -10.72 11.36
CA SER E 255 32.91 -9.64 12.03
C SER E 255 31.74 -10.18 12.83
N LYS E 256 31.34 -9.41 13.83
CA LYS E 256 30.12 -9.71 14.55
C LYS E 256 29.24 -8.51 14.56
N LEU E 257 28.17 -8.50 13.78
CA LEU E 257 27.26 -7.38 13.83
C LEU E 257 26.48 -7.37 15.15
N ILE E 258 26.28 -6.19 15.73
CA ILE E 258 25.77 -6.10 17.08
C ILE E 258 24.67 -5.08 17.27
N GLY E 259 23.48 -5.54 17.65
CA GLY E 259 22.42 -4.62 18.02
C GLY E 259 21.79 -4.00 16.82
N ARG E 260 21.05 -2.91 17.00
CA ARG E 260 20.42 -2.23 15.88
C ARG E 260 20.66 -0.72 15.82
N GLY E 261 20.51 -0.15 14.62
CA GLY E 261 20.64 1.29 14.44
C GLY E 261 20.02 1.81 13.16
N LEU E 262 19.80 3.12 13.05
CA LEU E 262 19.24 3.67 11.84
C LEU E 262 20.36 4.02 10.87
N GLY E 263 20.25 3.54 9.65
CA GLY E 263 21.25 3.80 8.64
C GLY E 263 20.72 4.90 7.77
N ILE E 264 21.53 5.94 7.62
CA ILE E 264 21.22 7.12 6.83
C ILE E 264 22.18 7.29 5.68
N GLN E 265 21.65 7.33 4.48
CA GLN E 265 22.41 7.65 3.27
C GLN E 265 22.21 9.12 2.92
N SER E 266 23.18 9.97 3.22
CA SER E 266 23.03 11.37 2.90
C SER E 266 24.33 12.06 2.75
N ASP E 267 24.36 13.19 2.06
CA ASP E 267 25.60 13.94 2.03
C ASP E 267 25.54 15.20 2.87
N ALA E 268 24.47 15.37 3.64
CA ALA E 268 24.32 16.56 4.46
C ALA E 268 25.36 16.57 5.55
N PRO E 269 25.81 17.75 5.93
CA PRO E 269 26.71 17.84 7.08
C PRO E 269 26.01 17.53 8.41
N ILE E 270 26.71 16.82 9.28
CA ILE E 270 26.32 16.59 10.66
C ILE E 270 26.23 17.86 11.50
N ASP E 271 25.32 17.90 12.45
CA ASP E 271 25.08 19.07 13.31
C ASP E 271 24.56 18.56 14.64
N ASN E 272 25.42 18.47 15.65
CA ASN E 272 25.01 17.85 16.91
C ASN E 272 24.13 18.70 17.81
N ASN E 273 23.56 19.76 17.28
CA ASN E 273 22.68 20.54 18.12
C ASN E 273 21.22 20.30 17.79
N CYS E 274 20.79 20.38 16.54
CA CYS E 274 19.40 20.05 16.32
C CYS E 274 19.24 18.55 16.48
N GLU E 275 18.00 18.14 16.67
CA GLU E 275 17.68 16.75 16.97
C GLU E 275 16.59 16.38 15.99
N SER E 276 16.55 15.11 15.59
CA SER E 276 15.58 14.69 14.61
C SER E 276 15.34 13.22 14.71
N LYS E 277 14.22 12.77 14.14
CA LYS E 277 13.84 11.36 14.09
C LYS E 277 13.57 10.92 12.66
N CYS E 278 13.64 11.87 11.74
CA CYS E 278 13.29 11.61 10.36
C CYS E 278 14.36 12.21 9.41
N PHE E 279 14.81 11.44 8.40
CA PHE E 279 15.97 11.81 7.59
C PHE E 279 15.87 11.41 6.14
N TRP E 280 16.43 12.21 5.24
CA TRP E 280 16.51 11.82 3.84
C TRP E 280 17.86 12.19 3.23
N ARG E 281 17.98 12.12 1.91
CA ARG E 281 19.25 12.39 1.28
C ARG E 281 19.70 13.85 1.50
N GLY E 282 18.75 14.79 1.52
CA GLY E 282 18.99 16.16 1.95
C GLY E 282 18.96 16.07 3.46
N GLY E 283 18.90 17.16 4.19
CA GLY E 283 19.10 16.99 5.62
C GLY E 283 17.87 16.47 6.39
N SER E 284 17.87 16.56 7.70
CA SER E 284 16.79 16.11 8.56
C SER E 284 15.39 16.71 8.29
N ILE E 285 14.33 16.13 8.86
CA ILE E 285 13.01 16.80 8.95
C ILE E 285 12.43 16.87 10.38
N ASN E 286 12.25 18.07 10.93
CA ASN E 286 11.60 18.25 12.24
C ASN E 286 10.30 18.96 12.10
N THR E 287 9.20 18.29 12.39
CA THR E 287 7.92 18.95 12.29
C THR E 287 6.83 18.21 13.01
N ARG E 288 5.78 18.96 13.36
CA ARG E 288 4.67 18.40 14.12
C ARG E 288 3.58 17.89 13.19
N LEU E 289 3.52 18.47 12.00
CA LEU E 289 2.55 18.12 10.98
C LEU E 289 2.65 16.66 10.59
N PRO E 290 1.58 16.09 9.99
CA PRO E 290 1.59 14.67 9.66
C PRO E 290 2.02 14.36 8.24
N PHE E 291 2.10 15.39 7.40
CA PHE E 291 2.39 15.29 5.97
C PHE E 291 3.59 16.17 5.58
N GLN E 292 4.40 15.74 4.63
CA GLN E 292 5.55 16.54 4.21
C GLN E 292 5.74 16.38 2.72
N ASN E 293 6.30 17.37 2.02
CA ASN E 293 6.54 17.15 0.59
C ASN E 293 7.98 17.41 0.17
N LEU E 294 8.90 17.20 1.11
CA LEU E 294 10.33 17.28 0.84
C LEU E 294 10.81 16.05 0.08
N SER E 295 10.59 14.87 0.62
CA SER E 295 11.04 13.64 -0.02
C SER E 295 10.09 12.45 0.14
N PRO E 296 9.91 11.69 -0.94
CA PRO E 296 9.10 10.47 -0.95
C PRO E 296 9.89 9.28 -0.40
N ARG E 297 11.10 9.58 0.05
CA ARG E 297 12.10 8.58 0.34
C ARG E 297 12.81 8.93 1.64
N THR E 298 12.20 8.60 2.77
CA THR E 298 12.78 8.97 4.06
C THR E 298 13.10 7.77 4.94
N VAL E 299 13.75 8.00 6.08
CA VAL E 299 14.00 6.92 7.02
C VAL E 299 13.74 7.34 8.45
N GLY E 300 13.31 6.41 9.29
CA GLY E 300 13.03 6.72 10.67
C GLY E 300 11.58 7.12 10.86
N GLN E 301 11.31 7.93 11.88
CA GLN E 301 9.95 8.26 12.22
C GLN E 301 9.44 9.54 11.53
N CYS E 302 8.96 9.37 10.32
CA CYS E 302 8.65 10.50 9.48
C CYS E 302 7.18 10.73 9.29
N PRO E 303 6.80 12.00 9.06
CA PRO E 303 5.48 12.29 8.51
C PRO E 303 5.30 11.64 7.15
N LYS E 304 4.05 11.46 6.74
CA LYS E 304 3.77 10.76 5.48
C LYS E 304 3.89 11.70 4.31
N TYR E 305 4.60 11.27 3.28
CA TYR E 305 4.84 12.10 2.11
C TYR E 305 3.61 12.26 1.24
N VAL E 306 3.13 13.49 1.10
CA VAL E 306 2.06 13.82 0.16
C VAL E 306 2.51 14.75 -0.98
N ASN E 307 2.10 14.41 -2.20
CA ASN E 307 2.47 15.16 -3.41
C ASN E 307 1.79 16.53 -3.59
N ARG E 308 1.81 17.37 -2.56
CA ARG E 308 1.15 18.66 -2.63
C ARG E 308 1.98 19.72 -1.96
N ARG E 309 1.85 20.95 -2.46
CA ARG E 309 2.55 22.09 -1.90
C ARG E 309 1.85 22.58 -0.64
N SER E 310 0.52 22.61 -0.63
CA SER E 310 -0.20 23.07 0.56
C SER E 310 -1.61 22.53 0.78
N LEU E 311 -1.94 22.32 2.04
CA LEU E 311 -3.27 21.90 2.46
C LEU E 311 -3.68 22.68 3.71
N MET E 312 -4.45 23.74 3.51
CA MET E 312 -4.85 24.63 4.60
C MET E 312 -6.09 24.16 5.34
N LEU E 313 -5.96 24.09 6.66
CA LEU E 313 -6.98 23.62 7.58
C LEU E 313 -7.58 24.83 8.28
N ALA E 314 -8.87 25.04 8.04
CA ALA E 314 -9.56 26.16 8.65
C ALA E 314 -9.46 26.08 10.17
N THR E 315 -9.27 27.22 10.82
CA THR E 315 -9.19 27.25 12.26
C THR E 315 -10.14 28.30 12.82
N GLY E 316 -11.08 28.72 11.98
CA GLY E 316 -12.02 29.73 12.38
C GLY E 316 -13.21 29.70 11.46
N MET E 317 -14.17 30.60 11.68
CA MET E 317 -15.43 30.58 10.94
C MET E 317 -15.26 31.11 9.57
N ARG E 318 -16.36 31.13 8.79
CA ARG E 318 -16.36 31.80 7.51
C ARG E 318 -16.10 33.27 7.71
N ASN E 319 -15.34 33.86 6.80
CA ASN E 319 -15.08 35.29 6.85
C ASN E 319 -16.12 35.97 6.00
N VAL E 320 -16.92 36.81 6.63
CA VAL E 320 -17.91 37.62 5.91
C VAL E 320 -17.72 39.07 6.29
N PRO E 321 -17.12 39.87 5.40
CA PRO E 321 -16.84 41.27 5.71
C PRO E 321 -17.90 42.20 5.12
N GLU E 322 -17.80 43.51 5.36
CA GLU E 322 -18.82 44.48 4.91
C GLU E 322 -18.93 44.61 3.38
N LEU F 1 -25.43 23.52 7.05
CA LEU F 1 -25.54 24.99 7.14
C LEU F 1 -26.70 25.34 8.04
N PHE F 2 -26.38 25.94 9.16
CA PHE F 2 -27.33 26.56 10.05
C PHE F 2 -27.35 28.02 9.62
N GLY F 3 -28.52 28.65 9.60
CA GLY F 3 -28.66 29.88 8.83
C GLY F 3 -27.87 31.14 9.18
N ALA F 4 -27.28 31.21 10.35
CA ALA F 4 -26.72 32.47 10.81
C ALA F 4 -25.55 33.10 10.03
N ILE F 5 -24.52 32.33 9.72
CA ILE F 5 -23.32 32.95 9.19
C ILE F 5 -23.28 32.70 7.71
N ALA F 6 -23.15 33.80 6.94
CA ALA F 6 -23.36 33.80 5.50
C ALA F 6 -24.83 33.45 5.23
N GLY F 7 -25.68 33.75 6.20
CA GLY F 7 -27.10 33.48 6.08
C GLY F 7 -27.95 34.69 6.44
N PHE F 8 -28.84 34.55 7.43
CA PHE F 8 -29.63 35.71 7.84
C PHE F 8 -28.79 36.85 8.44
N LEU F 9 -27.71 36.56 9.17
CA LEU F 9 -26.79 37.63 9.57
C LEU F 9 -26.03 38.12 8.32
N GLU F 10 -26.02 39.43 8.09
CA GLU F 10 -25.45 39.97 6.86
C GLU F 10 -23.94 39.86 6.73
N ASN F 11 -23.24 40.14 7.81
CA ASN F 11 -21.80 40.20 7.71
C ASN F 11 -21.11 40.15 9.05
N GLY F 12 -19.81 39.91 9.06
CA GLY F 12 -19.01 39.91 10.28
C GLY F 12 -18.70 41.28 10.87
N TRP F 13 -18.36 41.30 12.15
CA TRP F 13 -17.98 42.52 12.85
C TRP F 13 -16.48 42.56 13.16
N GLU F 14 -15.75 43.40 12.42
CA GLU F 14 -14.30 43.55 12.61
C GLU F 14 -13.96 44.28 13.88
N GLY F 15 -14.88 45.08 14.40
CA GLY F 15 -14.61 45.82 15.61
C GLY F 15 -14.61 44.91 16.82
N MET F 16 -15.02 43.66 16.62
CA MET F 16 -15.13 42.71 17.72
C MET F 16 -13.95 41.75 17.76
N VAL F 17 -12.93 42.18 18.47
CA VAL F 17 -11.66 41.49 18.53
C VAL F 17 -11.57 40.83 19.88
N ASP F 18 -12.72 40.85 20.53
CA ASP F 18 -12.82 40.50 21.92
C ASP F 18 -13.14 39.03 22.05
N GLY F 19 -13.77 38.49 21.00
CA GLY F 19 -14.30 37.15 21.01
C GLY F 19 -15.00 36.83 19.71
N TRP F 20 -15.24 35.56 19.45
CA TRP F 20 -15.89 35.11 18.22
C TRP F 20 -17.33 35.57 18.01
N TYR F 21 -18.11 35.56 19.09
CA TYR F 21 -19.55 35.86 19.03
C TYR F 21 -19.93 36.94 20.02
N GLY F 22 -20.88 37.79 19.62
CA GLY F 22 -21.14 38.99 20.40
C GLY F 22 -22.50 39.67 20.32
N PHE F 23 -22.70 40.66 21.20
CA PHE F 23 -23.92 41.45 21.25
C PHE F 23 -23.68 42.91 20.93
N ARG F 24 -24.66 43.58 20.31
CA ARG F 24 -24.65 45.05 20.14
C ARG F 24 -25.89 45.81 20.65
N HIS F 25 -25.68 46.85 21.44
CA HIS F 25 -26.77 47.68 22.01
C HIS F 25 -27.46 48.61 21.04
N GLN F 26 -28.75 48.83 21.31
CA GLN F 26 -29.45 50.04 20.90
C GLN F 26 -30.41 50.48 22.01
N ASN F 27 -30.11 51.60 22.67
CA ASN F 27 -31.01 52.14 23.68
C ASN F 27 -30.67 53.59 23.98
N ALA F 28 -31.58 54.28 24.65
CA ALA F 28 -31.27 55.63 25.07
C ALA F 28 -30.09 55.55 26.02
N GLN F 29 -29.10 56.42 25.79
CA GLN F 29 -27.87 56.63 26.58
C GLN F 29 -26.69 55.73 26.24
N GLY F 30 -26.90 54.72 25.40
CA GLY F 30 -25.90 53.67 25.27
C GLY F 30 -25.66 52.95 23.95
N THR F 31 -24.45 52.41 23.81
CA THR F 31 -24.11 51.50 22.71
C THR F 31 -22.90 50.61 23.06
N GLN F 33 -21.10 47.55 22.63
CA GLN F 33 -20.69 46.22 22.18
C GLN F 33 -20.09 45.31 23.26
N ALA F 34 -20.38 44.01 23.14
CA ALA F 34 -19.79 43.00 24.00
C ALA F 34 -19.57 41.68 23.24
N ALA F 35 -18.61 40.88 23.70
CA ALA F 35 -18.42 39.54 23.15
C ALA F 35 -18.84 38.49 24.19
N ASP F 36 -19.40 37.36 23.73
CA ASP F 36 -19.84 36.29 24.63
C ASP F 36 -18.71 35.26 24.89
N TYR F 37 -18.44 34.97 26.15
CA TYR F 37 -17.31 34.11 26.46
C TYR F 37 -17.60 32.65 26.17
N LYS F 38 -18.67 32.13 26.76
CA LYS F 38 -18.92 30.70 26.64
C LYS F 38 -19.09 30.27 25.17
N SER F 39 -19.66 31.12 24.34
CA SER F 39 -19.96 30.67 23.01
C SER F 39 -18.74 30.71 22.10
N THR F 40 -17.71 31.44 22.51
CA THR F 40 -16.52 31.48 21.68
C THR F 40 -15.56 30.39 22.11
N GLN F 41 -15.50 30.11 23.40
CA GLN F 41 -14.71 28.98 23.89
C GLN F 41 -15.31 27.70 23.34
N ALA F 42 -16.64 27.65 23.32
CA ALA F 42 -17.34 26.48 22.81
C ALA F 42 -16.94 26.17 21.37
N ALA F 43 -16.39 27.17 20.70
CA ALA F 43 -15.98 26.98 19.33
C ALA F 43 -14.47 26.84 19.23
N ILE F 44 -13.74 27.52 20.09
CA ILE F 44 -12.30 27.44 20.03
C ILE F 44 -11.87 26.08 20.58
N ASP F 45 -12.59 25.58 21.58
CA ASP F 45 -12.22 24.31 22.19
C ASP F 45 -12.47 23.14 21.22
N GLN F 46 -13.32 23.35 20.24
CA GLN F 46 -13.48 22.35 19.18
C GLN F 46 -12.44 22.49 18.08
N ILE F 47 -11.95 23.71 17.83
CA ILE F 47 -10.88 23.88 16.85
C ILE F 47 -9.61 23.26 17.37
N THR F 48 -9.25 23.54 18.62
CA THR F 48 -8.03 22.92 19.12
C THR F 48 -8.23 21.45 19.42
N GLY F 49 -9.46 20.96 19.40
CA GLY F 49 -9.68 19.53 19.41
C GLY F 49 -9.21 18.91 18.11
N LYS F 50 -9.57 19.54 16.98
CA LYS F 50 -9.18 19.04 15.67
C LYS F 50 -7.69 19.08 15.59
N LEU F 51 -7.11 20.18 16.06
CA LEU F 51 -5.68 20.38 15.94
C LEU F 51 -4.87 19.32 16.73
N ASN F 52 -5.31 18.99 17.94
CA ASN F 52 -4.63 17.95 18.73
C ASN F 52 -4.65 16.57 18.08
N ARG F 53 -5.70 16.28 17.31
CA ARG F 53 -5.78 15.02 16.58
C ARG F 53 -4.81 15.00 15.44
N LEU F 54 -4.76 16.10 14.73
CA LEU F 54 -3.89 16.29 13.59
C LEU F 54 -2.42 16.00 13.88
N VAL F 55 -1.94 16.39 15.05
CA VAL F 55 -0.52 16.28 15.40
C VAL F 55 -0.15 14.98 16.13
N GLU F 56 -1.00 13.97 15.99
CA GLU F 56 -0.82 12.68 16.64
C GLU F 56 0.29 11.85 16.02
N LYS F 57 0.92 10.98 16.82
CA LYS F 57 1.92 10.07 16.30
C LYS F 57 2.20 8.93 17.27
N ASN F 59 4.45 7.64 15.46
CA ASN F 59 5.11 7.32 14.20
C ASN F 59 5.83 5.97 14.21
N THR F 60 5.48 5.16 13.21
CA THR F 60 6.16 3.93 12.88
C THR F 60 7.54 4.25 12.35
N GLU F 61 8.53 3.45 12.73
CA GLU F 61 9.88 3.63 12.22
C GLU F 61 10.06 2.88 10.89
N PHE F 62 10.56 3.55 9.87
CA PHE F 62 10.82 2.89 8.62
C PHE F 62 12.29 2.92 8.30
N GLU F 63 12.77 1.92 7.57
CA GLU F 63 14.15 1.93 7.09
C GLU F 63 14.21 2.08 5.60
N SER F 64 15.42 2.10 5.07
CA SER F 64 15.63 2.38 3.67
C SER F 64 15.49 1.11 2.86
N ILE F 65 14.74 1.18 1.77
CA ILE F 65 14.62 -0.02 0.94
C ILE F 65 14.99 0.21 -0.52
N GLU F 66 15.34 1.43 -0.89
CA GLU F 66 16.11 1.63 -2.11
C GLU F 66 17.33 2.41 -1.76
N SER F 67 18.45 1.98 -2.33
CA SER F 67 19.74 2.57 -2.08
C SER F 67 19.93 3.85 -2.91
N GLU F 68 20.37 4.93 -2.27
CA GLU F 68 20.59 6.20 -2.96
C GLU F 68 21.90 6.23 -3.74
N PHE F 69 22.96 5.59 -3.25
CA PHE F 69 24.27 5.73 -3.90
C PHE F 69 24.72 4.51 -4.68
N SER F 70 23.85 3.54 -4.90
CA SER F 70 24.22 2.41 -5.71
C SER F 70 23.05 1.94 -6.55
N GLU F 71 23.35 1.16 -7.57
CA GLU F 71 22.35 0.64 -8.45
C GLU F 71 21.73 -0.57 -7.78
N ILE F 72 20.47 -0.82 -8.05
CA ILE F 72 19.79 -1.95 -7.48
C ILE F 72 18.93 -2.55 -8.56
N GLU F 73 18.73 -3.86 -8.44
CA GLU F 73 18.28 -4.68 -9.53
C GLU F 73 17.05 -4.08 -10.18
N HIS F 74 16.89 -4.31 -11.48
CA HIS F 74 15.94 -3.52 -12.22
C HIS F 74 14.51 -3.85 -11.84
N GLN F 75 14.25 -5.14 -11.65
CA GLN F 75 12.89 -5.57 -11.43
C GLN F 75 12.41 -5.26 -10.04
N ILE F 76 13.26 -5.50 -9.04
CA ILE F 76 12.94 -5.11 -7.68
C ILE F 76 12.80 -3.61 -7.59
N GLY F 77 13.44 -2.89 -8.49
CA GLY F 77 13.40 -1.44 -8.42
C GLY F 77 12.09 -0.93 -8.94
N ASN F 78 11.54 -1.63 -9.92
CA ASN F 78 10.26 -1.29 -10.45
C ASN F 78 9.14 -1.61 -9.47
N VAL F 79 9.28 -2.69 -8.70
CA VAL F 79 8.28 -3.06 -7.69
C VAL F 79 8.25 -2.01 -6.60
N ILE F 80 9.43 -1.49 -6.26
CA ILE F 80 9.52 -0.55 -5.14
C ILE F 80 9.01 0.83 -5.57
N ASN F 81 9.25 1.22 -6.81
CA ASN F 81 8.75 2.47 -7.34
C ASN F 81 7.22 2.44 -7.38
N TRP F 82 6.66 1.29 -7.72
CA TRP F 82 5.22 1.16 -7.89
C TRP F 82 4.48 1.21 -6.57
N THR F 83 5.08 0.63 -5.56
CA THR F 83 4.48 0.54 -4.25
C THR F 83 4.45 1.92 -3.63
N LYS F 84 5.61 2.56 -3.55
CA LYS F 84 5.71 3.87 -2.95
C LYS F 84 4.80 4.82 -3.70
N ASP F 85 4.78 4.73 -5.02
CA ASP F 85 3.94 5.61 -5.79
C ASP F 85 2.48 5.40 -5.41
N SER F 86 2.09 4.13 -5.21
CA SER F 86 0.69 3.83 -4.85
C SER F 86 0.38 4.25 -3.43
N ILE F 87 1.34 4.08 -2.54
CA ILE F 87 1.23 4.54 -1.16
C ILE F 87 1.18 6.06 -1.12
N THR F 88 1.69 6.74 -2.13
CA THR F 88 1.65 8.18 -2.05
C THR F 88 0.33 8.68 -2.64
N ASP F 89 -0.14 8.01 -3.67
CA ASP F 89 -1.41 8.37 -4.26
C ASP F 89 -2.50 8.28 -3.18
N ILE F 90 -2.36 7.29 -2.30
CA ILE F 90 -3.25 7.11 -1.18
C ILE F 90 -3.12 8.24 -0.15
N TRP F 91 -1.93 8.46 0.39
CA TRP F 91 -1.76 9.48 1.43
C TRP F 91 -2.13 10.88 0.93
N THR F 92 -1.91 11.13 -0.37
CA THR F 92 -2.32 12.38 -1.00
C THR F 92 -3.85 12.48 -1.05
N TYR F 93 -4.51 11.36 -1.37
CA TYR F 93 -5.97 11.32 -1.38
C TYR F 93 -6.51 11.46 0.04
N GLN F 94 -5.92 10.73 0.96
CA GLN F 94 -6.35 10.77 2.33
C GLN F 94 -6.21 12.16 2.92
N ALA F 95 -5.29 12.96 2.42
CA ALA F 95 -4.96 14.21 3.07
C ALA F 95 -5.74 15.37 2.46
N GLU F 96 -6.14 15.23 1.20
CA GLU F 96 -7.01 16.21 0.57
C GLU F 96 -8.45 15.97 1.00
N LEU F 97 -8.74 14.75 1.44
CA LEU F 97 -10.05 14.44 1.98
C LEU F 97 -10.16 14.96 3.40
N LEU F 98 -9.10 14.74 4.18
CA LEU F 98 -9.07 15.15 5.59
C LEU F 98 -9.34 16.63 5.78
N VAL F 99 -8.53 17.49 5.20
CA VAL F 99 -8.76 18.91 5.41
C VAL F 99 -10.08 19.36 4.74
N ALA F 100 -10.47 18.77 3.62
CA ALA F 100 -11.73 19.14 3.00
C ALA F 100 -12.90 18.91 3.97
N MET F 101 -13.12 17.67 4.41
CA MET F 101 -14.25 17.42 5.27
C MET F 101 -14.03 18.01 6.65
N GLU F 102 -12.80 18.40 6.95
CA GLU F 102 -12.57 19.04 8.22
C GLU F 102 -12.99 20.47 8.11
N ASN F 103 -12.71 21.10 6.97
CA ASN F 103 -13.02 22.50 6.81
C ASN F 103 -14.51 22.67 6.68
N GLN F 104 -15.18 21.65 6.17
CA GLN F 104 -16.62 21.71 6.04
C GLN F 104 -17.27 21.69 7.39
N HIS F 105 -16.76 20.82 8.25
CA HIS F 105 -17.29 20.71 9.58
C HIS F 105 -16.97 21.95 10.39
N THR F 106 -15.71 22.38 10.38
CA THR F 106 -15.28 23.56 11.12
C THR F 106 -16.18 24.75 10.84
N ILE F 107 -16.30 25.10 9.56
CA ILE F 107 -17.17 26.18 9.08
C ILE F 107 -18.62 26.03 9.57
N ASP F 108 -19.24 24.89 9.27
CA ASP F 108 -20.62 24.61 9.61
C ASP F 108 -20.85 24.52 11.12
N MET F 109 -19.79 24.33 11.87
CA MET F 109 -19.89 24.25 13.31
C MET F 109 -19.88 25.65 13.94
N ALA F 110 -18.99 26.52 13.48
CA ALA F 110 -18.99 27.91 13.94
C ALA F 110 -20.35 28.51 13.71
N ASP F 111 -20.93 28.12 12.58
CA ASP F 111 -22.29 28.47 12.22
C ASP F 111 -23.24 28.08 13.34
N SER F 112 -23.15 26.82 13.68
CA SER F 112 -23.95 26.19 14.70
C SER F 112 -23.87 26.94 16.01
N GLU F 113 -22.67 27.33 16.41
CA GLU F 113 -22.55 27.96 17.71
C GLU F 113 -23.16 29.35 17.69
N MET F 114 -23.19 29.97 16.51
CA MET F 114 -23.80 31.29 16.41
C MET F 114 -25.31 31.16 16.55
N LEU F 115 -25.90 30.18 15.87
CA LEU F 115 -27.33 29.97 15.98
C LEU F 115 -27.77 29.62 17.41
N ASN F 116 -26.92 28.92 18.14
CA ASN F 116 -27.28 28.52 19.51
C ASN F 116 -27.32 29.68 20.46
N LEU F 117 -26.52 30.70 20.19
CA LEU F 117 -26.53 31.93 20.99
C LEU F 117 -27.81 32.64 20.68
N TYR F 118 -28.06 32.81 19.39
CA TYR F 118 -29.30 33.39 18.91
C TYR F 118 -30.54 32.73 19.51
N GLU F 119 -30.66 31.41 19.43
CA GLU F 119 -31.85 30.76 19.96
C GLU F 119 -31.92 30.91 21.49
N ARG F 120 -30.79 30.86 22.17
CA ARG F 120 -30.76 30.98 23.62
C ARG F 120 -31.40 32.29 24.07
N VAL F 121 -31.00 33.38 23.42
CA VAL F 121 -31.55 34.69 23.72
C VAL F 121 -33.02 34.80 23.28
N ARG F 122 -33.37 34.26 22.13
CA ARG F 122 -34.73 34.30 21.61
C ARG F 122 -35.73 33.72 22.60
N LYS F 123 -35.35 32.59 23.19
CA LYS F 123 -36.18 31.86 24.14
C LYS F 123 -36.26 32.60 25.47
N GLN F 124 -35.29 33.47 25.70
CA GLN F 124 -35.20 34.19 26.96
C GLN F 124 -35.98 35.51 27.01
N LEU F 125 -36.01 36.24 25.89
CA LEU F 125 -36.78 37.45 25.78
C LEU F 125 -38.22 37.06 25.71
N ARG F 126 -38.45 35.89 25.15
CA ARG F 126 -39.77 35.26 25.14
C ARG F 126 -40.80 36.12 24.41
N GLN F 127 -41.74 36.71 25.14
CA GLN F 127 -42.84 37.42 24.49
C GLN F 127 -42.57 38.90 24.47
N ASN F 128 -41.58 39.32 25.24
CA ASN F 128 -41.19 40.72 25.38
C ASN F 128 -40.53 41.34 24.16
N ALA F 129 -40.24 40.53 23.14
CA ALA F 129 -39.49 40.97 21.98
C ALA F 129 -39.87 40.24 20.71
N GLU F 130 -39.50 40.77 19.55
CA GLU F 130 -39.66 40.04 18.29
C GLU F 130 -38.41 40.15 17.43
N GLU F 131 -38.26 39.24 16.48
CA GLU F 131 -37.08 39.17 15.61
C GLU F 131 -37.19 40.08 14.40
N ASP F 132 -36.12 40.81 14.09
CA ASP F 132 -36.13 41.63 12.89
C ASP F 132 -35.62 40.84 11.69
N GLY F 133 -35.07 39.66 11.97
CA GLY F 133 -34.66 38.76 10.91
C GLY F 133 -33.26 39.02 10.40
N LYS F 134 -32.57 39.97 11.03
CA LYS F 134 -31.21 40.32 10.63
C LYS F 134 -30.25 40.02 11.79
N GLY F 135 -30.78 39.32 12.80
CA GLY F 135 -30.01 38.97 13.98
C GLY F 135 -30.46 39.71 15.23
N CYS F 136 -31.31 40.72 15.04
CA CYS F 136 -31.69 41.61 16.14
C CYS F 136 -33.04 41.28 16.74
N PHE F 137 -33.20 41.62 18.01
CA PHE F 137 -34.50 41.58 18.65
C PHE F 137 -34.93 42.99 18.99
N GLU F 138 -36.08 43.41 18.48
CA GLU F 138 -36.65 44.69 18.90
C GLU F 138 -37.37 44.43 20.21
N ILE F 139 -36.86 44.99 21.30
CA ILE F 139 -37.42 44.77 22.63
C ILE F 139 -38.52 45.77 22.94
N TYR F 140 -39.78 45.33 22.90
CA TYR F 140 -40.90 46.26 23.10
C TYR F 140 -41.04 46.81 24.51
N HIS F 141 -39.94 47.23 25.11
CA HIS F 141 -39.98 48.00 26.34
C HIS F 141 -38.64 48.66 26.57
N ALA F 142 -38.50 49.37 27.68
CA ALA F 142 -37.29 50.11 27.99
C ALA F 142 -36.23 49.24 28.65
N CYS F 143 -35.03 49.25 28.08
CA CYS F 143 -33.93 48.41 28.54
C CYS F 143 -32.64 49.18 28.74
N ASP F 144 -32.41 49.66 29.96
CA ASP F 144 -31.19 50.43 30.20
C ASP F 144 -29.95 49.55 30.12
N ASP F 145 -28.80 50.13 30.36
CA ASP F 145 -27.57 49.39 30.21
C ASP F 145 -27.52 48.19 31.18
N SER F 146 -28.06 48.32 32.40
CA SER F 146 -28.15 47.18 33.32
C SER F 146 -29.01 46.06 32.75
N CYS F 147 -30.12 46.44 32.11
CA CYS F 147 -31.05 45.46 31.58
C CYS F 147 -30.40 44.72 30.42
N MET F 148 -29.61 45.42 29.62
CA MET F 148 -28.98 44.80 28.47
C MET F 148 -27.79 43.96 28.93
N GLU F 149 -27.20 44.33 30.04
CA GLU F 149 -26.20 43.50 30.66
C GLU F 149 -26.86 42.15 30.94
N SER F 150 -27.96 42.18 31.70
CA SER F 150 -28.70 40.98 32.08
C SER F 150 -29.11 40.11 30.89
N ILE F 151 -29.22 40.70 29.71
CA ILE F 151 -29.62 39.92 28.56
C ILE F 151 -28.45 39.08 28.12
N ARG F 152 -27.27 39.66 28.24
CA ARG F 152 -26.02 39.01 27.86
C ARG F 152 -25.54 38.08 28.98
N ASN F 153 -26.28 38.07 30.07
CA ASN F 153 -25.92 37.47 31.34
C ASN F 153 -26.63 36.13 31.54
N ASN F 154 -27.67 35.94 30.73
CA ASN F 154 -28.62 34.84 30.87
C ASN F 154 -29.36 34.92 32.20
N THR F 155 -29.59 36.14 32.70
CA THR F 155 -30.31 36.34 33.95
C THR F 155 -31.51 37.29 33.79
N TYR F 156 -31.84 37.60 32.54
CA TYR F 156 -32.97 38.44 32.20
C TYR F 156 -34.26 37.76 32.58
N ASP F 157 -35.11 38.44 33.33
CA ASP F 157 -36.37 37.87 33.79
C ASP F 157 -37.48 38.45 32.92
N HIS F 158 -38.06 37.63 32.07
CA HIS F 158 -39.03 38.13 31.10
C HIS F 158 -40.33 38.53 31.78
N SER F 159 -40.59 37.98 32.96
CA SER F 159 -41.85 38.17 33.68
C SER F 159 -42.00 39.58 34.21
N GLN F 160 -40.85 40.18 34.52
CA GLN F 160 -40.71 41.57 34.95
C GLN F 160 -41.46 42.54 34.03
N TYR F 161 -41.28 42.35 32.73
CA TYR F 161 -41.77 43.28 31.73
C TYR F 161 -42.91 42.76 30.85
N ARG F 162 -43.27 41.50 31.01
CA ARG F 162 -44.19 40.86 30.07
C ARG F 162 -45.44 41.68 29.82
N GLU F 163 -46.21 42.05 30.86
CA GLU F 163 -47.49 42.71 30.60
C GLU F 163 -47.30 44.08 29.97
N GLU F 164 -46.29 44.84 30.41
CA GLU F 164 -46.03 46.14 29.78
C GLU F 164 -45.60 45.97 28.36
N ALA F 165 -44.77 44.95 28.12
CA ALA F 165 -44.25 44.64 26.80
C ALA F 165 -45.34 44.12 25.88
N LEU F 166 -46.18 43.24 26.39
CA LEU F 166 -47.25 42.68 25.57
C LEU F 166 -48.20 43.73 24.97
N LEU F 167 -48.74 44.64 25.77
CA LEU F 167 -49.71 45.57 25.20
C LEU F 167 -49.02 46.59 24.31
N ASN F 168 -47.71 46.67 24.45
CA ASN F 168 -46.87 47.48 23.59
C ASN F 168 -46.73 46.90 22.19
N ARG F 169 -46.68 45.57 22.11
CA ARG F 169 -46.65 44.84 20.86
C ARG F 169 -47.98 44.89 20.14
N LEU F 170 -49.04 45.13 20.90
CA LEU F 170 -50.41 45.16 20.38
C LEU F 170 -50.94 46.57 20.06
N ASN F 171 -50.09 47.60 20.19
CA ASN F 171 -50.48 48.99 19.95
C ASN F 171 -49.38 49.86 19.33
C1 NAG G . 10.26 -35.32 -26.59
C2 NAG G . 10.23 -34.31 -27.72
C3 NAG G . 9.44 -34.86 -28.90
C4 NAG G . 9.94 -36.26 -29.28
C5 NAG G . 10.15 -37.16 -28.06
C6 NAG G . 10.83 -38.41 -28.51
C7 NAG G . 10.36 -31.97 -27.67
C8 NAG G . 9.85 -30.73 -27.05
N2 NAG G . 9.71 -33.05 -27.35
O3 NAG G . 9.53 -34.00 -29.99
O4 NAG G . 8.96 -36.86 -30.11
O5 NAG G . 10.89 -36.49 -27.03
O6 NAG G . 12.12 -38.02 -28.97
O7 NAG G . 11.30 -31.93 -28.41
C1 NAG G . 8.71 -36.94 -31.51
C2 NAG G . 7.64 -37.90 -32.00
C3 NAG G . 8.07 -38.55 -33.30
C4 NAG G . 8.40 -37.47 -34.33
C5 NAG G . 9.39 -36.45 -33.76
C6 NAG G . 9.60 -35.17 -34.54
C7 NAG G . 6.32 -39.23 -30.57
C8 NAG G . 6.19 -40.65 -30.17
N2 NAG G . 7.50 -38.89 -30.98
O3 NAG G . 7.10 -39.44 -33.87
O4 NAG G . 8.96 -38.13 -35.46
O5 NAG G . 8.92 -35.93 -32.50
O6 NAG G . 8.41 -34.41 -34.48
O7 NAG G . 5.42 -38.41 -30.52
C1 NAG H . 57.74 -8.69 -12.19
C2 NAG H . 56.88 -8.18 -11.03
C3 NAG H . 55.63 -7.43 -11.49
C4 NAG H . 55.97 -6.40 -12.56
C5 NAG H . 56.80 -7.04 -13.67
C6 NAG H . 57.27 -5.96 -14.62
C7 NAG H . 55.31 -9.85 -10.01
C8 NAG H . 55.19 -11.34 -10.07
N2 NAG H . 56.54 -9.33 -10.19
O1 NAG H . 58.99 -9.10 -11.65
O3 NAG H . 55.00 -6.79 -10.39
O4 NAG H . 54.80 -5.87 -13.15
O5 NAG H . 57.94 -7.69 -13.16
O6 NAG H . 57.93 -4.94 -13.86
O7 NAG H . 54.33 -9.13 -9.83
C1 GAL H . 54.00 -4.85 -12.54
C2 GAL H . 53.28 -4.07 -13.63
C3 GAL H . 52.46 -2.92 -13.03
C4 GAL H . 51.55 -3.46 -11.93
C5 GAL H . 52.32 -4.35 -10.97
C6 GAL H . 51.38 -5.02 -9.98
O2 GAL H . 54.21 -3.56 -14.57
O3 GAL H . 51.68 -2.31 -14.04
O4 GAL H . 50.48 -4.18 -12.51
O5 GAL H . 53.03 -5.36 -11.67
O6 GAL H . 52.18 -5.50 -8.93
C1 SIA H . 50.70 -5.04 -7.28
C2 SIA H . 51.75 -6.00 -7.76
C3 SIA H . 52.90 -6.27 -6.81
C4 SIA H . 52.52 -7.18 -5.67
C5 SIA H . 51.84 -8.44 -6.19
C6 SIA H . 50.69 -8.08 -7.13
C7 SIA H . 49.91 -9.23 -7.75
C8 SIA H . 49.01 -8.73 -8.89
C9 SIA H . 48.21 -9.76 -9.65
C10 SIA H . 50.98 -10.44 -5.20
C11 SIA H . 50.41 -11.09 -3.99
N5 SIA H . 51.23 -9.16 -5.11
O1A SIA H . 49.56 -5.23 -7.68
O1B SIA H . 50.98 -4.11 -6.55
O4 SIA H . 53.63 -7.48 -4.87
O6 SIA H . 51.10 -7.21 -8.18
O7 SIA H . 50.82 -10.20 -8.25
O8 SIA H . 48.12 -7.73 -8.43
O9 SIA H . 47.79 -9.01 -10.78
O10 SIA H . 51.19 -11.05 -6.20
C1 NAG I . 33.28 -27.33 15.60
C2 NAG I . 32.74 -28.73 15.38
C3 NAG I . 33.04 -29.61 16.59
C4 NAG I . 34.53 -29.53 16.97
C5 NAG I . 35.04 -28.09 16.98
C6 NAG I . 36.57 -28.13 17.05
C7 NAG I . 30.69 -29.24 14.20
C8 NAG I . 29.28 -28.81 13.98
N2 NAG I . 31.31 -28.65 15.21
O3 NAG I . 32.73 -30.97 16.31
O4 NAG I . 34.67 -30.05 18.29
O5 NAG I . 34.67 -27.39 15.78
O6 NAG I . 37.09 -29.16 16.21
O7 NAG I . 31.24 -30.07 13.49
C1 NAG I . 35.25 -31.32 18.25
C2 NAG I . 35.54 -31.39 19.73
C3 NAG I . 36.62 -32.43 20.00
C4 NAG I . 36.20 -33.78 19.42
C5 NAG I . 35.80 -33.64 17.95
C6 NAG I . 35.19 -34.89 17.38
C7 NAG I . 35.18 -29.40 21.13
C8 NAG I . 35.73 -28.08 21.57
N2 NAG I . 35.93 -30.09 20.26
O3 NAG I . 36.83 -32.51 21.41
O4 NAG I . 37.27 -34.72 19.52
O5 NAG I . 34.81 -32.60 17.79
O6 NAG I . 33.77 -34.85 17.43
O7 NAG I . 34.10 -29.83 21.52
C1 BMA I . 37.79 -35.79 20.38
C2 BMA I . 38.60 -36.92 19.74
C3 BMA I . 38.64 -38.13 20.69
C4 BMA I . 39.14 -37.78 22.09
C5 BMA I . 38.34 -36.60 22.68
C6 BMA I . 38.91 -36.10 24.01
O2 BMA I . 39.95 -36.47 19.47
O3 BMA I . 39.51 -39.15 20.09
O4 BMA I . 38.95 -38.92 22.92
O5 BMA I . 38.36 -35.48 21.71
O6 BMA I . 38.07 -35.00 24.51
C1 MAN I . 38.54 -34.42 25.77
C2 MAN I . 37.56 -33.31 26.19
C3 MAN I . 37.75 -32.02 25.37
C4 MAN I . 39.22 -31.57 25.35
C5 MAN I . 40.06 -32.71 24.75
C6 MAN I . 41.56 -32.46 24.56
O2 MAN I . 37.78 -33.04 27.58
O3 MAN I . 36.89 -30.96 25.92
O4 MAN I . 39.35 -30.41 24.52
O5 MAN I . 39.92 -33.87 25.65
O6 MAN I . 42.11 -31.87 25.78
C1 NAG J . 39.60 1.55 -22.95
C2 NAG J . 40.37 1.92 -21.70
C3 NAG J . 41.14 3.21 -21.93
C4 NAG J . 41.96 3.15 -23.23
C5 NAG J . 41.15 2.57 -24.39
C6 NAG J . 42.05 2.28 -25.58
C7 NAG J . 39.65 1.66 -19.42
C8 NAG J . 38.74 2.20 -18.35
N2 NAG J . 39.41 2.09 -20.64
O3 NAG J . 42.00 3.54 -20.84
O4 NAG J . 42.33 4.48 -23.57
O5 NAG J . 40.47 1.37 -24.02
O6 NAG J . 42.97 1.25 -25.21
O7 NAG J . 40.53 0.87 -19.18
C1 SIA K . 26.30 -44.12 5.87
C2 SIA K . 27.53 -44.83 5.38
C3 SIA K . 27.25 -46.27 4.97
C4 SIA K . 26.50 -46.37 3.66
C5 SIA K . 27.19 -45.55 2.58
C6 SIA K . 27.43 -44.13 3.06
C7 SIA K . 28.16 -43.21 2.08
C8 SIA K . 28.58 -41.91 2.76
C9 SIA K . 29.20 -40.92 1.79
C10 SIA K . 26.87 -45.17 0.24
C11 SIA K . 25.87 -44.94 -0.86
N5 SIA K . 26.37 -45.53 1.41
O1A SIA K . 26.04 -42.99 5.42
O1B SIA K . 25.59 -44.68 6.73
O2 SIA K . 28.47 -44.77 6.32
O4 SIA K . 26.42 -47.73 3.23
O6 SIA K . 28.13 -44.08 4.31
O7 SIA K . 29.32 -43.84 1.55
O8 SIA K . 27.44 -41.29 3.39
O9 SIA K . 30.26 -40.20 2.42
O10 SIA K . 28.06 -45.03 0.08
C1 NAG L . -25.69 -0.86 24.07
C2 NAG L . -27.02 -1.40 24.56
C3 NAG L . -26.81 -2.77 25.20
C4 NAG L . -26.01 -3.70 24.30
C5 NAG L . -24.79 -3.00 23.68
C6 NAG L . -24.62 -3.85 22.44
C7 NAG L . -28.26 -0.19 26.22
C8 NAG L . -29.53 -0.87 25.81
N2 NAG L . -27.13 -0.71 25.79
O3 NAG L . -28.00 -3.37 25.65
O4 NAG L . -25.53 -4.84 24.97
O5 NAG L . -25.15 -1.73 23.12
O6 NAG L . -25.67 -3.51 21.52
O7 NAG L . -28.25 0.80 26.90
C1 NAG M . 11.53 -7.58 9.12
C2 NAG M . 12.93 -7.99 9.52
C3 NAG M . 12.86 -9.05 10.62
C4 NAG M . 11.94 -8.61 11.75
C5 NAG M . 10.62 -8.02 11.25
C6 NAG M . 10.00 -7.30 12.40
C7 NAG M . 14.54 -8.02 7.60
C8 NAG M . 14.85 -8.73 6.31
N2 NAG M . 13.51 -8.51 8.29
O3 NAG M . 14.15 -9.16 11.18
O4 NAG M . 11.78 -9.47 12.89
O5 NAG M . 10.86 -7.05 10.22
O6 NAG M . 10.04 -5.95 11.97
O7 NAG M . 15.22 -7.09 7.94
#